data_1DG6
# 
_entry.id   1DG6 
# 
_audit_conform.dict_name       mmcif_pdbx.dic 
_audit_conform.dict_version    5.375 
_audit_conform.dict_location   http://mmcif.pdb.org/dictionaries/ascii/mmcif_pdbx.dic 
# 
loop_
_database_2.database_id 
_database_2.database_code 
_database_2.pdbx_database_accession 
_database_2.pdbx_DOI 
PDB   1DG6         pdb_00001dg6 10.2210/pdb1dg6/pdb 
RCSB  RCSB010058   ?            ?                   
WWPDB D_1000010058 ?            ?                   
# 
_pdbx_database_status.status_code                     REL 
_pdbx_database_status.entry_id                        1DG6 
_pdbx_database_status.recvd_initial_deposition_date   1999-11-23 
_pdbx_database_status.deposit_site                    RCSB 
_pdbx_database_status.process_site                    RCSB 
_pdbx_database_status.status_code_sf                  REL 
_pdbx_database_status.SG_entry                        . 
_pdbx_database_status.pdb_format_compatible           Y 
_pdbx_database_status.status_code_mr                  ? 
_pdbx_database_status.status_code_cs                  ? 
_pdbx_database_status.methods_development_category    ? 
_pdbx_database_status.status_code_nmr_data            ? 
# 
loop_
_audit_author.name 
_audit_author.pdbx_ordinal 
'Hymowitz, S.G.'  1 
;O'ConnelL, M.P.
;
2 
'Ultsch, M.H.'    3 
'de Vos, A.M.'    4 
'Kelley, R.F.'    5 
# 
_citation.id                        primary 
_citation.title                     
'A unique zinc-binding site revealed by a high-resolution X-ray structure of homotrimeric Apo2L/TRAIL.' 
_citation.journal_abbrev            Biochemistry 
_citation.journal_volume            39 
_citation.page_first                633 
_citation.page_last                 650 
_citation.year                      2000 
_citation.journal_id_ASTM           BICHAW 
_citation.country                   US 
_citation.journal_id_ISSN           0006-2960 
_citation.journal_id_CSD            0033 
_citation.book_publisher            ? 
_citation.pdbx_database_id_PubMed   10651627 
_citation.pdbx_database_id_DOI      10.1021/bi992242l 
# 
loop_
_citation_author.citation_id 
_citation_author.name 
_citation_author.ordinal 
_citation_author.identifier_ORCID 
primary 'Hymowitz, S.G.'  1 ? 
primary 
;O'Connell, M.P.
;
2 ? 
primary 'Ultsch, M.H.'    3 ? 
primary 'Hurst, A.'       4 ? 
primary 'Totpal, K.'      5 ? 
primary 'Ashkenazi, A.'   6 ? 
primary 'de Vos, A.M.'    7 ? 
primary 'Kelley, R.F.'    8 ? 
# 
_cell.entry_id           1DG6 
_cell.length_a           66.435 
_cell.length_b           66.435 
_cell.length_c           197.727 
_cell.angle_alpha        90.00 
_cell.angle_beta         90.00 
_cell.angle_gamma        120.00 
_cell.Z_PDB              18 
_cell.pdbx_unique_axis   ? 
# 
_symmetry.entry_id                         1DG6 
_symmetry.space_group_name_H-M             'H 3 2' 
_symmetry.pdbx_full_space_group_name_H-M   ? 
_symmetry.cell_setting                     ? 
_symmetry.Int_Tables_number                155 
# 
loop_
_entity.id 
_entity.type 
_entity.src_method 
_entity.pdbx_description 
_entity.formula_weight 
_entity.pdbx_number_of_molecules 
_entity.pdbx_ec 
_entity.pdbx_mutation 
_entity.pdbx_fragment 
_entity.details 
1 polymer     man 'APO2L/TNF-RELATED APOPOTIS INDUCING LIGAND (TRAIL)' 22106.832 1   ? D218A 'TRIMERIC JELLY-ROLL DOMAIN OF APO2L' 
? 
2 non-polymer syn 'ZINC ION'                                           65.409    1   ? ?     ?                                     
? 
3 non-polymer syn 'CHLORIDE ION'                                       35.453    1   ? ?     ?                                     
? 
4 water       nat water                                                18.015    226 ? ?     ?                                     
? 
# 
_entity_poly.entity_id                      1 
_entity_poly.type                           'polypeptide(L)' 
_entity_poly.nstd_linkage                   no 
_entity_poly.nstd_monomer                   no 
_entity_poly.pdbx_seq_one_letter_code       
;MILRTSEETISTVQEKQQNISPLVRERGPQRVAAHITGTRGRSNTLSSPNSKNEKALGRKINSWESSRSGHSFLSNLHLR
NGELVIHEKGFYYIYSQTYFRFQEEIKENTKNDKQMVQYIYKYTSYPAPILLMKSARNSCWSKDAEYGLYSIYQGGIFEL
KENDRIFVSVTNEHLIDMDHEASFFGAFLVG
;
_entity_poly.pdbx_seq_one_letter_code_can   
;MILRTSEETISTVQEKQQNISPLVRERGPQRVAAHITGTRGRSNTLSSPNSKNEKALGRKINSWESSRSGHSFLSNLHLR
NGELVIHEKGFYYIYSQTYFRFQEEIKENTKNDKQMVQYIYKYTSYPAPILLMKSARNSCWSKDAEYGLYSIYQGGIFEL
KENDRIFVSVTNEHLIDMDHEASFFGAFLVG
;
_entity_poly.pdbx_strand_id                 A 
_entity_poly.pdbx_target_identifier         ? 
# 
loop_
_entity_poly_seq.entity_id 
_entity_poly_seq.num 
_entity_poly_seq.mon_id 
_entity_poly_seq.hetero 
1 1   MET n 
1 2   ILE n 
1 3   LEU n 
1 4   ARG n 
1 5   THR n 
1 6   SER n 
1 7   GLU n 
1 8   GLU n 
1 9   THR n 
1 10  ILE n 
1 11  SER n 
1 12  THR n 
1 13  VAL n 
1 14  GLN n 
1 15  GLU n 
1 16  LYS n 
1 17  GLN n 
1 18  GLN n 
1 19  ASN n 
1 20  ILE n 
1 21  SER n 
1 22  PRO n 
1 23  LEU n 
1 24  VAL n 
1 25  ARG n 
1 26  GLU n 
1 27  ARG n 
1 28  GLY n 
1 29  PRO n 
1 30  GLN n 
1 31  ARG n 
1 32  VAL n 
1 33  ALA n 
1 34  ALA n 
1 35  HIS n 
1 36  ILE n 
1 37  THR n 
1 38  GLY n 
1 39  THR n 
1 40  ARG n 
1 41  GLY n 
1 42  ARG n 
1 43  SER n 
1 44  ASN n 
1 45  THR n 
1 46  LEU n 
1 47  SER n 
1 48  SER n 
1 49  PRO n 
1 50  ASN n 
1 51  SER n 
1 52  LYS n 
1 53  ASN n 
1 54  GLU n 
1 55  LYS n 
1 56  ALA n 
1 57  LEU n 
1 58  GLY n 
1 59  ARG n 
1 60  LYS n 
1 61  ILE n 
1 62  ASN n 
1 63  SER n 
1 64  TRP n 
1 65  GLU n 
1 66  SER n 
1 67  SER n 
1 68  ARG n 
1 69  SER n 
1 70  GLY n 
1 71  HIS n 
1 72  SER n 
1 73  PHE n 
1 74  LEU n 
1 75  SER n 
1 76  ASN n 
1 77  LEU n 
1 78  HIS n 
1 79  LEU n 
1 80  ARG n 
1 81  ASN n 
1 82  GLY n 
1 83  GLU n 
1 84  LEU n 
1 85  VAL n 
1 86  ILE n 
1 87  HIS n 
1 88  GLU n 
1 89  LYS n 
1 90  GLY n 
1 91  PHE n 
1 92  TYR n 
1 93  TYR n 
1 94  ILE n 
1 95  TYR n 
1 96  SER n 
1 97  GLN n 
1 98  THR n 
1 99  TYR n 
1 100 PHE n 
1 101 ARG n 
1 102 PHE n 
1 103 GLN n 
1 104 GLU n 
1 105 GLU n 
1 106 ILE n 
1 107 LYS n 
1 108 GLU n 
1 109 ASN n 
1 110 THR n 
1 111 LYS n 
1 112 ASN n 
1 113 ASP n 
1 114 LYS n 
1 115 GLN n 
1 116 MET n 
1 117 VAL n 
1 118 GLN n 
1 119 TYR n 
1 120 ILE n 
1 121 TYR n 
1 122 LYS n 
1 123 TYR n 
1 124 THR n 
1 125 SER n 
1 126 TYR n 
1 127 PRO n 
1 128 ALA n 
1 129 PRO n 
1 130 ILE n 
1 131 LEU n 
1 132 LEU n 
1 133 MET n 
1 134 LYS n 
1 135 SER n 
1 136 ALA n 
1 137 ARG n 
1 138 ASN n 
1 139 SER n 
1 140 CYS n 
1 141 TRP n 
1 142 SER n 
1 143 LYS n 
1 144 ASP n 
1 145 ALA n 
1 146 GLU n 
1 147 TYR n 
1 148 GLY n 
1 149 LEU n 
1 150 TYR n 
1 151 SER n 
1 152 ILE n 
1 153 TYR n 
1 154 GLN n 
1 155 GLY n 
1 156 GLY n 
1 157 ILE n 
1 158 PHE n 
1 159 GLU n 
1 160 LEU n 
1 161 LYS n 
1 162 GLU n 
1 163 ASN n 
1 164 ASP n 
1 165 ARG n 
1 166 ILE n 
1 167 PHE n 
1 168 VAL n 
1 169 SER n 
1 170 VAL n 
1 171 THR n 
1 172 ASN n 
1 173 GLU n 
1 174 HIS n 
1 175 LEU n 
1 176 ILE n 
1 177 ASP n 
1 178 MET n 
1 179 ASP n 
1 180 HIS n 
1 181 GLU n 
1 182 ALA n 
1 183 SER n 
1 184 PHE n 
1 185 PHE n 
1 186 GLY n 
1 187 ALA n 
1 188 PHE n 
1 189 LEU n 
1 190 VAL n 
1 191 GLY n 
# 
_entity_src_gen.entity_id                          1 
_entity_src_gen.pdbx_src_id                        1 
_entity_src_gen.pdbx_alt_source_flag               sample 
_entity_src_gen.pdbx_seq_type                      ? 
_entity_src_gen.pdbx_beg_seq_num                   ? 
_entity_src_gen.pdbx_end_seq_num                   ? 
_entity_src_gen.gene_src_common_name               human 
_entity_src_gen.gene_src_genus                     Homo 
_entity_src_gen.pdbx_gene_src_gene                 ? 
_entity_src_gen.gene_src_species                   ? 
_entity_src_gen.gene_src_strain                    ? 
_entity_src_gen.gene_src_tissue                    'HUMAN PLACENTA' 
_entity_src_gen.gene_src_tissue_fraction           ? 
_entity_src_gen.gene_src_details                   ? 
_entity_src_gen.pdbx_gene_src_fragment             ? 
_entity_src_gen.pdbx_gene_src_scientific_name      'Homo sapiens' 
_entity_src_gen.pdbx_gene_src_ncbi_taxonomy_id     9606 
_entity_src_gen.pdbx_gene_src_variant              ? 
_entity_src_gen.pdbx_gene_src_cell_line            ? 
_entity_src_gen.pdbx_gene_src_atcc                 ? 
_entity_src_gen.pdbx_gene_src_organ                ? 
_entity_src_gen.pdbx_gene_src_organelle            ? 
_entity_src_gen.pdbx_gene_src_cell                 ? 
_entity_src_gen.pdbx_gene_src_cellular_location    ? 
_entity_src_gen.host_org_common_name               ? 
_entity_src_gen.pdbx_host_org_scientific_name      'Escherichia coli' 
_entity_src_gen.pdbx_host_org_ncbi_taxonomy_id     562 
_entity_src_gen.host_org_genus                     Escherichia 
_entity_src_gen.pdbx_host_org_gene                 ? 
_entity_src_gen.pdbx_host_org_organ                ? 
_entity_src_gen.host_org_species                   ? 
_entity_src_gen.pdbx_host_org_tissue               ? 
_entity_src_gen.pdbx_host_org_tissue_fraction      ? 
_entity_src_gen.pdbx_host_org_strain               ? 
_entity_src_gen.pdbx_host_org_variant              ? 
_entity_src_gen.pdbx_host_org_cell_line            ? 
_entity_src_gen.pdbx_host_org_atcc                 ? 
_entity_src_gen.pdbx_host_org_culture_collection   ? 
_entity_src_gen.pdbx_host_org_cell                 ? 
_entity_src_gen.pdbx_host_org_organelle            ? 
_entity_src_gen.pdbx_host_org_cellular_location    ? 
_entity_src_gen.pdbx_host_org_vector_type          ? 
_entity_src_gen.pdbx_host_org_vector               'TRP PROMOTER' 
_entity_src_gen.host_org_details                   ? 
_entity_src_gen.expression_system_id               ? 
_entity_src_gen.plasmid_name                       ? 
_entity_src_gen.plasmid_details                    ? 
_entity_src_gen.pdbx_description                   'HUMAN PLACENTA' 
# 
_struct_ref.id                         1 
_struct_ref.db_name                    UNP 
_struct_ref.db_code                    TNF10_HUMAN 
_struct_ref.entity_id                  1 
_struct_ref.pdbx_db_accession          P50591 
_struct_ref.pdbx_align_begin           ? 
_struct_ref.pdbx_seq_one_letter_code   ? 
_struct_ref.pdbx_db_isoform            ? 
# 
_struct_ref_seq.align_id                      1 
_struct_ref_seq.ref_id                        1 
_struct_ref_seq.pdbx_PDB_id_code              1DG6 
_struct_ref_seq.pdbx_strand_id                A 
_struct_ref_seq.seq_align_beg                 1 
_struct_ref_seq.pdbx_seq_align_beg_ins_code   ? 
_struct_ref_seq.seq_align_end                 191 
_struct_ref_seq.pdbx_seq_align_end_ins_code   ? 
_struct_ref_seq.pdbx_db_accession             P50591 
_struct_ref_seq.db_align_beg                  91 
_struct_ref_seq.pdbx_db_align_beg_ins_code    ? 
_struct_ref_seq.db_align_end                  281 
_struct_ref_seq.pdbx_db_align_end_ins_code    ? 
_struct_ref_seq.pdbx_auth_seq_align_beg       91 
_struct_ref_seq.pdbx_auth_seq_align_end       281 
# 
_struct_ref_seq_dif.align_id                     1 
_struct_ref_seq_dif.pdbx_pdb_id_code             1DG6 
_struct_ref_seq_dif.mon_id                       ALA 
_struct_ref_seq_dif.pdbx_pdb_strand_id           A 
_struct_ref_seq_dif.seq_num                      128 
_struct_ref_seq_dif.pdbx_pdb_ins_code            ? 
_struct_ref_seq_dif.pdbx_seq_db_name             UNP 
_struct_ref_seq_dif.pdbx_seq_db_accession_code   P50591 
_struct_ref_seq_dif.db_mon_id                    ASP 
_struct_ref_seq_dif.pdbx_seq_db_seq_num          218 
_struct_ref_seq_dif.details                      'engineered mutation' 
_struct_ref_seq_dif.pdbx_auth_seq_num            218 
_struct_ref_seq_dif.pdbx_ordinal                 1 
# 
loop_
_chem_comp.id 
_chem_comp.type 
_chem_comp.mon_nstd_flag 
_chem_comp.name 
_chem_comp.pdbx_synonyms 
_chem_comp.formula 
_chem_comp.formula_weight 
ALA 'L-peptide linking' y ALANINE         ? 'C3 H7 N O2'     89.093  
ARG 'L-peptide linking' y ARGININE        ? 'C6 H15 N4 O2 1' 175.209 
ASN 'L-peptide linking' y ASPARAGINE      ? 'C4 H8 N2 O3'    132.118 
ASP 'L-peptide linking' y 'ASPARTIC ACID' ? 'C4 H7 N O4'     133.103 
CL  non-polymer         . 'CHLORIDE ION'  ? 'Cl -1'          35.453  
CYS 'L-peptide linking' y CYSTEINE        ? 'C3 H7 N O2 S'   121.158 
GLN 'L-peptide linking' y GLUTAMINE       ? 'C5 H10 N2 O3'   146.144 
GLU 'L-peptide linking' y 'GLUTAMIC ACID' ? 'C5 H9 N O4'     147.129 
GLY 'peptide linking'   y GLYCINE         ? 'C2 H5 N O2'     75.067  
HIS 'L-peptide linking' y HISTIDINE       ? 'C6 H10 N3 O2 1' 156.162 
HOH non-polymer         . WATER           ? 'H2 O'           18.015  
ILE 'L-peptide linking' y ISOLEUCINE      ? 'C6 H13 N O2'    131.173 
LEU 'L-peptide linking' y LEUCINE         ? 'C6 H13 N O2'    131.173 
LYS 'L-peptide linking' y LYSINE          ? 'C6 H15 N2 O2 1' 147.195 
MET 'L-peptide linking' y METHIONINE      ? 'C5 H11 N O2 S'  149.211 
PHE 'L-peptide linking' y PHENYLALANINE   ? 'C9 H11 N O2'    165.189 
PRO 'L-peptide linking' y PROLINE         ? 'C5 H9 N O2'     115.130 
SER 'L-peptide linking' y SERINE          ? 'C3 H7 N O3'     105.093 
THR 'L-peptide linking' y THREONINE       ? 'C4 H9 N O3'     119.119 
TRP 'L-peptide linking' y TRYPTOPHAN      ? 'C11 H12 N2 O2'  204.225 
TYR 'L-peptide linking' y TYROSINE        ? 'C9 H11 N O3'    181.189 
VAL 'L-peptide linking' y VALINE          ? 'C5 H11 N O2'    117.146 
ZN  non-polymer         . 'ZINC ION'      ? 'Zn 2'           65.409  
# 
_exptl.entry_id          1DG6 
_exptl.method            'X-RAY DIFFRACTION' 
_exptl.crystals_number   1 
# 
_exptl_crystal.id                    1 
_exptl_crystal.density_meas          ? 
_exptl_crystal.density_Matthews      1.9 
_exptl_crystal.density_percent_sol   32.0 
_exptl_crystal.description           ? 
# 
_exptl_crystal_grow.crystal_id      1 
_exptl_crystal_grow.method          'VAPOR DIFFUSION, SITTING DROP' 
_exptl_crystal_grow.temp            277 
_exptl_crystal_grow.temp_details    ? 
_exptl_crystal_grow.pH              7.5 
_exptl_crystal_grow.pdbx_details    
'WELL SOLUTION 32% MPD; DROP 1.2MG/ML APO2L, 20MM TRIS HCL PH 7.5, 1% MPD, VAPOR DIFFUSION, SITTING DROP, temperature 277K' 
_exptl_crystal_grow.pdbx_pH_range   . 
# 
_diffrn.id                     1 
_diffrn.ambient_temp           93 
_diffrn.ambient_temp_details   ? 
_diffrn.crystal_id             1 
# 
_diffrn_detector.diffrn_id              1 
_diffrn_detector.detector               CCD 
_diffrn_detector.type                   CUSTOM-MADE 
_diffrn_detector.pdbx_collection_date   1999-04-23 
_diffrn_detector.details                ? 
# 
_diffrn_radiation.diffrn_id                        1 
_diffrn_radiation.wavelength_id                    1 
_diffrn_radiation.pdbx_monochromatic_or_laue_m_l   M 
_diffrn_radiation.monochromator                    ? 
_diffrn_radiation.pdbx_diffrn_protocol             'SINGLE WAVELENGTH' 
_diffrn_radiation.pdbx_scattering_type             x-ray 
# 
_diffrn_radiation_wavelength.id           1 
_diffrn_radiation_wavelength.wavelength   1.03321 
_diffrn_radiation_wavelength.wt           1.0 
# 
_diffrn_source.diffrn_id                   1 
_diffrn_source.source                      SYNCHROTRON 
_diffrn_source.type                        'APS BEAMLINE 19-ID' 
_diffrn_source.pdbx_synchrotron_site       APS 
_diffrn_source.pdbx_synchrotron_beamline   19-ID 
_diffrn_source.pdbx_wavelength             1.03321 
_diffrn_source.pdbx_wavelength_list        ? 
# 
_reflns.entry_id                     1DG6 
_reflns.observed_criterion_sigma_I   -3.0 
_reflns.observed_criterion_sigma_F   0 
_reflns.d_resolution_low             20.0 
_reflns.d_resolution_high            1.3 
_reflns.number_obs                   41840 
_reflns.number_all                   41901 
_reflns.percent_possible_obs         100 
_reflns.pdbx_Rmerge_I_obs            ? 
_reflns.pdbx_Rsym_value              6.4000000 
_reflns.pdbx_netI_over_sigmaI        12.4 
_reflns.B_iso_Wilson_estimate        12.5 
_reflns.pdbx_redundancy              12.1 
_reflns.R_free_details               ? 
_reflns.limit_h_max                  ? 
_reflns.limit_h_min                  ? 
_reflns.limit_k_max                  ? 
_reflns.limit_k_min                  ? 
_reflns.limit_l_max                  ? 
_reflns.limit_l_min                  ? 
_reflns.observed_criterion_F_max     ? 
_reflns.observed_criterion_F_min     ? 
_reflns.pdbx_ordinal                 1 
_reflns.pdbx_diffrn_id               1 
# 
_reflns_shell.d_res_high             1.30 
_reflns_shell.d_res_low              1.35 
_reflns_shell.percent_possible_all   100 
_reflns_shell.Rmerge_I_obs           ? 
_reflns_shell.pdbx_Rsym_value        34.0000000 
_reflns_shell.meanI_over_sigI_obs    ? 
_reflns_shell.pdbx_redundancy        4.5 
_reflns_shell.percent_possible_obs   ? 
_reflns_shell.number_unique_all      ? 
_reflns_shell.pdbx_ordinal           1 
_reflns_shell.pdbx_diffrn_id         1 
# 
_refine.entry_id                                 1DG6 
_refine.ls_number_reflns_obs                     40934 
_refine.ls_number_reflns_all                     41840 
_refine.pdbx_ls_sigma_I                          ? 
_refine.pdbx_ls_sigma_F                          0.0 
_refine.pdbx_data_cutoff_high_absF               ? 
_refine.pdbx_data_cutoff_low_absF                ? 
_refine.pdbx_data_cutoff_high_rms_absF           ? 
_refine.ls_d_res_low                             20.0 
_refine.ls_d_res_high                            1.30 
_refine.ls_percent_reflns_obs                    100 
_refine.ls_R_factor_obs                          0.1410000 
_refine.ls_R_factor_all                          ? 
_refine.ls_R_factor_R_work                       0.1410000 
_refine.ls_R_factor_R_free                       0.1970000 
_refine.ls_R_factor_R_free_error                 ? 
_refine.ls_R_factor_R_free_error_details         ? 
_refine.ls_percent_reflns_R_free                 ? 
_refine.ls_number_reflns_R_free                  3346 
_refine.ls_number_parameters                     13240 
_refine.ls_number_restraints                     16022 
_refine.occupancy_min                            ? 
_refine.occupancy_max                            ? 
_refine.B_iso_mean                               ? 
_refine.aniso_B[1][1]                            ? 
_refine.aniso_B[2][2]                            ? 
_refine.aniso_B[3][3]                            ? 
_refine.aniso_B[1][2]                            ? 
_refine.aniso_B[1][3]                            ? 
_refine.aniso_B[2][3]                            ? 
_refine.solvent_model_details                    'Moews & Krestsinger, J.MOL.BIOL.91(1973)201-228' 
_refine.solvent_model_param_ksol                 ? 
_refine.solvent_model_param_bsol                 ? 
_refine.pdbx_ls_cross_valid_method               THROUGHOUT 
_refine.details                                  'USED CONJUGANT GRADIENT LEAST SQUARES AND ANISOTROPIC B-FACTOR REFINEMENT' 
_refine.pdbx_starting_model                      'truncated model of tnfa pdb code 1tnf' 
_refine.pdbx_method_to_determine_struct          'MOLECULAR REPLACEMENT' 
_refine.pdbx_isotropic_thermal_model             ? 
_refine.pdbx_stereochemistry_target_values       'ENGH & HUBER' 
_refine.pdbx_stereochem_target_val_spec_case     ? 
_refine.pdbx_R_Free_selection_details            RANDOM 
_refine.pdbx_overall_ESU_R                       ? 
_refine.pdbx_overall_ESU_R_Free                  ? 
_refine.overall_SU_ML                            ? 
_refine.overall_SU_B                             ? 
_refine.ls_redundancy_reflns_obs                 ? 
_refine.B_iso_min                                ? 
_refine.B_iso_max                                ? 
_refine.pdbx_refine_id                           'X-RAY DIFFRACTION' 
_refine.pdbx_diffrn_id                           1 
_refine.pdbx_TLS_residual_ADP_flag               ? 
_refine.correlation_coeff_Fo_to_Fc               ? 
_refine.correlation_coeff_Fo_to_Fc_free          ? 
_refine.pdbx_solvent_vdw_probe_radii             ? 
_refine.pdbx_solvent_ion_probe_radii             ? 
_refine.pdbx_solvent_shrinkage_radii             ? 
_refine.pdbx_overall_phase_error                 ? 
_refine.overall_SU_R_Cruickshank_DPI             ? 
_refine.pdbx_overall_SU_R_free_Cruickshank_DPI   ? 
_refine.pdbx_overall_SU_R_Blow_DPI               ? 
_refine.pdbx_overall_SU_R_free_Blow_DPI          ? 
# 
_refine_analyze.entry_id                        1DG6 
_refine_analyze.Luzzati_coordinate_error_obs    ? 
_refine_analyze.Luzzati_sigma_a_obs             ? 
_refine_analyze.Luzzati_d_res_low_obs           ? 
_refine_analyze.Luzzati_coordinate_error_free   ? 
_refine_analyze.Luzzati_sigma_a_free            ? 
_refine_analyze.Luzzati_d_res_low_free          ? 
_refine_analyze.number_disordered_residues      5 
_refine_analyze.occupancy_sum_hydrogen          0.0 
_refine_analyze.occupancy_sum_non_hydrogen      1452.0 
_refine_analyze.pdbx_Luzzati_d_res_high_obs     ? 
_refine_analyze.pdbx_refine_id                  'X-RAY DIFFRACTION' 
# 
_refine_hist.pdbx_refine_id                   'X-RAY DIFFRACTION' 
_refine_hist.cycle_id                         LAST 
_refine_hist.pdbx_number_atoms_protein        1232 
_refine_hist.pdbx_number_atoms_nucleic_acid   0 
_refine_hist.pdbx_number_atoms_ligand         2 
_refine_hist.number_atoms_solvent             226 
_refine_hist.number_atoms_total               1460 
_refine_hist.d_res_high                       1.30 
_refine_hist.d_res_low                        20.0 
# 
loop_
_refine_ls_restr.type 
_refine_ls_restr.dev_ideal 
_refine_ls_restr.dev_ideal_target 
_refine_ls_restr.weight 
_refine_ls_restr.number 
_refine_ls_restr.pdbx_refine_id 
_refine_ls_restr.pdbx_restraint_function 
s_bond_d               0.014 ? ? ? 'X-RAY DIFFRACTION' ? 
s_angle_d              2.53  ? ? ? 'X-RAY DIFFRACTION' ? 
s_similar_dist         ?     ? ? ? 'X-RAY DIFFRACTION' ? 
s_from_restr_planes    ?     ? ? ? 'X-RAY DIFFRACTION' ? 
s_zero_chiral_vol      ?     ? ? ? 'X-RAY DIFFRACTION' ? 
s_non_zero_chiral_vol  ?     ? ? ? 'X-RAY DIFFRACTION' ? 
s_anti_bump_dis_restr  ?     ? ? ? 'X-RAY DIFFRACTION' ? 
s_rigid_bond_adp_cmpnt ?     ? ? ? 'X-RAY DIFFRACTION' ? 
s_similar_adp_cmpnt    ?     ? ? ? 'X-RAY DIFFRACTION' ? 
s_approx_iso_adps      ?     ? ? ? 'X-RAY DIFFRACTION' ? 
# 
_pdbx_refine.entry_id                                    1DG6 
_pdbx_refine.R_factor_all_no_cutoff                      ? 
_pdbx_refine.R_factor_obs_no_cutoff                      ? 
_pdbx_refine.free_R_factor_no_cutoff                     ? 
_pdbx_refine.free_R_val_test_set_size_perc_no_cutoff     10.0 
_pdbx_refine.free_R_val_test_set_ct_no_cutoff            ? 
_pdbx_refine.R_factor_all_4sig_cutoff                    ? 
_pdbx_refine.R_factor_obs_4sig_cutoff                    0.1320000 
_pdbx_refine.free_R_factor_4sig_cutoff                   0.1880000 
_pdbx_refine.free_R_val_test_set_size_perc_4sig_cutoff   10.0 
_pdbx_refine.free_R_val_test_set_ct_4sig_cutoff          ? 
_pdbx_refine.number_reflns_obs_4sig_cutoff               29975 
_pdbx_refine.number_reflns_obs_no_cutoff                 ? 
_pdbx_refine.pdbx_refine_id                              'X-RAY DIFFRACTION' 
_pdbx_refine.free_R_error_no_cutoff                      ? 
# 
_struct.entry_id                  1DG6 
_struct.title                     'CRYSTAL STRUCTURE OF APO2L/TRAIL' 
_struct.pdbx_model_details        ? 
_struct.pdbx_CASP_flag            ? 
_struct.pdbx_model_type_details   ? 
# 
_struct_keywords.entry_id        1DG6 
_struct_keywords.pdbx_keywords   APOPTOSIS 
_struct_keywords.text            'CYTOKINE, TNF, TRIMER, ZINC-BINDING SITE, APOPTOSIS' 
# 
loop_
_struct_asym.id 
_struct_asym.pdbx_blank_PDB_chainid_flag 
_struct_asym.pdbx_modified 
_struct_asym.entity_id 
_struct_asym.details 
A N N 1 ? 
B N N 2 ? 
C N N 3 ? 
D N N 4 ? 
# 
_struct_biol.id   1 
# 
_struct_conf.conf_type_id            HELX_P 
_struct_conf.id                      HELX_P1 
_struct_conf.pdbx_PDB_helix_id       1 
_struct_conf.beg_label_comp_id       ASN 
_struct_conf.beg_label_asym_id       A 
_struct_conf.beg_label_seq_id        172 
_struct_conf.pdbx_beg_PDB_ins_code   ? 
_struct_conf.end_label_comp_id       HIS 
_struct_conf.end_label_asym_id       A 
_struct_conf.end_label_seq_id        174 
_struct_conf.pdbx_end_PDB_ins_code   ? 
_struct_conf.beg_auth_comp_id        ASN 
_struct_conf.beg_auth_asym_id        A 
_struct_conf.beg_auth_seq_id         262 
_struct_conf.end_auth_comp_id        HIS 
_struct_conf.end_auth_asym_id        A 
_struct_conf.end_auth_seq_id         264 
_struct_conf.pdbx_PDB_helix_class    5 
_struct_conf.details                 ? 
_struct_conf.pdbx_PDB_helix_length   3 
# 
_struct_conf_type.id          HELX_P 
_struct_conf_type.criteria    ? 
_struct_conf_type.reference   ? 
# 
loop_
_struct_conn.id 
_struct_conn.conn_type_id 
_struct_conn.pdbx_leaving_atom_flag 
_struct_conn.pdbx_PDB_id 
_struct_conn.ptnr1_label_asym_id 
_struct_conn.ptnr1_label_comp_id 
_struct_conn.ptnr1_label_seq_id 
_struct_conn.ptnr1_label_atom_id 
_struct_conn.pdbx_ptnr1_label_alt_id 
_struct_conn.pdbx_ptnr1_PDB_ins_code 
_struct_conn.pdbx_ptnr1_standard_comp_id 
_struct_conn.ptnr1_symmetry 
_struct_conn.ptnr2_label_asym_id 
_struct_conn.ptnr2_label_comp_id 
_struct_conn.ptnr2_label_seq_id 
_struct_conn.ptnr2_label_atom_id 
_struct_conn.pdbx_ptnr2_label_alt_id 
_struct_conn.pdbx_ptnr2_PDB_ins_code 
_struct_conn.ptnr1_auth_asym_id 
_struct_conn.ptnr1_auth_comp_id 
_struct_conn.ptnr1_auth_seq_id 
_struct_conn.ptnr2_auth_asym_id 
_struct_conn.ptnr2_auth_comp_id 
_struct_conn.ptnr2_auth_seq_id 
_struct_conn.ptnr2_symmetry 
_struct_conn.pdbx_ptnr3_label_atom_id 
_struct_conn.pdbx_ptnr3_label_seq_id 
_struct_conn.pdbx_ptnr3_label_comp_id 
_struct_conn.pdbx_ptnr3_label_asym_id 
_struct_conn.pdbx_ptnr3_label_alt_id 
_struct_conn.pdbx_ptnr3_PDB_ins_code 
_struct_conn.details 
_struct_conn.pdbx_dist_value 
_struct_conn.pdbx_value_order 
_struct_conn.pdbx_role 
metalc1 metalc ? ? A CYS 140 SG ? ? ? 1_555 B ZN . ZN ? ? A CYS 230 A ZN 300 1_555 ? ? ? ? ? ? ? 2.340 ? ? 
metalc2 metalc ? ? A CYS 140 SG ? ? ? 3_555 B ZN . ZN ? ? A CYS 230 A ZN 300 1_555 ? ? ? ? ? ? ? 2.340 ? ? 
metalc3 metalc ? ? A CYS 140 SG ? ? ? 2_555 B ZN . ZN ? ? A CYS 230 A ZN 300 1_555 ? ? ? ? ? ? ? 2.340 ? ? 
metalc4 metalc ? ? B ZN  .   ZN ? ? ? 1_555 C CL . CL ? ? A ZN  300 A CL 406 1_555 ? ? ? ? ? ? ? 2.340 ? ? 
metalc5 metalc ? ? B ZN  .   ZN ? ? ? 1_555 C CL . CL ? ? A ZN  300 A CL 406 2_555 ? ? ? ? ? ? ? 2.340 ? ? 
metalc6 metalc ? ? B ZN  .   ZN ? ? ? 1_555 C CL . CL ? ? A ZN  300 A CL 406 3_555 ? ? ? ? ? ? ? 2.340 ? ? 
# 
_struct_conn_type.id          metalc 
_struct_conn_type.criteria    ? 
_struct_conn_type.reference   ? 
# 
loop_
_struct_sheet.id 
_struct_sheet.type 
_struct_sheet.number_strands 
_struct_sheet.details 
A  ? 3 ? 
A1 ? 5 ? 
B  ? 4 ? 
B1 ? 5 ? 
# 
loop_
_struct_sheet_order.sheet_id 
_struct_sheet_order.range_id_1 
_struct_sheet_order.range_id_2 
_struct_sheet_order.offset 
_struct_sheet_order.sense 
A  1 2 ? anti-parallel 
A  2 3 ? anti-parallel 
A1 1 2 ? anti-parallel 
A1 2 3 ? anti-parallel 
A1 3 4 ? anti-parallel 
A1 4 5 ? anti-parallel 
B  1 2 ? anti-parallel 
B  2 3 ? anti-parallel 
B  3 4 ? anti-parallel 
B1 1 2 ? anti-parallel 
B1 2 3 ? anti-parallel 
B1 3 4 ? anti-parallel 
B1 4 5 ? anti-parallel 
# 
loop_
_struct_sheet_range.sheet_id 
_struct_sheet_range.id 
_struct_sheet_range.beg_label_comp_id 
_struct_sheet_range.beg_label_asym_id 
_struct_sheet_range.beg_label_seq_id 
_struct_sheet_range.pdbx_beg_PDB_ins_code 
_struct_sheet_range.end_label_comp_id 
_struct_sheet_range.end_label_asym_id 
_struct_sheet_range.end_label_seq_id 
_struct_sheet_range.pdbx_end_PDB_ins_code 
_struct_sheet_range.beg_auth_comp_id 
_struct_sheet_range.beg_auth_asym_id 
_struct_sheet_range.beg_auth_seq_id 
_struct_sheet_range.end_auth_comp_id 
_struct_sheet_range.end_auth_asym_id 
_struct_sheet_range.end_auth_seq_id 
A  1 TYR A 147 ? LEU A 160 ? TYR A 237 LEU A 250 
A  2 GLY A 90  ? GLN A 103 ? GLY A 180 GLN A 193 
A  3 ILE A 176 ? ASP A 177 ? ILE A 266 ASP A 267 
A1 1 TYR A 147 ? LEU A 160 ? TYR A 237 LEU A 250 
A1 2 GLY A 90  ? GLN A 103 ? GLY A 180 GLN A 193 
A1 3 PHE A 184 ? LEU A 189 ? PHE A 274 LEU A 279 
A1 4 ALA A 33  ? THR A 37  ? ALA A 123 THR A 127 
A1 5 PHE A 73  ? SER A 75  ? PHE A 163 SER A 165 
B  1 ILE A 130 ? ASN A 138 ? ILE A 220 ASN A 228 
B  2 GLN A 115 ? TYR A 123 ? GLN A 205 TYR A 213 
B  3 ARG A 165 ? VAL A 170 ? ARG A 255 VAL A 260 
B  4 ARG A 59  ? LYS A 60  ? ARG A 149 LYS A 150 
B1 1 ILE A 130 ? ASN A 138 ? ILE A 220 ASN A 228 
B1 2 GLN A 115 ? TYR A 123 ? GLN A 205 TYR A 213 
B1 3 ARG A 165 ? VAL A 170 ? ARG A 255 VAL A 260 
B1 4 GLU A 83  ? ILE A 86  ? GLU A 173 ILE A 176 
B1 5 LEU A 77  ? ARG A 80  ? LEU A 167 ARG A 170 
# 
loop_
_pdbx_struct_sheet_hbond.sheet_id 
_pdbx_struct_sheet_hbond.range_id_1 
_pdbx_struct_sheet_hbond.range_id_2 
_pdbx_struct_sheet_hbond.range_1_label_atom_id 
_pdbx_struct_sheet_hbond.range_1_label_comp_id 
_pdbx_struct_sheet_hbond.range_1_label_asym_id 
_pdbx_struct_sheet_hbond.range_1_label_seq_id 
_pdbx_struct_sheet_hbond.range_1_PDB_ins_code 
_pdbx_struct_sheet_hbond.range_1_auth_atom_id 
_pdbx_struct_sheet_hbond.range_1_auth_comp_id 
_pdbx_struct_sheet_hbond.range_1_auth_asym_id 
_pdbx_struct_sheet_hbond.range_1_auth_seq_id 
_pdbx_struct_sheet_hbond.range_2_label_atom_id 
_pdbx_struct_sheet_hbond.range_2_label_comp_id 
_pdbx_struct_sheet_hbond.range_2_label_asym_id 
_pdbx_struct_sheet_hbond.range_2_label_seq_id 
_pdbx_struct_sheet_hbond.range_2_PDB_ins_code 
_pdbx_struct_sheet_hbond.range_2_auth_atom_id 
_pdbx_struct_sheet_hbond.range_2_auth_comp_id 
_pdbx_struct_sheet_hbond.range_2_auth_asym_id 
_pdbx_struct_sheet_hbond.range_2_auth_seq_id 
A  1 2 N LEU A 160 ? N LEU A 250 O GLY A 90  ? O GLY A 180 
A  2 3 O TYR A 99  ? O TYR A 189 N ASP A 177 ? N ASP A 267 
A1 1 2 N LEU A 160 ? N LEU A 250 O GLY A 90  ? O GLY A 180 
A1 2 3 O GLN A 97  ? O GLN A 187 N PHE A 184 ? N PHE A 274 
A1 3 4 O ALA A 187 ? O ALA A 277 N ALA A 34  ? N ALA A 124 
A1 4 5 N HIS A 35  ? N HIS A 125 O PHE A 73  ? O PHE A 163 
B  1 2 O ARG A 137 ? O ARG A 227 N MET A 116 ? N MET A 206 
B  2 3 N TYR A 123 ? N TYR A 213 O ARG A 165 ? O ARG A 255 
B  3 4 O VAL A 170 ? O VAL A 260 N ARG A 59  ? N ARG A 149 
B1 1 2 O ARG A 137 ? O ARG A 227 N MET A 116 ? N MET A 206 
B1 2 3 N TYR A 123 ? N TYR A 213 O ARG A 165 ? O ARG A 255 
B1 3 4 N ILE A 166 ? N ILE A 256 O LEU A 84  ? O LEU A 174 
B1 4 5 N VAL A 85  ? N VAL A 175 O HIS A 78  ? O HIS A 168 
# 
loop_
_struct_site.id 
_struct_site.pdbx_evidence_code 
_struct_site.pdbx_auth_asym_id 
_struct_site.pdbx_auth_comp_id 
_struct_site.pdbx_auth_seq_id 
_struct_site.pdbx_auth_ins_code 
_struct_site.pdbx_num_residues 
_struct_site.details 
AC1 Software A ZN 300 ? 6 'BINDING SITE FOR RESIDUE ZN A 300' 
AC2 Software A CL 406 ? 6 'BINDING SITE FOR RESIDUE CL A 406' 
# 
loop_
_struct_site_gen.id 
_struct_site_gen.site_id 
_struct_site_gen.pdbx_num_res 
_struct_site_gen.label_comp_id 
_struct_site_gen.label_asym_id 
_struct_site_gen.label_seq_id 
_struct_site_gen.pdbx_auth_ins_code 
_struct_site_gen.auth_comp_id 
_struct_site_gen.auth_asym_id 
_struct_site_gen.auth_seq_id 
_struct_site_gen.label_atom_id 
_struct_site_gen.label_alt_id 
_struct_site_gen.symmetry 
_struct_site_gen.details 
1  AC1 6 CYS A 140 ? CYS A 230 . ? 2_555 ? 
2  AC1 6 CYS A 140 ? CYS A 230 . ? 3_555 ? 
3  AC1 6 CYS A 140 ? CYS A 230 . ? 1_555 ? 
4  AC1 6 CL  C .   ? CL  A 406 . ? 2_555 ? 
5  AC1 6 CL  C .   ? CL  A 406 . ? 3_555 ? 
6  AC1 6 CL  C .   ? CL  A 406 . ? 1_555 ? 
7  AC2 6 CYS A 140 ? CYS A 230 . ? 2_555 ? 
8  AC2 6 CYS A 140 ? CYS A 230 . ? 3_555 ? 
9  AC2 6 CYS A 140 ? CYS A 230 . ? 1_555 ? 
10 AC2 6 ZN  B .   ? ZN  A 300 . ? 2_555 ? 
11 AC2 6 ZN  B .   ? ZN  A 300 . ? 3_555 ? 
12 AC2 6 ZN  B .   ? ZN  A 300 . ? 1_555 ? 
# 
_atom_sites.entry_id                    1DG6 
_atom_sites.fract_transf_matrix[1][1]   0.00447354 
_atom_sites.fract_transf_matrix[1][2]   0.01671431 
_atom_sites.fract_transf_matrix[1][3]   -0.00164257 
_atom_sites.fract_transf_matrix[2][1]   0.00646237 
_atom_sites.fract_transf_matrix[2][2]   0.00582841 
_atom_sites.fract_transf_matrix[2][3]   -0.01504548 
_atom_sites.fract_transf_matrix[3][1]   -0.00467587 
_atom_sites.fract_transf_matrix[3][2]   0.00109583 
_atom_sites.fract_transf_matrix[3][3]   -0.00158388 
_atom_sites.fract_transf_vector[1]      0.167499 
_atom_sites.fract_transf_vector[2]      0.209267 
_atom_sites.fract_transf_vector[3]      0.246742 
# 
loop_
_atom_type.symbol 
C  
CL 
N  
O  
S  
ZN 
# 
loop_
_atom_site.group_PDB 
_atom_site.id 
_atom_site.type_symbol 
_atom_site.label_atom_id 
_atom_site.label_alt_id 
_atom_site.label_comp_id 
_atom_site.label_asym_id 
_atom_site.label_entity_id 
_atom_site.label_seq_id 
_atom_site.pdbx_PDB_ins_code 
_atom_site.Cartn_x 
_atom_site.Cartn_y 
_atom_site.Cartn_z 
_atom_site.occupancy 
_atom_site.B_iso_or_equiv 
_atom_site.pdbx_formal_charge 
_atom_site.auth_seq_id 
_atom_site.auth_comp_id 
_atom_site.auth_asym_id 
_atom_site.auth_atom_id 
_atom_site.pdbx_PDB_model_num 
ATOM   1    N  N   . GLN A 1 30  ? 20.308  -7.018  11.867  1.00 56.42  ? 120 GLN A N   1 
ATOM   2    C  CA  . GLN A 1 30  ? 19.875  -6.460  13.151  1.00 51.23  ? 120 GLN A CA  1 
ATOM   3    C  C   . GLN A 1 30  ? 19.105  -5.164  12.979  1.00 45.82  ? 120 GLN A C   1 
ATOM   4    O  O   . GLN A 1 30  ? 19.579  -4.182  12.419  1.00 41.03  ? 120 GLN A O   1 
ATOM   5    C  CB  . GLN A 1 30  ? 21.117  -6.247  14.028  1.00 58.31  ? 120 GLN A CB  1 
ATOM   6    C  CG  . GLN A 1 30  ? 22.225  -5.497  13.311  1.00 65.35  ? 120 GLN A CG  1 
ATOM   7    C  CD  . GLN A 1 30  ? 22.484  -4.138  13.943  1.00 67.99  ? 120 GLN A CD  1 
ATOM   8    O  OE1 . GLN A 1 30  ? 23.635  -3.832  14.291  1.00 68.42  ? 120 GLN A OE1 1 
ATOM   9    N  NE2 . GLN A 1 30  ? 21.399  -3.373  14.058  1.00 66.61  ? 120 GLN A NE2 1 
ATOM   10   N  N   . ARG A 1 31  ? 17.869  -5.101  13.454  1.00 37.22  ? 121 ARG A N   1 
ATOM   11   C  CA  . ARG A 1 31  ? 17.006  -3.956  13.261  1.00 30.83  ? 121 ARG A CA  1 
ATOM   12   C  C   . ARG A 1 31  ? 16.938  -3.574  11.772  1.00 21.59  ? 121 ARG A C   1 
ATOM   13   O  O   . ARG A 1 31  ? 17.452  -2.555  11.314  1.00 20.28  ? 121 ARG A O   1 
ATOM   14   C  CB  . ARG A 1 31  ? 17.384  -2.744  14.096  1.00 33.78  ? 121 ARG A CB  1 
ATOM   15   C  CG  . ARG A 1 31  ? 17.800  -3.130  15.506  1.00 37.09  ? 121 ARG A CG  1 
ATOM   16   C  CD  . ARG A 1 31  ? 17.734  -1.943  16.460  1.00 39.52  ? 121 ARG A CD  1 
ATOM   17   N  NE  . ARG A 1 31  ? 16.439  -1.758  17.098  1.00 45.43  ? 121 ARG A NE  1 
ATOM   18   C  CZ  . ARG A 1 31  ? 15.927  -0.580  17.423  1.00 45.92  ? 121 ARG A CZ  1 
ATOM   19   N  NH1 . ARG A 1 31  ? 16.653  0.488   17.136  1.00 43.31  ? 121 ARG A NH1 1 
ATOM   20   N  NH2 . ARG A 1 31  ? 14.739  -0.544  18.010  1.00 43.31  ? 121 ARG A NH2 1 
ATOM   21   N  N   . VAL A 1 32  ? 16.264  -4.444  11.062  1.00 14.74  ? 122 VAL A N   1 
ATOM   22   C  CA  . VAL A 1 32  ? 15.881  -4.203  9.680   1.00 13.57  ? 122 VAL A CA  1 
ATOM   23   C  C   . VAL A 1 32  ? 14.363  -4.115  9.642   1.00 12.35  ? 122 VAL A C   1 
ATOM   24   O  O   . VAL A 1 32  ? 13.683  -5.149  9.737   1.00 13.17  ? 122 VAL A O   1 
ATOM   25   C  CB  . VAL A 1 32  ? 16.449  -5.330  8.792   1.00 14.68  ? 122 VAL A CB  1 
ATOM   26   C  CG1 . VAL A 1 32  ? 16.117  -4.988  7.339   1.00 16.60  ? 122 VAL A CG1 1 
ATOM   27   C  CG2 . VAL A 1 32  ? 17.950  -5.515  8.956   1.00 15.81  ? 122 VAL A CG2 1 
ATOM   28   N  N   . ALA A 1 33  ? 13.839  -2.890  9.580   1.00 11.96  ? 123 ALA A N   1 
ATOM   29   C  CA  . ALA A 1 33  ? 12.393  -2.668  9.666   1.00 11.81  ? 123 ALA A CA  1 
ATOM   30   C  C   . ALA A 1 33  ? 12.039  -1.269  9.192   1.00 11.24  ? 123 ALA A C   1 
ATOM   31   O  O   . ALA A 1 33  ? 12.867  -0.382  9.207   1.00 12.50  ? 123 ALA A O   1 
ATOM   32   C  CB  . ALA A 1 33  ? 11.919  -2.875  11.112  1.00 14.20  ? 123 ALA A CB  1 
ATOM   33   N  N   . ALA A 1 34  ? 10.771  -1.076  8.793   1.00 10.39  ? 124 ALA A N   1 
ATOM   34   C  CA  . ALA A 1 34  ? 10.281  0.211   8.332   1.00 10.56  ? 124 ALA A CA  1 
ATOM   35   C  C   . ALA A 1 34  ? 8.762   0.272   8.605   1.00 9.49   ? 124 ALA A C   1 
ATOM   36   O  O   . ALA A 1 34  ? 8.057   -0.727  8.476   1.00 10.49  ? 124 ALA A O   1 
ATOM   37   C  CB  . ALA A 1 34  ? 10.505  0.427   6.859   1.00 13.71  ? 124 ALA A CB  1 
ATOM   38   N  N   . HIS A 1 35  ? 8.301   1.467   8.947   1.00 10.13  ? 125 HIS A N   1 
ATOM   39   C  CA  . HIS A 1 35  ? 6.863   1.774   8.990   1.00 9.97   ? 125 HIS A CA  1 
ATOM   40   C  C   . HIS A 1 35  ? 6.723   3.193   8.501   1.00 9.43   ? 125 HIS A C   1 
ATOM   41   O  O   . HIS A 1 35  ? 7.285   4.093   9.141   1.00 11.11  ? 125 HIS A O   1 
ATOM   42   C  CB  . HIS A 1 35  ? 6.285   1.601   10.387  1.00 11.04  ? 125 HIS A CB  1 
ATOM   43   C  CG  . HIS A 1 35  ? 4.818   1.895   10.527  1.00 9.77   ? 125 HIS A CG  1 
ATOM   44   N  ND1 . HIS A 1 35  ? 3.825   0.935   10.362  1.00 10.54  ? 125 HIS A ND1 1 
ATOM   45   C  CD2 . HIS A 1 35  ? 4.170   3.040   10.872  1.00 10.55  ? 125 HIS A CD2 1 
ATOM   46   C  CE1 . HIS A 1 35  ? 2.630   1.503   10.603  1.00 10.42  ? 125 HIS A CE1 1 
ATOM   47   N  NE2 . HIS A 1 35  ? 2.820   2.780   10.899  1.00 10.21  ? 125 HIS A NE2 1 
ATOM   48   N  N   . ILE A 1 36  ? 5.999   3.400   7.398   1.00 10.45  ? 126 ILE A N   1 
ATOM   49   C  CA  . ILE A 1 36  ? 5.865   4.755   6.841   1.00 12.06  ? 126 ILE A CA  1 
ATOM   50   C  C   . ILE A 1 36  ? 4.366   5.032   6.677   1.00 11.46  ? 126 ILE A C   1 
ATOM   51   O  O   . ILE A 1 36  ? 3.570   4.114   6.446   1.00 11.82  ? 126 ILE A O   1 
ATOM   52   C  CB  . ILE A 1 36  ? 6.633   4.950   5.544   1.00 14.64  ? 126 ILE A CB  1 
ATOM   53   C  CG1 . ILE A 1 36  ? 6.128   4.105   4.390   1.00 15.01  ? 126 ILE A CG1 1 
ATOM   54   C  CG2 . ILE A 1 36  ? 8.149   4.727   5.783   1.00 17.56  ? 126 ILE A CG2 1 
ATOM   55   C  CD1 . ILE A 1 36  ? 6.983   4.269   3.137   1.00 17.39  ? 126 ILE A CD1 1 
ATOM   56   N  N   . THR A 1 37  ? 3.984   6.294   6.871   1.00 12.34  ? 127 THR A N   1 
ATOM   57   C  CA  . THR A 1 37  ? 2.582   6.586   7.009   1.00 11.69  ? 127 THR A CA  1 
ATOM   58   C  C   . THR A 1 37  ? 2.142   7.682   6.038   1.00 11.97  ? 127 THR A C   1 
ATOM   59   O  O   . THR A 1 37  ? 2.940   8.386   5.433   1.00 13.87  ? 127 THR A O   1 
ATOM   60   C  CB  . THR A 1 37  ? 2.221   7.092   8.416   1.00 13.86  ? 127 THR A CB  1 
ATOM   61   O  OG1 . THR A 1 37  ? 2.802   8.397   8.636   1.00 16.39  ? 127 THR A OG1 1 
ATOM   62   C  CG2 . THR A 1 37  ? 2.844   6.203   9.471   1.00 14.80  ? 127 THR A CG2 1 
ATOM   63   N  N   . GLY A 1 38  ? 0.821   7.834   5.941   1.00 13.04  ? 128 GLY A N   1 
ATOM   64   C  CA  . GLY A 1 38  ? 0.310   9.029   5.274   1.00 14.89  ? 128 GLY A CA  1 
ATOM   65   C  C   . GLY A 1 38  ? 0.758   10.303  5.984   1.00 16.75  ? 128 GLY A C   1 
ATOM   66   O  O   . GLY A 1 38  ? 1.203   10.292  7.148   1.00 15.66  ? 128 GLY A O   1 
ATOM   67   N  N   . THR A 1 39  ? 0.607   11.441  5.283   1.00 17.69  ? 129 THR A N   1 
ATOM   68   C  CA  . THR A 1 39  ? 1.127   12.677  5.872   1.00 22.01  ? 129 THR A CA  1 
ATOM   69   C  C   . THR A 1 39  ? 0.038   13.588  6.475   1.00 25.57  ? 129 THR A C   1 
ATOM   70   O  O   . THR A 1 39  ? 0.398   14.699  6.950   1.00 30.24  ? 129 THR A O   1 
ATOM   71   C  CB  . THR A 1 39  ? 1.886   13.532  4.852   1.00 24.38  ? 129 THR A CB  1 
ATOM   72   O  OG1 . THR A 1 39  ? 0.943   13.948  3.823   1.00 25.59  ? 129 THR A OG1 1 
ATOM   73   C  CG2 . THR A 1 39  ? 3.022   12.743  4.242   1.00 27.84  ? 129 THR A CG2 1 
ATOM   74   N  N   . ARG A 1 40  ? -1.174  13.122  6.395   1.00 30.76  ? 130 ARG A N   1 
ATOM   75   C  CA  . ARG A 1 40  ? -2.446  13.578  6.915   1.00 38.97  ? 130 ARG A CA  1 
ATOM   76   C  C   . ARG A 1 40  ? -3.429  14.112  5.881   1.00 43.10  ? 130 ARG A C   1 
ATOM   77   O  O   . ARG A 1 40  ? -3.173  14.257  4.686   1.00 50.17  ? 130 ARG A O   1 
ATOM   78   C  CB  . ARG A 1 40  ? -2.178  14.585  8.039   1.00 44.53  ? 130 ARG A CB  1 
ATOM   79   C  CG  . ARG A 1 40  ? -3.491  14.998  8.677   1.00 50.75  ? 130 ARG A CG  1 
ATOM   80   C  CD  . ARG A 1 40  ? -3.759  14.269  9.976   1.00 56.29  ? 130 ARG A CD  1 
ATOM   81   N  NE  . ARG A 1 40  ? -2.862  14.656  11.061  1.00 62.60  ? 130 ARG A NE  1 
ATOM   82   C  CZ  . ARG A 1 40  ? -3.222  15.065  12.272  1.00 64.71  ? 130 ARG A CZ  1 
ATOM   83   N  NH1 . ARG A 1 40  ? -4.508  15.158  12.600  1.00 73.00  ? 130 ARG A NH1 1 
ATOM   84   N  NH2 . ARG A 1 40  ? -2.317  15.397  13.192  1.00 74.39  ? 130 ARG A NH2 1 
ATOM   85   N  N   . LYS A 1 52  ? 6.425   -9.479  -19.188 1.00 51.96  ? 142 LYS A N   1 
ATOM   86   C  CA  . LYS A 1 52  ? 7.600   -8.605  -19.037 1.00 45.51  ? 142 LYS A CA  1 
ATOM   87   C  C   . LYS A 1 52  ? 7.199   -7.174  -19.381 1.00 43.01  ? 142 LYS A C   1 
ATOM   88   O  O   . LYS A 1 52  ? 7.838   -6.173  -19.128 1.00 42.23  ? 142 LYS A O   1 
ATOM   89   C  CB  . LYS A 1 52  ? 8.756   -9.125  -19.890 1.00 46.12  ? 142 LYS A CB  1 
ATOM   90   C  CG  . LYS A 1 52  ? 9.160   -10.539 -19.450 1.00 48.02  ? 142 LYS A CG  1 
ATOM   91   C  CD  . LYS A 1 52  ? 9.818   -11.301 -20.567 1.00 48.91  ? 142 LYS A CD  1 
ATOM   92   C  CE  . LYS A 1 52  ? 11.076  -12.051 -20.143 1.00 51.59  ? 142 LYS A CE  1 
ATOM   93   N  NZ  . LYS A 1 52  ? 11.674  -12.783 -21.304 1.00 49.21  ? 142 LYS A NZ  1 
ATOM   94   N  N   . ASN A 1 53  ? 6.033   -7.125  -19.993 1.00 43.29  ? 143 ASN A N   1 
ATOM   95   C  CA  . ASN A 1 53  ? 5.355   -5.991  -20.573 1.00 43.55  ? 143 ASN A CA  1 
ATOM   96   C  C   . ASN A 1 53  ? 4.280   -5.489  -19.617 1.00 43.69  ? 143 ASN A C   1 
ATOM   97   O  O   . ASN A 1 53  ? 3.822   -4.348  -19.651 1.00 44.84  ? 143 ASN A O   1 
ATOM   98   C  CB  . ASN A 1 53  ? 4.780   -6.444  -21.934 1.00 51.29  ? 143 ASN A CB  1 
ATOM   99   C  CG  . ASN A 1 53  ? 5.039   -7.919  -22.221 1.00 52.77  ? 143 ASN A CG  1 
ATOM   100  O  OD1 . ASN A 1 53  ? 4.384   -8.793  -21.617 1.00 63.10  ? 143 ASN A OD1 1 
ATOM   101  N  ND2 . ASN A 1 53  ? 5.979   -8.249  -23.127 1.00 55.74  ? 143 ASN A ND2 1 
ATOM   102  N  N   . GLU A 1 54  ? 3.859   -6.377  -18.710 1.00 38.36  ? 144 GLU A N   1 
ATOM   103  C  CA  . GLU A 1 54  ? 2.678   -6.097  -17.912 1.00 34.75  ? 144 GLU A CA  1 
ATOM   104  C  C   . GLU A 1 54  ? 2.870   -4.895  -17.016 1.00 31.35  ? 144 GLU A C   1 
ATOM   105  O  O   . GLU A 1 54  ? 3.890   -4.599  -16.397 1.00 33.96  ? 144 GLU A O   1 
ATOM   106  C  CB  . GLU A 1 54  ? 2.279   -7.312  -17.062 1.00 37.24  ? 144 GLU A CB  1 
ATOM   107  C  CG  . GLU A 1 54  ? 0.995   -7.097  -16.262 1.00 45.66  ? 144 GLU A CG  1 
ATOM   108  C  CD  . GLU A 1 54  ? 0.858   -8.091  -15.116 1.00 55.05  ? 144 GLU A CD  1 
ATOM   109  O  OE1 . GLU A 1 54  ? 1.812   -8.219  -14.308 1.00 69.09  ? 144 GLU A OE1 1 
ATOM   110  O  OE2 . GLU A 1 54  ? -0.204  -8.750  -15.017 1.00 66.99  ? 144 GLU A OE2 1 
ATOM   111  N  N   . LYS A 1 55  ? 1.799   -4.141  -16.889 1.00 26.43  ? 145 LYS A N   1 
ATOM   112  C  CA  . LYS A 1 55  ? 1.821   -2.941  -16.056 1.00 23.34  ? 145 LYS A CA  1 
ATOM   113  C  C   . LYS A 1 55  ? 1.167   -3.201  -14.712 1.00 19.21  ? 145 LYS A C   1 
ATOM   114  O  O   . LYS A 1 55  ? 0.232   -4.013  -14.633 1.00 21.64  ? 145 LYS A O   1 
ATOM   115  C  CB  . LYS A 1 55  ? 1.056   -1.800  -16.754 1.00 27.57  ? 145 LYS A CB  1 
ATOM   116  C  CG  . LYS A 1 55  ? 1.783   -1.388  -18.064 1.00 34.27  ? 145 LYS A CG  1 
ATOM   117  C  CD  . LYS A 1 55  ? 3.261   -1.670  -17.771 1.00 38.50  ? 145 LYS A CD  1 
ATOM   118  C  CE  . LYS A 1 55  ? 4.071   -0.387  -17.734 1.00 48.78  ? 145 LYS A CE  1 
ATOM   119  N  NZ  . LYS A 1 55  ? 5.115   -0.347  -18.815 1.00 60.28  ? 145 LYS A NZ  1 
ATOM   120  N  N   . ALA A 1 56  ? 1.678   -2.527  -13.683 1.00 17.38  ? 146 ALA A N   1 
ATOM   121  C  CA  . ALA A 1 56  ? 0.978   -2.580  -12.387 1.00 17.68  ? 146 ALA A CA  1 
ATOM   122  C  C   . ALA A 1 56  ? -0.402  -1.977  -12.468 1.00 16.22  ? 146 ALA A C   1 
ATOM   123  O  O   . ALA A 1 56  ? -0.636  -0.953  -13.164 1.00 19.01  ? 146 ALA A O   1 
ATOM   124  C  CB  . ALA A 1 56  ? 1.790   -1.777  -11.367 1.00 15.89  ? 146 ALA A CB  1 
ATOM   125  N  N   . LEU A 1 57  ? -1.328  -2.604  -11.780 1.00 14.18  ? 147 LEU A N   1 
ATOM   126  C  CA  . LEU A 1 57  ? -2.686  -2.158  -11.603 1.00 14.74  ? 147 LEU A CA  1 
ATOM   127  C  C   . LEU A 1 57  ? -2.781  -1.043  -10.570 1.00 15.13  ? 147 LEU A C   1 
ATOM   128  O  O   . LEU A 1 57  ? -1.884  -0.821  -9.745  1.00 16.65  ? 147 LEU A O   1 
ATOM   129  C  CB  . LEU A 1 57  ? -3.547  -3.334  -11.149 1.00 16.47  ? 147 LEU A CB  1 
ATOM   130  C  CG  . LEU A 1 57  ? -3.604  -4.487  -12.158 1.00 18.92  ? 147 LEU A CG  1 
ATOM   131  C  CD1 . LEU A 1 57  ? -4.220  -5.723  -11.531 1.00 24.19  ? 147 LEU A CD1 1 
ATOM   132  C  CD2 . LEU A 1 57  ? -4.419  -4.073  -13.375 1.00 22.41  ? 147 LEU A CD2 1 
ATOM   133  N  N   . GLY A 1 58  ? -3.906  -0.311  -10.625 1.00 16.46  ? 148 GLY A N   1 
ATOM   134  C  CA  . GLY A 1 58  ? -4.157  0.763   -9.690  1.00 17.23  ? 148 GLY A CA  1 
ATOM   135  C  C   . GLY A 1 58  ? -3.253  1.955   -9.933  1.00 17.56  ? 148 GLY A C   1 
ATOM   136  O  O   . GLY A 1 58  ? -2.632  2.122   -11.009 1.00 22.47  ? 148 GLY A O   1 
ATOM   137  N  N   . ARG A 1 59  ? -3.170  2.804   -8.909  1.00 15.03  ? 149 ARG A N   1 
ATOM   138  C  CA  . ARG A 1 59  ? -2.275  3.961   -8.891  1.00 16.27  ? 149 ARG A CA  1 
ATOM   139  C  C   . ARG A 1 59  ? -1.344  3.848   -7.707  1.00 14.37  ? 149 ARG A C   1 
ATOM   140  O  O   . ARG A 1 59  ? -1.767  3.649   -6.586  1.00 14.10  ? 149 ARG A O   1 
ATOM   141  C  CB  . ARG A 1 59  ? -3.069  5.284   -8.823  1.00 19.85  ? 149 ARG A CB  1 
ATOM   142  C  CG  . ARG A 1 59  ? -3.908  5.300   -10.109 1.00 29.78  ? 149 ARG A CG  1 
ATOM   143  C  CD  . ARG A 1 59  ? -4.681  6.572   -10.319 1.00 38.41  ? 149 ARG A CD  1 
ATOM   144  N  NE  . ARG A 1 59  ? -3.936  7.815   -10.082 1.00 45.30  ? 149 ARG A NE  1 
ATOM   145  C  CZ  . ARG A 1 59  ? -4.048  8.793   -10.971 1.00 53.71  ? 149 ARG A CZ  1 
ATOM   146  N  NH1 . ARG A 1 59  ? -4.829  8.530   -12.002 1.00 58.17  ? 149 ARG A NH1 1 
ATOM   147  N  NH2 . ARG A 1 59  ? -3.408  9.943   -10.825 1.00 63.82  ? 149 ARG A NH2 1 
ATOM   148  N  N   . LYS A 1 60  ? -0.065  4.017   -7.976  1.00 15.22  ? 150 LYS A N   1 
ATOM   149  C  CA  . LYS A 1 60  ? 0.926   3.873   -6.932  1.00 14.00  ? 150 LYS A CA  1 
ATOM   150  C  C   . LYS A 1 60  ? 0.792   4.998   -5.934  1.00 14.70  ? 150 LYS A C   1 
ATOM   151  O  O   . LYS A 1 60  ? 0.675   6.173   -6.295  1.00 17.14  ? 150 LYS A O   1 
ATOM   152  C  CB  . LYS A 1 60  ? 2.337   3.895   -7.577  1.00 17.73  ? 150 LYS A CB  1 
ATOM   153  C  CG  . LYS A 1 60  ? 3.488   3.816   -6.558  1.00 19.70  ? 150 LYS A CG  1 
ATOM   154  C  CD  . LYS A 1 60  ? 4.795   3.421   -7.291  1.00 27.97  ? 150 LYS A CD  1 
ATOM   155  C  CE  . LYS A 1 60  ? 5.931   4.324   -7.010  1.00 32.44  ? 150 LYS A CE  1 
ATOM   156  N  NZ  . LYS A 1 60  ? 7.013   3.985   -8.008  1.00 31.80  ? 150 LYS A NZ  1 
ATOM   157  N  N   . ILE A 1 61  ? 0.834   4.631   -4.639  1.00 13.49  ? 151 ILE A N   1 
ATOM   158  C  CA  . ILE A 1 61  ? 0.897   5.677   -3.611  1.00 13.69  ? 151 ILE A CA  1 
ATOM   159  C  C   . ILE A 1 61  ? 2.313   6.178   -3.493  1.00 14.36  ? 151 ILE A C   1 
ATOM   160  O  O   . ILE A 1 61  ? 3.280   5.463   -3.247  1.00 15.94  ? 151 ILE A O   1 
ATOM   161  C  CB  . ILE A 1 61  ? 0.364   5.140   -2.261  1.00 12.47  ? 151 ILE A CB  1 
ATOM   162  C  CG1 . ILE A 1 61  ? -1.095  4.669   -2.388  1.00 13.22  ? 151 ILE A CG1 1 
ATOM   163  C  CG2 . ILE A 1 61  ? 0.559   6.172   -1.157  1.00 12.21  ? 151 ILE A CG2 1 
ATOM   164  C  CD1 . ILE A 1 61  ? -1.633  3.962   -1.144  1.00 14.37  ? 151 ILE A CD1 1 
ATOM   165  N  N   . ASN A 1 62  ? 2.496   7.516   -3.712  1.00 16.68  ? 152 ASN A N   1 
ATOM   166  C  CA  . ASN A 1 62  ? 3.878   7.991   -3.534  1.00 19.40  ? 152 ASN A CA  1 
ATOM   167  C  C   . ASN A 1 62  ? 3.940   9.103   -2.507  1.00 20.18  ? 152 ASN A C   1 
ATOM   168  O  O   . ASN A 1 62  ? 4.950   9.806   -2.460  1.00 26.96  ? 152 ASN A O   1 
ATOM   169  C  CB  . ASN A 1 62  ? 4.482   8.372   -4.891  1.00 23.80  ? 152 ASN A CB  1 
ATOM   170  C  CG  . ASN A 1 62  ? 3.553   9.357   -5.552  1.00 28.14  ? 152 ASN A CG  1 
ATOM   171  O  OD1 . ASN A 1 62  ? 2.973   10.189  -4.884  1.00 33.99  ? 152 ASN A OD1 1 
ATOM   172  N  ND2 . ASN A 1 62  ? 3.443   9.179   -6.858  1.00 42.77  ? 152 ASN A ND2 1 
ATOM   173  N  N   . SER A 1 63  ? 2.897   9.300   -1.709  1.00 19.20  ? 153 SER A N   1 
ATOM   174  C  CA  . SER A 1 63  ? 2.881   10.416  -0.745  1.00 20.87  ? 153 SER A CA  1 
ATOM   175  C  C   . SER A 1 63  ? 3.079   9.958   0.694   1.00 20.48  ? 153 SER A C   1 
ATOM   176  O  O   . SER A 1 63  ? 2.656   10.636  1.645   1.00 25.05  ? 153 SER A O   1 
ATOM   177  C  CB  . SER A 1 63  ? 1.573   11.187  -0.830  1.00 24.11  ? 153 SER A CB  1 
ATOM   178  O  OG  . SER A 1 63  ? 0.456   10.329  -0.869  1.00 28.50  ? 153 SER A OG  1 
ATOM   179  N  N   . TRP A 1 64  ? 3.713   8.818   0.867   1.00 19.53  ? 154 TRP A N   1 
ATOM   180  C  CA  . TRP A 1 64  ? 4.107   8.387   2.207   1.00 16.86  ? 154 TRP A CA  1 
ATOM   181  C  C   . TRP A 1 64  ? 5.116   9.374   2.779   1.00 18.39  ? 154 TRP A C   1 
ATOM   182  O  O   . TRP A 1 64  ? 5.930   9.936   2.042   1.00 25.55  ? 154 TRP A O   1 
ATOM   183  C  CB  . TRP A 1 64  ? 4.792   7.019   2.134   1.00 15.66  ? 154 TRP A CB  1 
ATOM   184  C  CG  . TRP A 1 64  ? 3.989   5.908   1.562   1.00 14.00  ? 154 TRP A CG  1 
ATOM   185  C  CD1 . TRP A 1 64  ? 4.315   5.179   0.423   1.00 13.84  ? 154 TRP A CD1 1 
ATOM   186  C  CD2 . TRP A 1 64  ? 2.752   5.387   2.056   1.00 12.98  ? 154 TRP A CD2 1 
ATOM   187  N  NE1 . TRP A 1 64  ? 3.342   4.232   0.207   1.00 13.75  ? 154 TRP A NE1 1 
ATOM   188  C  CE2 . TRP A 1 64  ? 2.379   4.331   1.176   1.00 12.90  ? 154 TRP A CE2 1 
ATOM   189  C  CE3 . TRP A 1 64  ? 1.937   5.689   3.144   1.00 12.32  ? 154 TRP A CE3 1 
ATOM   190  C  CZ2 . TRP A 1 64  ? 1.206   3.587   1.364   1.00 12.95  ? 154 TRP A CZ2 1 
ATOM   191  C  CZ3 . TRP A 1 64  ? 0.783   4.946   3.320   1.00 13.00  ? 154 TRP A CZ3 1 
ATOM   192  C  CH2 . TRP A 1 64  ? 0.402   3.904   2.451   1.00 12.23  ? 154 TRP A CH2 1 
ATOM   193  N  N   . GLU A 1 65  ? 5.070   9.521   4.091   1.00 18.91  ? 155 GLU A N   1 
ATOM   194  C  CA  . GLU A 1 65  ? 5.866   10.525  4.792   1.00 21.50  ? 155 GLU A CA  1 
ATOM   195  C  C   . GLU A 1 65  ? 7.306   10.130  4.547   1.00 23.26  ? 155 GLU A C   1 
ATOM   196  O  O   . GLU A 1 65  ? 7.677   8.965   4.761   1.00 25.79  ? 155 GLU A O   1 
ATOM   197  C  CB  . GLU A 1 65  ? 5.450   10.552  6.263   1.00 21.91  ? 155 GLU A CB  1 
ATOM   198  C  CG  . GLU A 1 65  ? 6.468   11.272  7.144   1.00 22.86  ? 155 GLU A CG  1 
ATOM   199  C  CD  . GLU A 1 65  ? 6.343   12.755  6.792   1.00 27.65  ? 155 GLU A CD  1 
ATOM   200  O  OE1 . GLU A 1 65  ? 5.271   13.326  7.129   1.00 29.55  ? 155 GLU A OE1 1 
ATOM   201  O  OE2 . GLU A 1 65  ? 7.323   13.230  6.194   1.00 30.37  ? 155 GLU A OE2 1 
ATOM   202  N  N   . SER A 1 66  ? 8.129   11.059  4.058   1.00 22.16  ? 156 SER A N   1 
ATOM   203  C  CA  . SER A 1 66  ? 9.523   10.693  3.753   1.00 22.17  ? 156 SER A CA  1 
ATOM   204  C  C   . SER A 1 66  ? 10.450  11.256  4.802   1.00 22.95  ? 156 SER A C   1 
ATOM   205  O  O   . SER A 1 66  ? 11.677  11.040  4.693   1.00 27.98  ? 156 SER A O   1 
ATOM   206  C  CB  . SER A 1 66  ? 9.841   11.271  2.358   1.00 24.86  ? 156 SER A CB  1 
ATOM   207  O  OG  . SER A 1 66  ? 9.664   12.685  2.480   1.00 25.08  ? 156 SER A OG  1 
ATOM   208  N  N   . SER A 1 67  ? 9.905   11.932  5.807   1.00 21.75  ? 157 SER A N   1 
ATOM   209  C  CA  . SER A 1 67  ? 10.707  12.450  6.915   1.00 24.65  ? 157 SER A CA  1 
ATOM   210  C  C   . SER A 1 67  ? 10.595  11.534  8.141   1.00 22.58  ? 157 SER A C   1 
ATOM   211  O  O   . SER A 1 67  ? 9.606   10.790  8.295   1.00 26.30  ? 157 SER A O   1 
ATOM   212  C  CB  . SER A 1 67  ? 10.262  13.851  7.397   1.00 26.42  ? 157 SER A CB  1 
ATOM   213  O  OG  . SER A 1 67  ? 10.183  14.694  6.277   1.00 35.87  ? 157 SER A OG  1 
ATOM   214  N  N   . ARG A 1 68  ? 11.603  11.597  8.977   1.00 20.69  ? 158 ARG A N   1 
ATOM   215  C  CA  . ARG A 1 68  ? 11.596  10.877  10.257  1.00 25.48  ? 158 ARG A CA  1 
ATOM   216  C  C   . ARG A 1 68  ? 10.614  11.658  11.131  1.00 26.93  ? 158 ARG A C   1 
ATOM   217  O  O   . ARG A 1 68  ? 10.883  12.720  11.693  1.00 28.94  ? 158 ARG A O   1 
ATOM   218  C  CB  . ARG A 1 68  ? 13.002  10.773  10.813  1.00 25.01  ? 158 ARG A CB  1 
ATOM   219  C  CG  . ARG A 1 68  ? 13.392  10.153  12.138  1.00 36.90  ? 158 ARG A CG  1 
ATOM   220  C  CD  . ARG A 1 68  ? 12.885  10.845  13.373  1.00 43.43  ? 158 ARG A CD  1 
ATOM   221  N  NE  . ARG A 1 68  ? 12.778  10.050  14.586  1.00 54.58  ? 158 ARG A NE  1 
ATOM   222  C  CZ  . ARG A 1 68  ? 11.864  10.062  15.564  1.00 59.29  ? 158 ARG A CZ  1 
ATOM   223  N  NH1 . ARG A 1 68  ? 10.817  10.886  15.572  1.00 71.10  ? 158 ARG A NH1 1 
ATOM   224  N  NH2 . ARG A 1 68  ? 11.975  9.226   16.595  0.50 55.25  ? 158 ARG A NH2 1 
ATOM   225  N  N   . SER A 1 69  ? 9.376   11.133  11.190  1.00 25.93  ? 159 SER A N   1 
ATOM   226  C  CA  . SER A 1 69  ? 8.435   12.050  11.857  1.00 31.23  ? 159 SER A CA  1 
ATOM   227  C  C   . SER A 1 69  ? 7.577   11.247  12.807  1.00 36.48  ? 159 SER A C   1 
ATOM   228  O  O   . SER A 1 69  ? 6.494   11.737  13.097  1.00 34.07  ? 159 SER A O   1 
ATOM   229  C  CB  . SER A 1 69  ? 7.660   12.849  10.824  1.00 34.71  ? 159 SER A CB  1 
ATOM   230  O  OG  . SER A 1 69  ? 8.486   13.469  9.852   1.00 54.60  ? 159 SER A OG  1 
ATOM   231  N  N   . GLY A 1 70  ? 8.034   10.116  13.395  1.00 36.38  ? 160 GLY A N   1 
ATOM   232  C  CA  . GLY A 1 70  ? 7.295   9.555   14.508  1.00 29.02  ? 160 GLY A CA  1 
ATOM   233  C  C   . GLY A 1 70  ? 6.220   8.638   14.428  1.00 30.07  ? 160 GLY A C   1 
ATOM   234  O  O   . GLY A 1 70  ? 6.161   7.553   15.109  1.00 33.47  ? 160 GLY A O   1 
ATOM   235  N  N   . HIS A 1 71  ? 5.129   8.598   13.562  1.00 23.18  ? 161 HIS A N   1 
ATOM   236  C  CA  . HIS A 1 71  ? 5.152   7.089   13.613  1.00 22.78  ? 161 HIS A CA  1 
ATOM   237  C  C   . HIS A 1 71  ? 6.025   6.612   12.485  1.00 19.99  ? 161 HIS A C   1 
ATOM   238  O  O   . HIS A 1 71  ? 6.008   5.423   12.204  1.00 26.46  ? 161 HIS A O   1 
ATOM   239  C  CB  . HIS A 1 71  ? 3.785   6.425   13.476  1.00 25.53  ? 161 HIS A CB  1 
ATOM   240  C  CG  . HIS A 1 71  ? 2.897   6.837   14.588  1.00 28.04  ? 161 HIS A CG  1 
ATOM   241  N  ND1 . HIS A 1 71  ? 3.454   7.000   15.843  1.00 28.10  ? 161 HIS A ND1 1 
ATOM   242  C  CD2 . HIS A 1 71  ? 1.592   7.176   14.667  1.00 30.26  ? 161 HIS A CD2 1 
ATOM   243  C  CE1 . HIS A 1 71  ? 2.485   7.388   16.659  1.00 28.58  ? 161 HIS A CE1 1 
ATOM   244  N  NE2 . HIS A 1 71  ? 1.360   7.508   15.981  1.00 29.13  ? 161 HIS A NE2 1 
ATOM   245  N  N   . SER A 1 72  ? 6.641   7.452   11.660  1.00 21.09  ? 162 SER A N   1 
ATOM   246  C  CA  . SER A 1 72  ? 7.313   6.808   10.518  1.00 20.97  ? 162 SER A CA  1 
ATOM   247  C  C   . SER A 1 72  ? 8.806   6.747   10.717  1.00 20.80  ? 162 SER A C   1 
ATOM   248  O  O   . SER A 1 72  ? 9.460   7.777   11.039  1.00 21.48  ? 162 SER A O   1 
ATOM   249  C  CB  . SER A 1 72  ? 7.065   7.685   9.307   1.00 22.82  ? 162 SER A CB  1 
ATOM   250  O  OG  . SER A 1 72  ? 7.098   8.885   9.969   1.00 28.27  ? 162 SER A OG  1 
ATOM   251  N  N   . PHE A 1 73  ? 9.346   5.540   10.499  1.00 16.11  ? 163 PHE A N   1 
ATOM   252  C  CA  . PHE A 1 73  ? 10.782  5.321   10.624  1.00 14.58  ? 163 PHE A CA  1 
ATOM   253  C  C   . PHE A 1 73  ? 11.282  4.357   9.555   1.00 13.72  ? 163 PHE A C   1 
ATOM   254  O  O   . PHE A 1 73  ? 10.481  3.568   9.010   1.00 12.18  ? 163 PHE A O   1 
ATOM   255  C  CB  . PHE A 1 73  ? 11.157  4.761   12.007  1.00 16.60  ? 163 PHE A CB  1 
ATOM   256  C  CG  . PHE A 1 73  ? 10.817  3.282   12.203  1.00 16.79  ? 163 PHE A CG  1 
ATOM   257  C  CD1 . PHE A 1 73  ? 9.533   2.876   12.586  1.00 15.81  ? 163 PHE A CD1 1 
ATOM   258  C  CD2 . PHE A 1 73  ? 11.757  2.274   12.024  1.00 16.35  ? 163 PHE A CD2 1 
ATOM   259  C  CE1 . PHE A 1 73  ? 9.224   1.521   12.731  1.00 15.70  ? 163 PHE A CE1 1 
ATOM   260  C  CE2 . PHE A 1 73  ? 11.446  0.941   12.134  1.00 17.46  ? 163 PHE A CE2 1 
ATOM   261  C  CZ  . PHE A 1 73  ? 10.165  0.540   12.506  1.00 16.63  ? 163 PHE A CZ  1 
ATOM   262  N  N   . LEU A 1 74  ? 12.591  4.453   9.343   1.00 12.91  ? 164 LEU A N   1 
ATOM   263  C  CA  . LEU A 1 74  ? 13.261  3.501   8.452   1.00 12.99  ? 164 LEU A CA  1 
ATOM   264  C  C   . LEU A 1 74  ? 14.474  2.950   9.147   1.00 13.43  ? 164 LEU A C   1 
ATOM   265  O  O   . LEU A 1 74  ? 15.230  3.766   9.759   1.00 16.74  ? 164 LEU A O   1 
ATOM   266  C  CB  . LEU A 1 74  ? 13.666  4.214   7.155   1.00 15.06  ? 164 LEU A CB  1 
ATOM   267  C  CG  . LEU A 1 74  ? 12.501  4.739   6.313   1.00 17.00  ? 164 LEU A CG  1 
ATOM   268  C  CD1 . LEU A 1 74  ? 12.975  5.841   5.349   1.00 23.14  ? 164 LEU A CD1 1 
ATOM   269  C  CD2 . LEU A 1 74  ? 11.860  3.633   5.502   1.00 19.34  ? 164 LEU A CD2 1 
ATOM   270  N  N   . SER A 1 75  ? 14.758  1.672   9.070   1.00 12.43  ? 165 SER A N   1 
ATOM   271  C  CA  . SER A 1 75  ? 15.970  1.125   9.718   1.00 13.59  ? 165 SER A CA  1 
ATOM   272  C  C   . SER A 1 75  ? 16.555  0.089   8.787   1.00 13.57  ? 165 SER A C   1 
ATOM   273  O  O   . SER A 1 75  ? 15.999  -1.020  8.661   1.00 13.07  ? 165 SER A O   1 
ATOM   274  C  CB  . SER A 1 75  ? 15.636  0.560   11.092  1.00 15.25  ? 165 SER A CB  1 
ATOM   275  O  OG  . SER A 1 75  ? 16.820  0.085   11.778  1.00 16.25  ? 165 SER A OG  1 
ATOM   276  N  N   . ASN A 1 76  ? 17.655  0.452   8.116   1.00 13.86  ? 166 ASN A N   1 
ATOM   277  C  CA  . ASN A 1 76  ? 18.307  -0.478  7.170   1.00 15.30  ? 166 ASN A CA  1 
ATOM   278  C  C   . ASN A 1 76  ? 17.398  -0.829  5.969   1.00 13.95  ? 166 ASN A C   1 
ATOM   279  O  O   . ASN A 1 76  ? 17.571  -1.889  5.356   1.00 15.05  ? 166 ASN A O   1 
ATOM   280  C  CB  . ASN A 1 76  ? 18.811  -1.755  7.833   1.00 16.87  ? 166 ASN A CB  1 
ATOM   281  C  CG  . ASN A 1 76  ? 20.071  -1.561  8.654   1.00 21.01  ? 166 ASN A CG  1 
ATOM   282  O  OD1 . ASN A 1 76  ? 21.133  -1.215  8.109   1.00 21.86  ? 166 ASN A OD1 1 
ATOM   283  N  ND2 . ASN A 1 76  ? 19.996  -1.787  9.977   1.00 28.12  ? 166 ASN A ND2 1 
ATOM   284  N  N   . LEU A 1 77  ? 16.535  0.101   5.650   1.00 14.23  ? 167 LEU A N   1 
ATOM   285  C  CA  . LEU A 1 77  ? 15.766  0.209   4.434   1.00 14.62  ? 167 LEU A CA  1 
ATOM   286  C  C   . LEU A 1 77  ? 15.760  1.684   4.067   1.00 14.33  ? 167 LEU A C   1 
ATOM   287  O  O   . LEU A 1 77  ? 15.993  2.518   4.969   1.00 14.58  ? 167 LEU A O   1 
ATOM   288  C  CB  . LEU A 1 77  ? 14.285  -0.247  4.609   1.00 18.42  ? 167 LEU A CB  1 
ATOM   289  C  CG  . LEU A 1 77  ? 13.943  -1.724  4.688   1.00 16.72  ? 167 LEU A CG  1 
ATOM   290  C  CD1 . LEU A 1 77  ? 13.898  -2.187  6.110   1.00 21.66  ? 167 LEU A CD1 1 
ATOM   291  C  CD2 . LEU A 1 77  ? 12.568  -2.024  4.064   1.00 18.82  ? 167 LEU A CD2 1 
ATOM   292  N  N   . HIS A 1 78  ? 15.423  2.081   2.840   1.00 13.32  ? 168 HIS A N   1 
ATOM   293  C  CA  . HIS A 1 78  ? 15.146  3.518   2.639   1.00 13.71  ? 168 HIS A CA  1 
ATOM   294  C  C   . HIS A 1 78  ? 13.918  3.657   1.728   1.00 13.09  ? 168 HIS A C   1 
ATOM   295  O  O   . HIS A 1 78  ? 13.381  2.659   1.246   1.00 13.27  ? 168 HIS A O   1 
ATOM   296  C  CB  . HIS A 1 78  ? 16.361  4.281   2.123   1.00 15.61  ? 168 HIS A CB  1 
ATOM   297  C  CG  . HIS A 1 78  ? 16.787  3.986   0.718   1.00 15.86  ? 168 HIS A CG  1 
ATOM   298  N  ND1 . HIS A 1 78  ? 17.670  2.976   0.384   1.00 15.44  ? 168 HIS A ND1 1 
ATOM   299  C  CD2 . HIS A 1 78  ? 16.479  4.602   -0.448  1.00 17.38  ? 168 HIS A CD2 1 
ATOM   300  C  CE1 . HIS A 1 78  ? 17.885  2.974   -0.929  1.00 16.79  ? 168 HIS A CE1 1 
ATOM   301  N  NE2 . HIS A 1 78  ? 17.168  3.958   -1.465  1.00 17.94  ? 168 HIS A NE2 1 
ATOM   302  N  N   . LEU A 1 79  ? 13.501  4.906   1.565   1.00 14.58  ? 169 LEU A N   1 
ATOM   303  C  CA  . LEU A 1 79  ? 12.311  5.223   0.800   1.00 13.44  ? 169 LEU A CA  1 
ATOM   304  C  C   . LEU A 1 79  ? 12.674  6.114   -0.361  1.00 14.53  ? 169 LEU A C   1 
ATOM   305  O  O   . LEU A 1 79  ? 13.375  7.130   -0.150  1.00 17.08  ? 169 LEU A O   1 
ATOM   306  C  CB  . LEU A 1 79  ? 11.278  5.911   1.720   1.00 14.65  ? 169 LEU A CB  1 
ATOM   307  C  CG  . LEU A 1 79  ? 10.027  6.423   1.051   1.00 14.54  ? 169 LEU A CG  1 
ATOM   308  C  CD1 . LEU A 1 79  ? 9.148   5.293   0.586   1.00 16.45  ? 169 LEU A CD1 1 
ATOM   309  C  CD2 . LEU A 1 79  ? 9.242   7.316   2.024   1.00 19.20  ? 169 LEU A CD2 1 
ATOM   310  N  N   . ARG A 1 80  ? 12.241  5.744   -1.554  1.00 15.25  ? 170 ARG A N   1 
ATOM   311  C  CA  . ARG A 1 80  ? 12.590  6.616   -2.682  1.00 18.73  ? 170 ARG A CA  1 
ATOM   312  C  C   . ARG A 1 80  ? 11.402  6.569   -3.625  1.00 18.89  ? 170 ARG A C   1 
ATOM   313  O  O   . ARG A 1 80  ? 11.018  5.464   -4.038  1.00 19.30  ? 170 ARG A O   1 
ATOM   314  C  CB  . ARG A 1 80  ? 13.919  6.173   -3.278  1.00 21.49  ? 170 ARG A CB  1 
ATOM   315  C  CG  . ARG A 1 80  ? 14.647  7.248   -4.073  1.00 23.74  ? 170 ARG A CG  1 
ATOM   316  C  CD  . ARG A 1 80  ? 15.522  8.143   -3.167  1.00 27.99  ? 170 ARG A CD  1 
ATOM   317  N  NE  . ARG A 1 80  ? 16.392  8.950   -4.064  1.00 29.39  ? 170 ARG A NE  1 
ATOM   318  C  CZ  . ARG A 1 80  ? 16.049  10.177  -4.429  1.00 31.02  ? 170 ARG A CZ  1 
ATOM   319  N  NH1 . ARG A 1 80  ? 14.921  10.726  -3.971  1.00 30.83  ? 170 ARG A NH1 1 
ATOM   320  N  NH2 . ARG A 1 80  ? 16.823  10.867  -5.241  1.00 35.04  ? 170 ARG A NH2 1 
ATOM   321  N  N   . ASN A 1 81  ? 10.836  7.739   -3.894  1.00 19.84  ? 171 ASN A N   1 
ATOM   322  C  CA  . ASN A 1 81  ? 9.695   7.806   -4.824  1.00 21.30  ? 171 ASN A CA  1 
ATOM   323  C  C   . ASN A 1 81  ? 8.578   6.866   -4.436  1.00 18.23  ? 171 ASN A C   1 
ATOM   324  O  O   . ASN A 1 81  ? 7.941   6.211   -5.251  1.00 21.84  ? 171 ASN A O   1 
ATOM   325  C  CB  . ASN A 1 81  ? 10.232  7.502   -6.233  1.00 28.07  ? 171 ASN A CB  1 
ATOM   326  C  CG  . ASN A 1 81  ? 11.443  8.347   -6.598  1.00 36.22  ? 171 ASN A CG  1 
ATOM   327  O  OD1 . ASN A 1 81  ? 11.536  9.515   -6.185  1.00 43.74  ? 171 ASN A OD1 1 
ATOM   328  N  ND2 . ASN A 1 81  ? 12.419  7.831   -7.358  1.00 46.30  ? 171 ASN A ND2 1 
ATOM   329  N  N   . GLY A 1 82  ? 8.266   6.769   -3.154  1.00 17.44  ? 172 GLY A N   1 
ATOM   330  C  CA  . GLY A 1 82  ? 7.154   6.003   -2.630  1.00 16.85  ? 172 GLY A CA  1 
ATOM   331  C  C   . GLY A 1 82  ? 7.418   4.507   -2.466  1.00 14.51  ? 172 GLY A C   1 
ATOM   332  O  O   . GLY A 1 82  ? 6.553   3.733   -2.050  1.00 16.17  ? 172 GLY A O   1 
ATOM   333  N  N   . GLU A 1 83  ? 8.611   4.029   -2.822  1.00 12.58  ? 173 GLU A N   1 
ATOM   334  C  CA  . GLU A 1 83  ? 9.041   2.650   -2.750  1.00 12.04  ? 173 GLU A CA  1 
ATOM   335  C  C   . GLU A 1 83  ? 9.976   2.391   -1.579  1.00 11.26  ? 173 GLU A C   1 
ATOM   336  O  O   . GLU A 1 83  ? 10.896  3.172   -1.369  1.00 13.36  ? 173 GLU A O   1 
ATOM   337  C  CB  . GLU A 1 83  ? 9.746   2.210   -4.048  1.00 12.59  ? 173 GLU A CB  1 
ATOM   338  C  CG  . GLU A 1 83  ? 8.975   2.562   -5.307  1.00 14.02  ? 173 GLU A CG  1 
ATOM   339  C  CD  . GLU A 1 83  ? 9.735   2.342   -6.596  1.00 17.37  ? 173 GLU A CD  1 
ATOM   340  O  OE1 . GLU A 1 83  ? 10.991  2.178   -6.621  1.00 21.23  ? 173 GLU A OE1 1 
ATOM   341  O  OE2 . GLU A 1 83  ? 8.979   2.293   -7.599  1.00 24.03  ? 173 GLU A OE2 1 
ATOM   342  N  N   . LEU A 1 84  ? 9.762   1.289   -0.850  1.00 11.39  ? 174 LEU A N   1 
ATOM   343  C  CA  . LEU A 1 84  ? 10.745  0.831   0.123   1.00 10.85  ? 174 LEU A CA  1 
ATOM   344  C  C   . LEU A 1 84  ? 11.805  0.025   -0.618  1.00 11.22  ? 174 LEU A C   1 
ATOM   345  O  O   . LEU A 1 84  ? 11.490  -0.927  -1.363  1.00 12.79  ? 174 LEU A O   1 
ATOM   346  C  CB  . LEU A 1 84  ? 10.064  -0.053  1.180   1.00 12.69  ? 174 LEU A CB  1 
ATOM   347  C  CG  . LEU A 1 84  ? 9.249   0.726   2.231   1.00 14.33  ? 174 LEU A CG  1 
ATOM   348  C  CD1 . LEU A 1 84  ? 8.434   -0.220  3.119   1.00 17.13  ? 174 LEU A CD1 1 
ATOM   349  C  CD2 . LEU A 1 84  ? 10.167  1.623   3.071   1.00 17.13  ? 174 LEU A CD2 1 
ATOM   350  N  N   . VAL A 1 85  ? 13.064  0.445   -0.369  1.00 11.13  ? 175 VAL A N   1 
ATOM   351  C  CA  . VAL A 1 85  ? 14.194  -0.144  -1.075  1.00 12.65  ? 175 VAL A CA  1 
ATOM   352  C  C   . VAL A 1 85  ? 14.976  -1.038  -0.109  1.00 11.75  ? 175 VAL A C   1 
ATOM   353  O  O   . VAL A 1 85  ? 15.355  -0.589  0.971   1.00 13.84  ? 175 VAL A O   1 
ATOM   354  C  CB  . VAL A 1 85  ? 15.116  0.928   -1.677  1.00 13.78  ? 175 VAL A CB  1 
ATOM   355  C  CG1 . VAL A 1 85  ? 16.242  0.211   -2.437  1.00 13.63  ? 175 VAL A CG1 1 
ATOM   356  C  CG2 . VAL A 1 85  ? 14.328  1.867   -2.579  1.00 15.68  ? 175 VAL A CG2 1 
ATOM   357  N  N   . ILE A 1 86  ? 15.183  -2.286  -0.465  1.00 12.18  ? 176 ILE A N   1 
ATOM   358  C  CA  . ILE A 1 86  ? 15.777  -3.272  0.405   1.00 12.16  ? 176 ILE A CA  1 
ATOM   359  C  C   . ILE A 1 86  ? 17.297  -3.209  0.342   1.00 12.83  ? 176 ILE A C   1 
ATOM   360  O  O   . ILE A 1 86  ? 17.933  -3.157  -0.722  1.00 14.04  ? 176 ILE A O   1 
ATOM   361  C  CB  . ILE A 1 86  ? 15.288  -4.690  -0.027  1.00 12.57  ? 176 ILE A CB  1 
ATOM   362  C  CG1 . ILE A 1 86  ? 13.756  -4.791  -0.029  1.00 13.03  ? 176 ILE A CG1 1 
ATOM   363  C  CG2 . ILE A 1 86  ? 15.912  -5.826  0.795   1.00 13.09  ? 176 ILE A CG2 1 
ATOM   364  C  CD1 . ILE A 1 86  ? 13.051  -4.358  1.227   1.00 15.03  ? 176 ILE A CD1 1 
ATOM   365  N  N   . HIS A 1 87  ? 17.907  -3.256  1.513   1.00 11.89  ? 177 HIS A N   1 
ATOM   366  C  CA  . HIS A 1 87  ? 19.372  -3.281  1.638   1.00 13.18  ? 177 HIS A CA  1 
ATOM   367  C  C   . HIS A 1 87  ? 19.889  -4.688  1.947   1.00 13.95  ? 177 HIS A C   1 
ATOM   368  O  O   . HIS A 1 87  ? 21.013  -5.013  1.532   1.00 18.33  ? 177 HIS A O   1 
ATOM   369  C  CB  . HIS A 1 87  ? 19.852  -2.377  2.787   1.00 14.62  ? 177 HIS A CB  1 
ATOM   370  C  CG  . HIS A 1 87  ? 19.523  -0.934  2.551   1.00 14.91  ? 177 HIS A CG  1 
ATOM   371  N  ND1 . HIS A 1 87  ? 20.000  0.029   3.433   1.00 16.18  ? 177 HIS A ND1 1 
ATOM   372  C  CD2 . HIS A 1 87  ? 18.847  -0.276  1.602   1.00 15.20  ? 177 HIS A CD2 1 
ATOM   373  C  CE1 . HIS A 1 87  ? 19.605  1.237   3.042   1.00 16.80  ? 177 HIS A CE1 1 
ATOM   374  N  NE2 . HIS A 1 87  ? 18.898  1.063   1.922   1.00 16.89  ? 177 HIS A NE2 1 
ATOM   375  N  N   . GLU A 1 88  ? 19.147  -5.486  2.655   1.00 15.43  ? 178 GLU A N   1 
ATOM   376  C  CA  . GLU A 1 88  ? 19.602  -6.809  3.088   1.00 16.27  ? 178 GLU A CA  1 
ATOM   377  C  C   . GLU A 1 88  ? 18.708  -7.921  2.558   1.00 14.64  ? 178 GLU A C   1 
ATOM   378  O  O   . GLU A 1 88  ? 17.479  -7.874  2.812   1.00 16.41  ? 178 GLU A O   1 
ATOM   379  C  CB  . GLU A 1 88  ? 19.597  -6.875  4.636   1.00 19.70  ? 178 GLU A CB  1 
ATOM   380  C  CG  . GLU A 1 88  ? 20.533  -5.797  5.222   1.00 25.40  ? 178 GLU A CG  1 
ATOM   381  C  CD  . GLU A 1 88  ? 21.957  -6.274  4.976   1.00 31.85  ? 178 GLU A CD  1 
ATOM   382  O  OE1 . GLU A 1 88  ? 22.223  -7.426  5.384   1.00 46.35  ? 178 GLU A OE1 1 
ATOM   383  O  OE2 . GLU A 1 88  ? 22.747  -5.513  4.402   1.00 44.71  ? 178 GLU A OE2 1 
ATOM   384  N  N   . LYS A 1 89  ? 19.242  -8.911  1.858   1.00 14.64  ? 179 LYS A N   1 
ATOM   385  C  CA  . LYS A 1 89  ? 18.403  -9.995  1.343   1.00 15.49  ? 179 LYS A CA  1 
ATOM   386  C  C   . LYS A 1 89  ? 17.813  -10.783 2.498   1.00 15.23  ? 179 LYS A C   1 
ATOM   387  O  O   . LYS A 1 89  ? 18.421  -10.967 3.595   1.00 17.27  ? 179 LYS A O   1 
ATOM   388  C  CB  . LYS A 1 89  ? 19.209  -10.885 0.367   1.00 19.62  ? 179 LYS A CB  1 
ATOM   389  C  CG  . LYS A 1 89  ? 20.299  -11.686 1.072   1.00 28.13  ? 179 LYS A CG  1 
ATOM   390  C  CD  . LYS A 1 89  ? 20.929  -12.734 0.159   1.00 34.66  ? 179 LYS A CD  1 
ATOM   391  C  CE  . LYS A 1 89  ? 21.615  -13.822 0.976   1.00 40.45  ? 179 LYS A CE  1 
ATOM   392  N  NZ  . LYS A 1 89  ? 22.959  -14.180 0.427   1.00 55.37  ? 179 LYS A NZ  1 
ATOM   393  N  N   . GLY A 1 90  ? 16.590  -11.315 2.326   1.00 13.80  ? 180 GLY A N   1 
ATOM   394  C  CA  . GLY A 1 90  ? 16.016  -12.194 3.348   1.00 14.98  ? 180 GLY A CA  1 
ATOM   395  C  C   . GLY A 1 90  ? 14.495  -12.257 3.239   1.00 12.99  ? 180 GLY A C   1 
ATOM   396  O  O   . GLY A 1 90  ? 13.934  -11.732 2.248   1.00 13.06  ? 180 GLY A O   1 
ATOM   397  N  N   . PHE A 1 91  ? 13.908  -12.908 4.238   1.00 12.73  ? 181 PHE A N   1 
ATOM   398  C  CA  . PHE A 1 91  ? 12.450  -13.043 4.282   1.00 13.39  ? 181 PHE A CA  1 
ATOM   399  C  C   . PHE A 1 91  ? 11.869  -11.796 4.945   1.00 12.09  ? 181 PHE A C   1 
ATOM   400  O  O   . PHE A 1 91  ? 12.329  -11.503 6.072   1.00 13.66  ? 181 PHE A O   1 
ATOM   401  C  CB  . PHE A 1 91  ? 12.036  -14.294 5.080   1.00 15.13  ? 181 PHE A CB  1 
ATOM   402  C  CG  . PHE A 1 91  ? 12.485  -15.592 4.489   1.00 19.66  ? 181 PHE A CG  1 
ATOM   403  C  CD1 . PHE A 1 91  ? 12.307  -15.870 3.141   1.00 23.81  ? 181 PHE A CD1 1 
ATOM   404  C  CD2 . PHE A 1 91  ? 13.061  -16.555 5.301   1.00 27.24  ? 181 PHE A CD2 1 
ATOM   405  C  CE1 . PHE A 1 91  ? 12.742  -17.097 2.661   1.00 28.04  ? 181 PHE A CE1 1 
ATOM   406  C  CE2 . PHE A 1 91  ? 13.472  -17.799 4.852   1.00 29.59  ? 181 PHE A CE2 1 
ATOM   407  C  CZ  . PHE A 1 91  ? 13.340  -18.034 3.486   1.00 31.28  ? 181 PHE A CZ  1 
ATOM   408  N  N   . TYR A 1 92  ? 10.933  -11.103 4.316   1.00 10.22  ? 182 TYR A N   1 
ATOM   409  C  CA  . TYR A 1 92  ? 10.334  -9.923  4.944   1.00 9.93   ? 182 TYR A CA  1 
ATOM   410  C  C   . TYR A 1 92  ? 8.825   -10.133 5.122   1.00 9.22   ? 182 TYR A C   1 
ATOM   411  O  O   . TYR A 1 92  ? 8.181   -10.503 4.141   1.00 10.43  ? 182 TYR A O   1 
ATOM   412  C  CB  . TYR A 1 92  ? 10.507  -8.672  4.093   1.00 9.90   ? 182 TYR A CB  1 
ATOM   413  C  CG  . TYR A 1 92  ? 11.925  -8.148  4.124   1.00 10.10  ? 182 TYR A CG  1 
ATOM   414  C  CD1 . TYR A 1 92  ? 12.943  -8.765  3.389   1.00 11.08  ? 182 TYR A CD1 1 
ATOM   415  C  CD2 . TYR A 1 92  ? 12.220  -7.025  4.925   1.00 11.65  ? 182 TYR A CD2 1 
ATOM   416  C  CE1 . TYR A 1 92  ? 14.239  -8.252  3.455   1.00 12.42  ? 182 TYR A CE1 1 
ATOM   417  C  CE2 . TYR A 1 92  ? 13.509  -6.522  4.987   1.00 11.75  ? 182 TYR A CE2 1 
ATOM   418  C  CZ  . TYR A 1 92  ? 14.512  -7.139  4.244   1.00 12.80  ? 182 TYR A CZ  1 
ATOM   419  O  OH  . TYR A 1 92  ? 15.793  -6.596  4.339   1.00 14.81  ? 182 TYR A OH  1 
ATOM   420  N  N   . TYR A 1 93  ? 8.314   -9.826  6.316   1.00 9.09   ? 183 TYR A N   1 
ATOM   421  C  CA  . TYR A 1 93  ? 6.876   -9.626  6.428   1.00 9.07   ? 183 TYR A CA  1 
ATOM   422  C  C   . TYR A 1 93  ? 6.579   -8.204  5.969   1.00 8.54   ? 183 TYR A C   1 
ATOM   423  O  O   . TYR A 1 93  ? 7.144   -7.237  6.516   1.00 10.20  ? 183 TYR A O   1 
ATOM   424  C  CB  . TYR A 1 93  ? 6.444   -9.877  7.902   1.00 9.54   ? 183 TYR A CB  1 
ATOM   425  C  CG  . TYR A 1 93  ? 4.941   -9.684  8.007   1.00 8.72   ? 183 TYR A CG  1 
ATOM   426  C  CD1 . TYR A 1 93  ? 4.045   -10.704 7.735   1.00 8.18   ? 183 TYR A CD1 1 
ATOM   427  C  CD2 . TYR A 1 93  ? 4.397   -8.446  8.407   1.00 9.65   ? 183 TYR A CD2 1 
ATOM   428  C  CE1 . TYR A 1 93  ? 2.673   -10.519 7.835   1.00 9.17   ? 183 TYR A CE1 1 
ATOM   429  C  CE2 . TYR A 1 93  ? 3.017   -8.258  8.522   1.00 9.38   ? 183 TYR A CE2 1 
ATOM   430  C  CZ  . TYR A 1 93  ? 2.151   -9.311  8.234   1.00 8.55   ? 183 TYR A CZ  1 
ATOM   431  O  OH  . TYR A 1 93  ? 0.806   -9.032  8.322   1.00 9.95   ? 183 TYR A OH  1 
ATOM   432  N  N   . ILE A 1 94  ? 5.729   -8.092  4.957   1.00 9.04   ? 184 ILE A N   1 
ATOM   433  C  CA  . ILE A 1 94  ? 5.392   -6.804  4.316   1.00 8.45   ? 184 ILE A CA  1 
ATOM   434  C  C   . ILE A 1 94  ? 3.913   -6.552  4.560   1.00 8.27   ? 184 ILE A C   1 
ATOM   435  O  O   . ILE A 1 94  ? 3.129   -7.515  4.418   1.00 9.31   ? 184 ILE A O   1 
ATOM   436  C  CB  . ILE A 1 94  ? 5.651   -6.896  2.794   1.00 8.86   ? 184 ILE A CB  1 
ATOM   437  C  CG1 . ILE A 1 94  ? 7.070   -7.312  2.445   1.00 9.99   ? 184 ILE A CG1 1 
ATOM   438  C  CG2 . ILE A 1 94  ? 5.266   -5.560  2.141   1.00 11.24  ? 184 ILE A CG2 1 
ATOM   439  C  CD1 . ILE A 1 94  ? 7.261   -7.744  1.004   1.00 11.61  ? 184 ILE A CD1 1 
ATOM   440  N  N   . TYR A 1 95  ? 3.500   -5.335  4.909   1.00 8.29   ? 185 TYR A N   1 
ATOM   441  C  CA  . TYR A 1 95  ? 2.088   -5.101  5.143   1.00 8.71   ? 185 TYR A CA  1 
ATOM   442  C  C   . TYR A 1 95  ? 1.723   -3.684  4.718   1.00 8.49   ? 185 TYR A C   1 
ATOM   443  O  O   . TYR A 1 95  ? 2.568   -2.770  4.637   1.00 8.68   ? 185 TYR A O   1 
ATOM   444  C  CB  . TYR A 1 95  ? 1.746   -5.284  6.666   1.00 8.37   ? 185 TYR A CB  1 
ATOM   445  C  CG  . TYR A 1 95  ? 2.482   -4.268  7.529   1.00 8.22   ? 185 TYR A CG  1 
ATOM   446  C  CD1 . TYR A 1 95  ? 3.771   -4.557  8.011   1.00 9.10   ? 185 TYR A CD1 1 
ATOM   447  C  CD2 . TYR A 1 95  ? 1.904   -3.061  7.913   1.00 8.76   ? 185 TYR A CD2 1 
ATOM   448  C  CE1 . TYR A 1 95  ? 4.460   -3.660  8.806   1.00 9.05   ? 185 TYR A CE1 1 
ATOM   449  C  CE2 . TYR A 1 95  ? 2.593   -2.134  8.664   1.00 9.25   ? 185 TYR A CE2 1 
ATOM   450  C  CZ  . TYR A 1 95  ? 3.842   -2.459  9.117   1.00 9.25   ? 185 TYR A CZ  1 
ATOM   451  O  OH  . TYR A 1 95  ? 4.566   -1.574  9.879   1.00 9.54   ? 185 TYR A OH  1 
ATOM   452  N  N   . SER A 1 96  ? 0.424   -3.454  4.506   1.00 8.22   ? 186 SER A N   1 
ATOM   453  C  CA  . SER A 1 96  ? -0.089  -2.105  4.285   1.00 8.71   ? 186 SER A CA  1 
ATOM   454  C  C   . SER A 1 96  ? -1.507  -2.018  4.776   1.00 7.76   ? 186 SER A C   1 
ATOM   455  O  O   . SER A 1 96  ? -2.270  -2.991  4.636   1.00 8.38   ? 186 SER A O   1 
ATOM   456  C  CB  . SER A 1 96  ? 0.013   -1.700  2.817   1.00 9.24   ? 186 SER A CB  1 
ATOM   457  O  OG  . SER A 1 96  ? -0.483  -0.361  2.637   1.00 9.96   ? 186 SER A OG  1 
ATOM   458  N  N   . GLN A 1 97  ? -1.885  -0.831  5.315   1.00 8.56   ? 187 GLN A N   1 
ATOM   459  C  CA  . GLN A 1 97  ? -3.294  -0.503  5.574   1.00 9.17   ? 187 GLN A CA  1 
ATOM   460  C  C   . GLN A 1 97  ? -3.606  0.738   4.746   1.00 9.26   ? 187 GLN A C   1 
ATOM   461  O  O   . GLN A 1 97  ? -2.847  1.708   4.765   1.00 9.74   ? 187 GLN A O   1 
ATOM   462  C  CB  . GLN A 1 97  ? -3.553  -0.237  7.078   1.00 10.32  ? 187 GLN A CB  1 
ATOM   463  C  CG  . GLN A 1 97  ? -5.066  -0.026  7.307   1.00 11.42  ? 187 GLN A CG  1 
ATOM   464  C  CD  . GLN A 1 97  ? -5.443  -0.266  8.735   1.00 13.22  ? 187 GLN A CD  1 
ATOM   465  O  OE1 . GLN A 1 97  ? -6.098  -1.249  9.030   1.00 23.43  ? 187 GLN A OE1 1 
ATOM   466  N  NE2 . GLN A 1 97  ? -5.120  0.603   9.683   1.00 13.46  ? 187 GLN A NE2 1 
ATOM   467  N  N   . THR A 1 98  ? -4.691  0.665   3.996   1.00 8.89   ? 188 THR A N   1 
ATOM   468  C  CA  . THR A 1 98  ? -5.111  1.810   3.199   1.00 8.80   ? 188 THR A CA  1 
ATOM   469  C  C   . THR A 1 98  ? -6.568  2.086   3.521   1.00 8.94   ? 188 THR A C   1 
ATOM   470  O  O   . THR A 1 98  ? -7.413  1.212   3.365   1.00 10.55  ? 188 THR A O   1 
ATOM   471  C  CB  . THR A 1 98  ? -4.954  1.548   1.686   1.00 10.15  ? 188 THR A CB  1 
ATOM   472  O  OG1 . THR A 1 98  ? -5.541  0.302   1.342   1.00 10.33  ? 188 THR A OG1 1 
ATOM   473  C  CG2 . THR A 1 98  ? -3.471  1.520   1.313   1.00 11.35  ? 188 THR A CG2 1 
ATOM   474  N  N   . TYR A 1 99  ? -6.841  3.316   3.987   1.00 9.60   ? 189 TYR A N   1 
ATOM   475  C  CA  . TYR A 1 99  ? -8.213  3.681   4.404   1.00 9.66   ? 189 TYR A CA  1 
ATOM   476  C  C   . TYR A 1 99  ? -8.987  4.329   3.273   1.00 10.14  ? 189 TYR A C   1 
ATOM   477  O  O   . TYR A 1 99  ? -8.671  5.474   2.906   1.00 12.58  ? 189 TYR A O   1 
ATOM   478  C  CB  . TYR A 1 99  ? -8.114  4.676   5.557   1.00 10.13  ? 189 TYR A CB  1 
ATOM   479  C  CG  . TYR A 1 99  ? -9.383  5.023   6.284   1.00 10.62  ? 189 TYR A CG  1 
ATOM   480  C  CD1 . TYR A 1 99  ? -10.522 4.237   6.203   1.00 12.04  ? 189 TYR A CD1 1 
ATOM   481  C  CD2 . TYR A 1 99  ? -9.459  6.165   7.092   1.00 12.95  ? 189 TYR A CD2 1 
ATOM   482  C  CE1 . TYR A 1 99  ? -11.680 4.565   6.892   1.00 13.87  ? 189 TYR A CE1 1 
ATOM   483  C  CE2 . TYR A 1 99  ? -10.612 6.514   7.770   1.00 13.56  ? 189 TYR A CE2 1 
ATOM   484  C  CZ  . TYR A 1 99  ? -11.728 5.701   7.668   1.00 14.41  ? 189 TYR A CZ  1 
ATOM   485  O  OH  . TYR A 1 99  ? -12.899 5.957   8.358   1.00 16.80  ? 189 TYR A OH  1 
ATOM   486  N  N   . PHE A 1 100 ? -10.000 3.636   2.751   1.00 11.79  ? 190 PHE A N   1 
ATOM   487  C  CA  . PHE A 1 100 ? -10.917 4.275   1.797   1.00 12.37  ? 190 PHE A CA  1 
ATOM   488  C  C   . PHE A 1 100 ? -12.070 4.896   2.584   1.00 12.51  ? 190 PHE A C   1 
ATOM   489  O  O   . PHE A 1 100 ? -12.712 4.206   3.382   1.00 14.05  ? 190 PHE A O   1 
ATOM   490  C  CB  . PHE A 1 100 ? -11.481 3.243   0.800   1.00 12.50  ? 190 PHE A CB  1 
ATOM   491  C  CG  . PHE A 1 100 ? -10.432 2.584   -0.086  1.00 12.38  ? 190 PHE A CG  1 
ATOM   492  C  CD1 . PHE A 1 100 ? -9.623  1.527   0.359   1.00 12.77  ? 190 PHE A CD1 1 
ATOM   493  C  CD2 . PHE A 1 100 ? -10.266 3.046   -1.390  1.00 16.50  ? 190 PHE A CD2 1 
ATOM   494  C  CE1 . PHE A 1 100 ? -8.682  0.945   -0.461  1.00 13.86  ? 190 PHE A CE1 1 
ATOM   495  C  CE2 . PHE A 1 100 ? -9.339  2.439   -2.228  1.00 16.29  ? 190 PHE A CE2 1 
ATOM   496  C  CZ  . PHE A 1 100 ? -8.556  1.406   -1.761  1.00 16.20  ? 190 PHE A CZ  1 
ATOM   497  N  N   . ARG A 1 101 ? -12.353 6.176   2.382   1.00 15.40  ? 191 ARG A N   1 
ATOM   498  C  CA  . ARG A 1 101 ? -13.410 6.872   3.123   1.00 17.65  ? 191 ARG A CA  1 
ATOM   499  C  C   . ARG A 1 101 ? -14.089 7.850   2.183   1.00 18.54  ? 191 ARG A C   1 
ATOM   500  O  O   . ARG A 1 101 ? -13.372 8.599   1.502   1.00 26.16  ? 191 ARG A O   1 
ATOM   501  C  CB  . ARG A 1 101 ? -12.754 7.652   4.259   1.00 20.46  ? 191 ARG A CB  1 
ATOM   502  C  CG  . ARG A 1 101 ? -13.592 8.642   5.001   1.00 23.87  ? 191 ARG A CG  1 
ATOM   503  C  CD  . ARG A 1 101 ? -13.121 8.986   6.402   1.00 26.29  ? 191 ARG A CD  1 
ATOM   504  N  NE  . ARG A 1 101 ? -12.292 10.172  6.474   1.00 29.27  ? 191 ARG A NE  1 
ATOM   505  C  CZ  . ARG A 1 101 ? -12.564 11.412  6.139   1.00 36.59  ? 191 ARG A CZ  1 
ATOM   506  N  NH1 . ARG A 1 101 ? -13.726 11.797  5.637   1.00 39.54  ? 191 ARG A NH1 1 
ATOM   507  N  NH2 . ARG A 1 101 ? -11.651 12.346  6.302   1.00 45.71  ? 191 ARG A NH2 1 
ATOM   508  N  N   . PHE A 1 102 ? -15.432 7.850   2.158   1.00 15.97  ? 192 PHE A N   1 
ATOM   509  C  CA  . PHE A 1 102 ? -16.095 8.711   1.186   1.00 16.42  ? 192 PHE A CA  1 
ATOM   510  C  C   . PHE A 1 102 ? -17.518 9.013   1.648   1.00 17.48  ? 192 PHE A C   1 
ATOM   511  O  O   . PHE A 1 102 ? -18.109 8.244   2.372   1.00 16.98  ? 192 PHE A O   1 
ATOM   512  C  CB  . PHE A 1 102 ? -16.173 8.097   -0.230  1.00 19.41  ? 192 PHE A CB  1 
ATOM   513  C  CG  . PHE A 1 102 ? -16.776 6.705   -0.303  1.00 21.40  ? 192 PHE A CG  1 
ATOM   514  C  CD1 . PHE A 1 102 ? -18.142 6.519   -0.461  1.00 23.10  ? 192 PHE A CD1 1 
ATOM   515  C  CD2 . PHE A 1 102 ? -15.981 5.564   -0.201  1.00 24.75  ? 192 PHE A CD2 1 
ATOM   516  C  CE1 . PHE A 1 102 ? -18.713 5.265   -0.506  1.00 26.27  ? 192 PHE A CE1 1 
ATOM   517  C  CE2 . PHE A 1 102 ? -16.550 4.284   -0.248  1.00 26.50  ? 192 PHE A CE2 1 
ATOM   518  C  CZ  . PHE A 1 102 ? -17.920 4.117   -0.415  1.00 26.80  ? 192 PHE A CZ  1 
ATOM   519  N  N   . GLN A 1 103 ? -18.026 10.138  1.148   1.00 21.72  ? 193 GLN A N   1 
ATOM   520  C  CA  . GLN A 1 103 ? -19.446 10.389  1.230   1.00 24.59  ? 193 GLN A CA  1 
ATOM   521  C  C   . GLN A 1 103 ? -20.109 9.979   -0.106  1.00 32.37  ? 193 GLN A C   1 
ATOM   522  O  O   . GLN A 1 103 ? -19.466 10.093  -1.161  1.00 34.10  ? 193 GLN A O   1 
ATOM   523  C  CB  . GLN A 1 103 ? -19.739 11.860  1.526   1.00 35.76  ? 193 GLN A CB  1 
ATOM   524  C  CG  . GLN A 1 103 ? -21.238 12.058  1.506   1.00 42.79  ? 193 GLN A CG  1 
ATOM   525  C  CD  . GLN A 1 103 ? -21.804 12.421  2.870   1.00 47.12  ? 193 GLN A CD  1 
ATOM   526  O  OE1 . GLN A 1 103 ? -22.792 11.817  3.323   1.00 56.50  ? 193 GLN A OE1 1 
ATOM   527  N  NE2 . GLN A 1 103 ? -21.175 13.419  3.492   1.00 52.41  ? 193 GLN A NE2 1 
ATOM   528  N  N   . GLU A 1 104 ? -21.331 9.498   -0.053  1.00 31.33  ? 194 GLU A N   1 
ATOM   529  C  CA  . GLU A 1 104 ? -22.137 8.989   -1.141  1.00 33.41  ? 194 GLU A CA  1 
ATOM   530  C  C   . GLU A 1 104 ? -23.086 10.079  -1.664  1.00 39.04  ? 194 GLU A C   1 
ATOM   531  O  O   . GLU A 1 104 ? -23.067 11.168  -1.084  1.00 46.92  ? 194 GLU A O   1 
ATOM   532  C  CB  . GLU A 1 104 ? -22.975 7.784   -0.722  1.00 34.78  ? 194 GLU A CB  1 
ATOM   533  C  CG  . GLU A 1 104 ? -22.259 6.456   -0.706  1.00 37.73  ? 194 GLU A CG  1 
ATOM   534  C  CD  . GLU A 1 104 ? -22.008 5.845   -2.070  1.00 39.71  ? 194 GLU A CD  1 
ATOM   535  O  OE1 . GLU A 1 104 ? -21.662 6.613   -2.999  1.00 42.04  ? 194 GLU A OE1 1 
ATOM   536  O  OE2 . GLU A 1 104 ? -22.129 4.608   -2.210  1.00 40.82  ? 194 GLU A OE2 1 
ATOM   537  N  N   . LYS A 1 107 ? -28.196 9.255   -6.097  1.00 55.74  ? 197 LYS A N   1 
ATOM   538  C  CA  . LYS A 1 107 ? -28.348 9.613   -7.503  1.00 49.48  ? 197 LYS A CA  1 
ATOM   539  C  C   . LYS A 1 107 ? -29.235 8.648   -8.275  1.00 47.91  ? 197 LYS A C   1 
ATOM   540  O  O   . LYS A 1 107 ? -28.869 7.471   -8.384  1.00 46.38  ? 197 LYS A O   1 
ATOM   541  C  CB  . LYS A 1 107 ? -26.970 9.604   -8.190  1.00 58.67  ? 197 LYS A CB  1 
ATOM   542  C  CG  . LYS A 1 107 ? -25.922 8.795   -7.434  1.00 63.67  ? 197 LYS A CG  1 
ATOM   543  C  CD  . LYS A 1 107 ? -26.247 7.318   -7.302  1.00 64.60  ? 197 LYS A CD  1 
ATOM   544  C  CE  . LYS A 1 107 ? -25.668 6.687   -6.052  1.00 64.51  ? 197 LYS A CE  1 
ATOM   545  N  NZ  . LYS A 1 107 ? -25.682 5.195   -6.063  1.00 72.27  ? 197 LYS A NZ  1 
ATOM   546  N  N   . GLU A 1 108 ? -30.354 9.095   -8.836  1.00 43.51  ? 198 GLU A N   1 
ATOM   547  C  CA  . GLU A 1 108 ? -31.194 8.264   -9.691  1.00 42.05  ? 198 GLU A CA  1 
ATOM   548  C  C   . GLU A 1 108 ? -30.385 7.675   -10.852 1.00 37.76  ? 198 GLU A C   1 
ATOM   549  O  O   . GLU A 1 108 ? -29.646 8.400   -11.516 1.00 34.40  ? 198 GLU A O   1 
ATOM   550  C  CB  . GLU A 1 108 ? -32.346 9.065   -10.287 1.00 47.97  ? 198 GLU A CB  1 
ATOM   551  C  CG  . GLU A 1 108 ? -33.760 8.876   -9.792  1.00 56.93  ? 198 GLU A CG  1 
ATOM   552  C  CD  . GLU A 1 108 ? -34.761 9.793   -10.481 1.00 62.32  ? 198 GLU A CD  1 
ATOM   553  O  OE1 . GLU A 1 108 ? -34.336 10.810  -11.084 1.00 67.46  ? 198 GLU A OE1 1 
ATOM   554  O  OE2 . GLU A 1 108 ? -35.992 9.555   -10.462 1.00 74.01  ? 198 GLU A OE2 1 
ATOM   555  N  N   . ASN A 1 109 ? -30.558 6.388   -11.126 1.00 33.16  ? 199 ASN A N   1 
ATOM   556  C  CA  . ASN A 1 109 ? -30.039 5.778   -12.352 1.00 33.35  ? 199 ASN A CA  1 
ATOM   557  C  C   . ASN A 1 109 ? -28.537 5.943   -12.440 1.00 37.05  ? 199 ASN A C   1 
ATOM   558  O  O   . ASN A 1 109 ? -27.956 6.319   -13.461 1.00 43.93  ? 199 ASN A O   1 
ATOM   559  C  CB  . ASN A 1 109 ? -30.630 6.408   -13.623 1.00 30.14  ? 199 ASN A CB  1 
ATOM   560  C  CG  . ASN A 1 109 ? -32.107 6.032   -13.729 1.00 32.13  ? 199 ASN A CG  1 
ATOM   561  O  OD1 . ASN A 1 109 ? -32.487 4.856   -13.791 1.00 37.62  ? 199 ASN A OD1 1 
ATOM   562  N  ND2 . ASN A 1 109 ? -32.933 7.054   -13.718 1.00 32.00  ? 199 ASN A ND2 1 
ATOM   563  N  N   . THR A 1 110 ? -28.002 5.631   -11.260 1.00 38.09  ? 200 THR A N   1 
ATOM   564  C  CA  . THR A 1 110 ? -26.581 5.873   -11.071 1.00 46.29  ? 200 THR A CA  1 
ATOM   565  C  C   . THR A 1 110 ? -26.082 4.806   -10.110 1.00 55.84  ? 200 THR A C   1 
ATOM   566  O  O   . THR A 1 110 ? -26.885 4.278   -9.314  1.00 64.15  ? 200 THR A O   1 
ATOM   567  C  CB  . THR A 1 110 ? -26.382 7.321   -10.591 1.00 48.23  ? 200 THR A CB  1 
ATOM   568  O  OG1 . THR A 1 110 ? -26.844 8.225   -11.614 1.00 42.85  ? 200 THR A OG1 1 
ATOM   569  C  CG2 . THR A 1 110 ? -24.902 7.555   -10.311 1.00 59.45  ? 200 THR A CG2 1 
ATOM   570  N  N   . LYS A 1 111 ? -25.231 3.924   -10.662 1.00 58.30  ? 201 LYS A N   1 
ATOM   571  C  CA  . LYS A 1 111 ? -25.187 2.644   -9.915  1.00 57.94  ? 201 LYS A CA  1 
ATOM   572  C  C   . LYS A 1 111 ? -24.171 2.617   -8.778  1.00 55.43  ? 201 LYS A C   1 
ATOM   573  O  O   . LYS A 1 111 ? -24.278 1.818   -7.821  1.00 55.83  ? 201 LYS A O   1 
ATOM   574  C  CB  . LYS A 1 111 ? -24.980 1.588   -11.003 1.00 62.28  ? 201 LYS A CB  1 
ATOM   575  C  CG  . LYS A 1 111 ? -24.899 0.169   -10.493 1.00 62.07  ? 201 LYS A CG  1 
ATOM   576  C  CD  . LYS A 1 111 ? -25.368 -0.803  -11.561 1.00 64.26  ? 201 LYS A CD  1 
ATOM   577  C  CE  . LYS A 1 111 ? -24.297 -1.874  -11.714 1.00 64.96  ? 201 LYS A CE  1 
ATOM   578  N  NZ  . LYS A 1 111 ? -24.078 -2.215  -13.140 1.00 69.33  ? 201 LYS A NZ  1 
ATOM   579  N  N   . ASN A 1 112 ? -23.184 3.472   -8.849  1.00 50.24  ? 202 ASN A N   1 
ATOM   580  C  CA  . ASN A 1 112 ? -22.096 3.881   -8.002  1.00 46.23  ? 202 ASN A CA  1 
ATOM   581  C  C   . ASN A 1 112 ? -21.306 2.818   -7.254  1.00 41.37  ? 202 ASN A C   1 
ATOM   582  O  O   . ASN A 1 112 ? -20.724 3.148   -6.201  1.00 39.62  ? 202 ASN A O   1 
ATOM   583  C  CB  . ASN A 1 112 ? -22.637 4.896   -6.939  1.00 52.65  ? 202 ASN A CB  1 
ATOM   584  C  CG  . ASN A 1 112 ? -22.758 6.192   -7.739  1.00 59.11  ? 202 ASN A CG  1 
ATOM   585  O  OD1 . ASN A 1 112 ? -21.972 6.314   -8.689  1.00 62.98  ? 202 ASN A OD1 1 
ATOM   586  N  ND2 . ASN A 1 112 ? -23.691 7.052   -7.395  1.00 61.82  ? 202 ASN A ND2 1 
ATOM   587  N  N   . ASP A 1 113 ? -21.261 1.597   -7.778  1.00 34.81  ? 203 ASP A N   1 
ATOM   588  C  CA  . ASP A 1 113 ? -20.503 0.549   -7.101  1.00 27.96  ? 203 ASP A CA  1 
ATOM   589  C  C   . ASP A 1 113 ? -19.008 0.818   -7.173  1.00 25.45  ? 203 ASP A C   1 
ATOM   590  O  O   . ASP A 1 113 ? -18.471 1.199   -8.198  1.00 30.14  ? 203 ASP A O   1 
ATOM   591  C  CB  . ASP A 1 113 ? -20.783 -0.834  -7.721  1.00 29.67  ? 203 ASP A CB  1 
ATOM   592  C  CG  . ASP A 1 113 ? -20.655 -0.844  -9.231  1.00 30.40  ? 203 ASP A CG  1 
ATOM   593  O  OD1 . ASP A 1 113 ? -21.331 -0.012  -9.906  1.00 31.53  ? 203 ASP A OD1 1 
ATOM   594  O  OD2 . ASP A 1 113 ? -19.896 -1.689  -9.782  1.00 29.57  ? 203 ASP A OD2 1 
ATOM   595  N  N   . LYS A 1 114 ? -18.333 0.568   -6.046  1.00 18.97  ? 204 LYS A N   1 
ATOM   596  C  CA  . LYS A 1 114 ? -16.912 0.799   -6.019  1.00 17.67  ? 204 LYS A CA  1 
ATOM   597  C  C   . LYS A 1 114 ? -16.189 -0.515  -5.726  1.00 16.47  ? 204 LYS A C   1 
ATOM   598  O  O   . LYS A 1 114 ? -16.588 -1.222  -4.792  1.00 17.78  ? 204 LYS A O   1 
ATOM   599  C  CB  . LYS A 1 114 ? -16.560 1.821   -4.919  1.00 20.58  ? 204 LYS A CB  1 
ATOM   600  C  CG  . LYS A 1 114 ? -17.059 3.234   -5.252  1.00 25.34  ? 204 LYS A CG  1 
ATOM   601  C  CD  . LYS A 1 114 ? -17.025 4.111   -3.997  1.00 27.52  ? 204 LYS A CD  1 
ATOM   602  C  CE  . LYS A 1 114 ? -17.501 5.512   -4.261  1.00 29.61  ? 204 LYS A CE  1 
ATOM   603  N  NZ  . LYS A 1 114 ? -18.969 5.614   -4.523  1.00 30.11  ? 204 LYS A NZ  1 
ATOM   604  N  N   . GLN A 1 115 ? -15.129 -0.769  -6.521  1.00 14.61  ? 205 GLN A N   1 
ATOM   605  C  CA  . GLN A 1 115 ? -14.154 -1.808  -6.194  1.00 13.94  ? 205 GLN A CA  1 
ATOM   606  C  C   . GLN A 1 115 ? -12.951 -1.155  -5.550  1.00 13.80  ? 205 GLN A C   1 
ATOM   607  O  O   . GLN A 1 115 ? -12.221 -0.438  -6.233  1.00 18.63  ? 205 GLN A O   1 
ATOM   608  C  CB  . GLN A 1 115 ? -13.740 -2.514  -7.490  1.00 16.43  ? 205 GLN A CB  1 
ATOM   609  C  CG  . GLN A 1 115 ? -14.957 -3.157  -8.158  1.00 21.27  ? 205 GLN A CG  1 
ATOM   610  C  CD  . GLN A 1 115 ? -14.560 -3.943  -9.398  1.00 27.79  ? 205 GLN A CD  1 
ATOM   611  O  OE1 . GLN A 1 115 ? -15.387 -4.659  -9.984  1.00 39.19  ? 205 GLN A OE1 1 
ATOM   612  N  NE2 . GLN A 1 115 ? -13.320 -3.794  -9.799  1.00 34.65  ? 205 GLN A NE2 1 
ATOM   613  N  N   . MET A 1 116 ? -12.742 -1.378  -4.256  1.00 11.92  ? 206 MET A N   1 
ATOM   614  C  CA  . MET A 1 116 ? -11.607 -0.810  -3.544  1.00 11.41  ? 206 MET A CA  1 
ATOM   615  C  C   . MET A 1 116 ? -10.568 -1.913  -3.389  1.00 11.40  ? 206 MET A C   1 
ATOM   616  O  O   . MET A 1 116 ? -10.859 -2.876  -2.681  1.00 12.09  ? 206 MET A O   1 
ATOM   617  C  CB  . MET A 1 116 ? -12.104 -0.307  -2.190  1.00 12.17  ? 206 MET A CB  1 
ATOM   618  C  CG  . MET A 1 116 ? -13.031 0.922   -2.374  1.00 12.86  ? 206 MET A CG  1 
ATOM   619  S  SD  . MET A 1 116 ? -14.050 1.206   -0.901  1.00 14.35  ? 206 MET A SD  1 
ATOM   620  C  CE  . MET A 1 116 ? -15.254 -0.118  -1.034  1.00 13.46  ? 206 MET A CE  1 
ATOM   621  N  N   . VAL A 1 117 ? -9.442  -1.783  -4.075  1.00 9.72   ? 207 VAL A N   1 
ATOM   622  C  CA  . VAL A 1 117 ? -8.426  -2.835  -4.089  1.00 9.53   ? 207 VAL A CA  1 
ATOM   623  C  C   . VAL A 1 117 ? -7.065  -2.232  -3.693  1.00 10.03  ? 207 VAL A C   1 
ATOM   624  O  O   . VAL A 1 117 ? -6.700  -1.147  -4.165  1.00 10.46  ? 207 VAL A O   1 
ATOM   625  C  CB  . VAL A 1 117 ? -8.315  -3.498  -5.468  1.00 10.40  ? 207 VAL A CB  1 
ATOM   626  C  CG1 . VAL A 1 117 ? -7.433  -4.746  -5.418  1.00 12.72  ? 207 VAL A CG1 1 
ATOM   627  C  CG2 . VAL A 1 117 ? -9.720  -3.828  -6.032  1.00 12.41  ? 207 VAL A CG2 1 
ATOM   628  N  N   . GLN A 1 118 ? -6.373  -2.976  -2.826  1.00 9.26   ? 208 GLN A N   1 
ATOM   629  C  CA  . GLN A 1 118 ? -4.983  -2.624  -2.478  1.00 8.87   ? 208 GLN A CA  1 
ATOM   630  C  C   . GLN A 1 118 ? -4.072  -3.684  -3.072  1.00 8.96   ? 208 GLN A C   1 
ATOM   631  O  O   . GLN A 1 118 ? -4.306  -4.890  -2.875  1.00 9.90   ? 208 GLN A O   1 
ATOM   632  C  CB  . GLN A 1 118 ? -4.853  -2.582  -0.935  1.00 9.11   ? 208 GLN A CB  1 
ATOM   633  C  CG  . GLN A 1 118 ? -3.475  -2.079  -0.473  1.00 9.31   ? 208 GLN A CG  1 
ATOM   634  C  CD  . GLN A 1 118 ? -3.088  -2.635  0.890   1.00 8.92   ? 208 GLN A CD  1 
ATOM   635  O  OE1 . GLN A 1 118 ? -2.264  -3.553  1.007   1.00 10.30  ? 208 GLN A OE1 1 
ATOM   636  N  NE2 . GLN A 1 118 ? -3.740  -2.109  1.962   1.00 9.79   ? 208 GLN A NE2 1 
ATOM   637  N  N   . TYR A 1 119 ? -3.041  -3.218  -3.776  1.00 8.95   ? 209 TYR A N   1 
ATOM   638  C  CA  . TYR A 1 119 ? -2.037  -4.057  -4.379  1.00 8.81   ? 209 TYR A CA  1 
ATOM   639  C  C   . TYR A 1 119 ? -0.643  -3.777  -3.755  1.00 8.64   ? 209 TYR A C   1 
ATOM   640  O  O   . TYR A 1 119 ? -0.348  -2.580  -3.551  1.00 10.33  ? 209 TYR A O   1 
ATOM   641  C  CB  . TYR A 1 119 ? -1.917  -3.722  -5.873  1.00 9.78   ? 209 TYR A CB  1 
ATOM   642  C  CG  . TYR A 1 119 ? -3.184  -3.882  -6.691  1.00 10.12  ? 209 TYR A CG  1 
ATOM   643  C  CD1 . TYR A 1 119 ? -3.610  -5.105  -7.159  1.00 11.43  ? 209 TYR A CD1 1 
ATOM   644  C  CD2 . TYR A 1 119 ? -3.949  -2.760  -7.003  1.00 11.86  ? 209 TYR A CD2 1 
ATOM   645  C  CE1 . TYR A 1 119 ? -4.753  -5.285  -7.923  1.00 13.70  ? 209 TYR A CE1 1 
ATOM   646  C  CE2 . TYR A 1 119 ? -5.080  -2.912  -7.754  1.00 14.11  ? 209 TYR A CE2 1 
ATOM   647  C  CZ  . TYR A 1 119 ? -5.497  -4.148  -8.216  1.00 15.53  ? 209 TYR A CZ  1 
ATOM   648  O  OH  . TYR A 1 119 ? -6.664  -4.222  -8.965  1.00 20.01  ? 209 TYR A OH  1 
ATOM   649  N  N   . ILE A 1 120 ? 0.138   -4.823  -3.477  1.00 8.57   ? 210 ILE A N   1 
ATOM   650  C  CA  . ILE A 1 120 ? 1.515   -4.638  -3.029  1.00 8.45   ? 210 ILE A CA  1 
ATOM   651  C  C   . ILE A 1 120 ? 2.393   -5.318  -4.074  1.00 8.22   ? 210 ILE A C   1 
ATOM   652  O  O   . ILE A 1 120 ? 2.214   -6.513  -4.369  1.00 9.35   ? 210 ILE A O   1 
ATOM   653  C  CB  . ILE A 1 120 ? 1.745   -5.206  -1.614  1.00 9.14   ? 210 ILE A CB  1 
ATOM   654  C  CG1 . ILE A 1 120 ? 0.852   -4.464  -0.613  1.00 9.38   ? 210 ILE A CG1 1 
ATOM   655  C  CG2 . ILE A 1 120 ? 3.223   -5.105  -1.269  1.00 10.54  ? 210 ILE A CG2 1 
ATOM   656  C  CD1 . ILE A 1 120 ? 0.832   -5.035  0.817   1.00 10.99  ? 210 ILE A CD1 1 
ATOM   657  N  N   . TYR A 1 121 ? 3.236   -4.500  -4.669  1.00 9.08   ? 211 TYR A N   1 
ATOM   658  C  CA  . TYR A 1 121 ? 4.074   -4.866  -5.788  1.00 9.39   ? 211 TYR A CA  1 
ATOM   659  C  C   . TYR A 1 121 ? 5.569   -4.845  -5.417  1.00 9.19   ? 211 TYR A C   1 
ATOM   660  O  O   . TYR A 1 121 ? 5.994   -4.116  -4.510  1.00 10.51  ? 211 TYR A O   1 
ATOM   661  C  CB  . TYR A 1 121 ? 3.912   -3.820  -6.918  1.00 10.18  ? 211 TYR A CB  1 
ATOM   662  C  CG  . TYR A 1 121 ? 2.728   -4.105  -7.825  1.00 10.44  ? 211 TYR A CG  1 
ATOM   663  C  CD1 . TYR A 1 121 ? 2.825   -5.047  -8.840  1.00 11.09  ? 211 TYR A CD1 1 
ATOM   664  C  CD2 . TYR A 1 121 ? 1.493   -3.445  -7.658  1.00 10.55  ? 211 TYR A CD2 1 
ATOM   665  C  CE1 . TYR A 1 121 ? 1.748   -5.330  -9.686  1.00 11.83  ? 211 TYR A CE1 1 
ATOM   666  C  CE2 . TYR A 1 121 ? 0.405   -3.733  -8.487  1.00 11.31  ? 211 TYR A CE2 1 
ATOM   667  C  CZ  . TYR A 1 121 ? 0.540   -4.658  -9.502  1.00 12.39  ? 211 TYR A CZ  1 
ATOM   668  O  OH  . TYR A 1 121 ? -0.567  -4.954  -10.315 1.00 14.98  ? 211 TYR A OH  1 
ATOM   669  N  N   . LYS A 1 122 ? 6.339   -5.610  -6.186  1.00 10.62  ? 212 LYS A N   1 
ATOM   670  C  CA  . LYS A 1 122 ? 7.804   -5.626  -6.096  1.00 11.71  ? 212 LYS A CA  1 
ATOM   671  C  C   . LYS A 1 122 ? 8.459   -5.348  -7.445  1.00 11.40  ? 212 LYS A C   1 
ATOM   672  O  O   . LYS A 1 122 ? 8.077   -5.953  -8.450  1.00 13.82  ? 212 LYS A O   1 
ATOM   673  C  CB  . LYS A 1 122 ? 8.249   -7.041  -5.641  1.00 13.46  ? 212 LYS A CB  1 
ATOM   674  C  CG  . LYS A 1 122 ? 9.761   -7.247  -5.615  1.00 12.98  ? 212 LYS A CG  1 
ATOM   675  C  CD  . LYS A 1 122 ? 10.057  -8.693  -5.254  1.00 15.05  ? 212 LYS A CD  1 
ATOM   676  C  CE  . LYS A 1 122 ? 9.784   -9.742  -6.325  1.00 15.03  ? 212 LYS A CE  1 
ATOM   677  N  NZ  . LYS A 1 122 ? 10.330  -11.093 -5.930  1.00 16.12  ? 212 LYS A NZ  1 
ATOM   678  N  N   . TYR A 1 123 ? 9.471   -4.479  -7.452  1.00 11.50  ? 213 TYR A N   1 
ATOM   679  C  CA  . TYR A 1 123 ? 10.409  -4.463  -8.545  1.00 12.64  ? 213 TYR A CA  1 
ATOM   680  C  C   . TYR A 1 123 ? 11.672  -5.210  -8.182  1.00 13.75  ? 213 TYR A C   1 
ATOM   681  O  O   . TYR A 1 123 ? 12.241  -4.959  -7.108  1.00 15.21  ? 213 TYR A O   1 
ATOM   682  C  CB  . TYR A 1 123 ? 10.818  -3.048  -8.909  1.00 16.16  ? 213 TYR A CB  1 
ATOM   683  C  CG  . TYR A 1 123 ? 9.952   -2.339  -9.914  1.00 18.99  ? 213 TYR A CG  1 
ATOM   684  C  CD1 . TYR A 1 123 ? 9.876   -2.754  -11.242 1.00 21.66  ? 213 TYR A CD1 1 
ATOM   685  C  CD2 . TYR A 1 123 ? 9.192   -1.240  -9.521  1.00 21.12  ? 213 TYR A CD2 1 
ATOM   686  C  CE1 . TYR A 1 123 ? 9.095   -2.091  -12.146 1.00 26.05  ? 213 TYR A CE1 1 
ATOM   687  C  CE2 . TYR A 1 123 ? 8.390   -0.573  -10.428 1.00 25.88  ? 213 TYR A CE2 1 
ATOM   688  C  CZ  . TYR A 1 123 ? 8.349   -1.000  -11.741 1.00 29.01  ? 213 TYR A CZ  1 
ATOM   689  O  OH  . TYR A 1 123 ? 7.554   -0.351  -12.660 1.00 37.66  ? 213 TYR A OH  1 
ATOM   690  N  N   . THR A 1 124 ? 12.115  -6.109  -9.044  1.00 14.03  ? 214 THR A N   1 
ATOM   691  C  CA  . THR A 1 124 ? 13.389  -6.813  -8.810  1.00 14.87  ? 214 THR A CA  1 
ATOM   692  C  C   . THR A 1 124 ? 14.150  -6.740  -10.118 1.00 17.74  ? 214 THR A C   1 
ATOM   693  O  O   . THR A 1 124 ? 13.885  -5.810  -10.881 1.00 18.13  ? 214 THR A O   1 
ATOM   694  C  CB  . THR A 1 124 ? 13.101  -8.233  -8.259  1.00 16.86  ? 214 THR A CB  1 
ATOM   695  O  OG1 . THR A 1 124 ? 14.363  -8.856  -7.966  1.00 18.67  ? 214 THR A OG1 1 
ATOM   696  C  CG2 . THR A 1 124 ? 12.331  -9.168  -9.214  1.00 17.64  ? 214 THR A CG2 1 
ATOM   697  N  N   . SER A 1 125 ? 15.039  -7.671  -10.404 1.00 18.30  ? 215 SER A N   1 
ATOM   698  C  CA  . SER A 1 125 ? 15.823  -7.673  -11.640 1.00 20.10  ? 215 SER A CA  1 
ATOM   699  C  C   . SER A 1 125 ? 14.999  -8.370  -12.732 1.00 21.92  ? 215 SER A C   1 
ATOM   700  O  O   . SER A 1 125 ? 15.382  -9.453  -13.213 1.00 26.59  ? 215 SER A O   1 
ATOM   701  C  CB  A SER A 1 125 ? 17.157  -8.380  -11.471 0.50 21.73  ? 215 SER A CB  1 
ATOM   702  C  CB  B SER A 1 125 ? 17.148  -8.394  -11.452 0.50 21.91  ? 215 SER A CB  1 
ATOM   703  O  OG  A SER A 1 125 ? 18.053  -7.620  -10.681 0.50 22.70  ? 215 SER A OG  1 
ATOM   704  O  OG  B SER A 1 125 ? 16.858  -9.583  -10.733 0.50 29.43  ? 215 SER A OG  1 
ATOM   705  N  N   . TYR A 1 126 ? 13.889  -7.760  -13.042 1.00 20.37  ? 216 TYR A N   1 
ATOM   706  C  CA  . TYR A 1 126 ? 12.954  -8.199  -14.070 1.00 22.43  ? 216 TYR A CA  1 
ATOM   707  C  C   . TYR A 1 126 ? 12.299  -6.935  -14.604 1.00 22.30  ? 216 TYR A C   1 
ATOM   708  O  O   . TYR A 1 126 ? 12.137  -5.965  -13.854 1.00 22.08  ? 216 TYR A O   1 
ATOM   709  C  CB  . TYR A 1 126 ? 11.974  -9.180  -13.451 1.00 23.06  ? 216 TYR A CB  1 
ATOM   710  C  CG  . TYR A 1 126 ? 11.013  -9.847  -14.384 1.00 24.61  ? 216 TYR A CG  1 
ATOM   711  C  CD1 . TYR A 1 126 ? 11.500  -10.881 -15.182 1.00 26.14  ? 216 TYR A CD1 1 
ATOM   712  C  CD2 . TYR A 1 126 ? 9.673   -9.504  -14.477 1.00 27.90  ? 216 TYR A CD2 1 
ATOM   713  C  CE1 . TYR A 1 126 ? 10.647  -11.537 -16.060 1.00 28.56  ? 216 TYR A CE1 1 
ATOM   714  C  CE2 . TYR A 1 126 ? 8.804   -10.161 -15.359 1.00 31.42  ? 216 TYR A CE2 1 
ATOM   715  C  CZ  . TYR A 1 126 ? 9.316   -11.176 -16.140 1.00 31.83  ? 216 TYR A CZ  1 
ATOM   716  O  OH  . TYR A 1 126 ? 8.545   -11.871 -17.030 1.00 37.50  ? 216 TYR A OH  1 
ATOM   717  N  N   . PRO A 1 127 ? 11.921  -6.874  -15.863 1.00 24.65  ? 217 PRO A N   1 
ATOM   718  C  CA  . PRO A 1 127 ? 11.385  -5.621  -16.412 1.00 26.58  ? 217 PRO A CA  1 
ATOM   719  C  C   . PRO A 1 127 ? 10.056  -5.149  -15.859 1.00 26.24  ? 217 PRO A C   1 
ATOM   720  O  O   . PRO A 1 127 ? 9.799   -3.939  -15.854 1.00 36.79  ? 217 PRO A O   1 
ATOM   721  C  CB  . PRO A 1 127 ? 11.167  -5.942  -17.910 1.00 30.60  ? 217 PRO A CB  1 
ATOM   722  C  CG  . PRO A 1 127 ? 12.105  -7.071  -18.144 1.00 29.39  ? 217 PRO A CG  1 
ATOM   723  C  CD  . PRO A 1 127 ? 12.042  -7.921  -16.910 1.00 26.08  ? 217 PRO A CD  1 
ATOM   724  N  N   . ALA A 1 128 ? 9.197   -6.049  -15.405 1.00 21.38  ? 218 ALA A N   1 
ATOM   725  C  CA  . ALA A 1 128 ? 7.857   -5.612  -15.013 1.00 18.67  ? 218 ALA A CA  1 
ATOM   726  C  C   . ALA A 1 128 ? 7.706   -5.714  -13.510 1.00 16.03  ? 218 ALA A C   1 
ATOM   727  O  O   . ALA A 1 128 ? 8.332   -6.562  -12.881 1.00 15.49  ? 218 ALA A O   1 
ATOM   728  C  CB  . ALA A 1 128 ? 6.853   -6.520  -15.717 1.00 21.36  ? 218 ALA A CB  1 
ATOM   729  N  N   . PRO A 1 129 ? 6.854   -4.889  -12.870 1.00 16.35  ? 219 PRO A N   1 
ATOM   730  C  CA  . PRO A 1 129 ? 6.630   -5.060  -11.456 1.00 15.28  ? 219 PRO A CA  1 
ATOM   731  C  C   . PRO A 1 129 ? 5.867   -6.385  -11.245 1.00 14.09  ? 219 PRO A C   1 
ATOM   732  O  O   . PRO A 1 129 ? 5.091   -6.816  -12.124 1.00 17.48  ? 219 PRO A O   1 
ATOM   733  C  CB  . PRO A 1 129 ? 5.708   -3.900  -11.120 1.00 17.97  ? 219 PRO A CB  1 
ATOM   734  C  CG  . PRO A 1 129 ? 5.009   -3.576  -12.403 1.00 20.23  ? 219 PRO A CG  1 
ATOM   735  C  CD  . PRO A 1 129 ? 6.073   -3.777  -13.453 1.00 18.04  ? 219 PRO A CD  1 
ATOM   736  N  N   . ILE A 1 130 ? 6.097   -6.990  -10.100 1.00 11.94  ? 220 ILE A N   1 
ATOM   737  C  CA  . ILE A 1 130 ? 5.534   -8.301  -9.770  1.00 11.74  ? 220 ILE A CA  1 
ATOM   738  C  C   . ILE A 1 130 ? 4.552   -8.139  -8.616  1.00 11.26  ? 220 ILE A C   1 
ATOM   739  O  O   . ILE A 1 130 ? 4.927   -7.692  -7.534  1.00 11.19  ? 220 ILE A O   1 
ATOM   740  C  CB  . ILE A 1 130 ? 6.644   -9.309  -9.468  1.00 13.63  ? 220 ILE A CB  1 
ATOM   741  C  CG1 . ILE A 1 130 ? 7.550   -9.574  -10.700 1.00 17.59  ? 220 ILE A CG1 1 
ATOM   742  C  CG2 . ILE A 1 130 ? 6.095   -10.641 -8.928  1.00 16.06  ? 220 ILE A CG2 1 
ATOM   743  C  CD1 . ILE A 1 130 ? 8.898   -10.131 -10.343 1.00 21.46  ? 220 ILE A CD1 1 
ATOM   744  N  N   . LEU A 1 131 ? 3.297   -8.503  -8.829  1.00 10.97  ? 221 LEU A N   1 
ATOM   745  C  CA  . LEU A 1 131 ? 2.309   -8.389  -7.748  1.00 10.19  ? 221 LEU A CA  1 
ATOM   746  C  C   . LEU A 1 131 ? 2.578   -9.445  -6.697  1.00 9.67   ? 221 LEU A C   1 
ATOM   747  O  O   . LEU A 1 131 ? 2.688   -10.649 -7.022  1.00 11.56  ? 221 LEU A O   1 
ATOM   748  C  CB  . LEU A 1 131 ? 0.902   -8.604  -8.387  1.00 10.63  ? 221 LEU A CB  1 
ATOM   749  C  CG  . LEU A 1 131 ? -0.271  -8.479  -7.362  1.00 11.05  ? 221 LEU A CG  1 
ATOM   750  C  CD1 . LEU A 1 131 ? -0.289  -7.099  -6.705  1.00 12.05  ? 221 LEU A CD1 1 
ATOM   751  C  CD2 . LEU A 1 131 ? -1.581  -8.719  -8.094  1.00 13.96  ? 221 LEU A CD2 1 
ATOM   752  N  N   . LEU A 1 132 ? 2.686   -9.001  -5.446  1.00 9.29   ? 222 LEU A N   1 
ATOM   753  C  CA  . LEU A 1 132 ? 2.840   -9.930  -4.329  1.00 8.99   ? 222 LEU A CA  1 
ATOM   754  C  C   . LEU A 1 132 ? 1.494   -10.280 -3.679  1.00 8.99   ? 222 LEU A C   1 
ATOM   755  O  O   . LEU A 1 132 ? 1.244   -11.455 -3.389  1.00 11.32  ? 222 LEU A O   1 
ATOM   756  C  CB  . LEU A 1 132 ? 3.739   -9.346  -3.252  1.00 9.52   ? 222 LEU A CB  1 
ATOM   757  C  CG  . LEU A 1 132 ? 5.130   -8.955  -3.728  1.00 10.14  ? 222 LEU A CG  1 
ATOM   758  C  CD1 . LEU A 1 132 ? 5.930   -8.482  -2.504  1.00 13.61  ? 222 LEU A CD1 1 
ATOM   759  C  CD2 . LEU A 1 132 ? 5.811   -10.092 -4.437  1.00 13.08  ? 222 LEU A CD2 1 
ATOM   760  N  N   . MET A 1 133 ? 0.667   -9.262  -3.421  1.00 9.37   ? 223 MET A N   1 
ATOM   761  C  CA  . MET A 1 133 ? -0.571  -9.442  -2.631  1.00 9.70   ? 223 MET A CA  1 
ATOM   762  C  C   . MET A 1 133 ? -1.635  -8.478  -3.128  1.00 9.46   ? 223 MET A C   1 
ATOM   763  O  O   . MET A 1 133 ? -1.345  -7.320  -3.488  1.00 10.05  ? 223 MET A O   1 
ATOM   764  C  CB  . MET A 1 133 ? -0.352  -9.094  -1.147  1.00 11.15  ? 223 MET A CB  1 
ATOM   765  C  CG  . MET A 1 133 ? 0.576   -10.081 -0.435  1.00 11.77  ? 223 MET A CG  1 
ATOM   766  S  SD  . MET A 1 133 ? 0.922   -9.538  1.270   1.00 11.19  ? 223 MET A SD  1 
ATOM   767  C  CE  . MET A 1 133 ? 2.268   -8.393  1.022   1.00 11.34  ? 223 MET A CE  1 
ATOM   768  N  N   . LYS A 1 134 ? -2.870  -8.977  -3.141  1.00 9.12   ? 224 LYS A N   1 
ATOM   769  C  CA  . LYS A 1 134 ? -3.999  -8.065  -3.422  1.00 9.89   ? 224 LYS A CA  1 
ATOM   770  C  C   . LYS A 1 134 ? -5.128  -8.338  -2.444  1.00 9.28   ? 224 LYS A C   1 
ATOM   771  O  O   . LYS A 1 134 ? -5.376  -9.507  -2.097  1.00 10.24  ? 224 LYS A O   1 
ATOM   772  C  CB  . LYS A 1 134 ? -4.475  -8.218  -4.848  1.00 13.97  ? 224 LYS A CB  1 
ATOM   773  C  CG  . LYS A 1 134 ? -5.144  -9.481  -5.256  1.00 19.33  ? 224 LYS A CG  1 
ATOM   774  C  CD  . LYS A 1 134 ? -5.753  -9.298  -6.670  1.00 27.64  ? 224 LYS A CD  1 
ATOM   775  C  CE  . LYS A 1 134 ? -7.235  -9.668  -6.591  1.00 33.90  ? 224 LYS A CE  1 
ATOM   776  N  NZ  . LYS A 1 134 ? -7.411  -11.112 -6.233  1.00 47.17  ? 224 LYS A NZ  1 
ATOM   777  N  N   . SER A 1 135 ? -5.852  -7.281  -2.037  1.00 9.11   ? 225 SER A N   1 
ATOM   778  C  CA  . SER A 1 135 ? -6.971  -7.370  -1.104  1.00 9.35   ? 225 SER A CA  1 
ATOM   779  C  C   . SER A 1 135 ? -8.074  -6.422  -1.568  1.00 9.36   ? 225 SER A C   1 
ATOM   780  O  O   . SER A 1 135 ? -7.770  -5.295  -1.926  1.00 10.65  ? 225 SER A O   1 
ATOM   781  C  CB  A SER A 1 135 ? -6.450  -7.014  0.293   0.30 10.79  ? 225 SER A CB  1 
ATOM   782  C  CB  B SER A 1 135 ? -6.480  -7.042  0.321   0.70 9.31   ? 225 SER A CB  1 
ATOM   783  O  OG  A SER A 1 135 ? -6.096  -5.639  0.272   0.30 17.18  ? 225 SER A OG  1 
ATOM   784  O  OG  B SER A 1 135 ? -7.587  -7.105  1.224   0.70 7.46   ? 225 SER A OG  1 
ATOM   785  N  N   . ALA A 1 136 ? -9.314  -6.911  -1.625  1.00 10.39  ? 226 ALA A N   1 
ATOM   786  C  CA  . ALA A 1 136 ? -10.408 -6.150  -2.232  1.00 10.39  ? 226 ALA A CA  1 
ATOM   787  C  C   . ALA A 1 136 ? -11.669 -6.120  -1.377  1.00 10.61  ? 226 ALA A C   1 
ATOM   788  O  O   . ALA A 1 136 ? -11.970 -7.042  -0.595  1.00 11.62  ? 226 ALA A O   1 
ATOM   789  C  CB  . ALA A 1 136 ? -10.785 -6.743  -3.603  1.00 12.91  ? 226 ALA A CB  1 
ATOM   790  N  N   . ARG A 1 137 ? -12.398 -5.016  -1.550  1.00 11.12  ? 227 ARG A N   1 
ATOM   791  C  CA  . ARG A 1 137 ? -13.736 -4.833  -0.995  1.00 11.13  ? 227 ARG A CA  1 
ATOM   792  C  C   . ARG A 1 137 ? -14.621 -4.190  -2.043  1.00 10.76  ? 227 ARG A C   1 
ATOM   793  O  O   . ARG A 1 137 ? -14.130 -3.403  -2.859  1.00 13.36  ? 227 ARG A O   1 
ATOM   794  C  CB  A ARG A 1 137 ? -13.756 -3.958  0.254   0.50 12.05  ? 227 ARG A CB  1 
ATOM   795  C  CB  B ARG A 1 137 ? -13.720 -3.900  0.214   0.50 12.18  ? 227 ARG A CB  1 
ATOM   796  C  CG  A ARG A 1 137 ? -13.236 -4.654  1.509   0.50 14.03  ? 227 ARG A CG  1 
ATOM   797  C  CG  B ARG A 1 137 ? -12.618 -4.209  1.220   0.50 13.88  ? 227 ARG A CG  1 
ATOM   798  C  CD  A ARG A 1 137 ? -14.148 -5.748  2.015   0.50 15.63  ? 227 ARG A CD  1 
ATOM   799  C  CD  B ARG A 1 137 ? -12.917 -5.431  2.073   0.50 15.40  ? 227 ARG A CD  1 
ATOM   800  N  NE  A ARG A 1 137 ? -15.457 -5.228  2.391   0.50 18.97  ? 227 ARG A NE  1 
ATOM   801  N  NE  B ARG A 1 137 ? -11.907 -5.519  3.174   0.50 12.32  ? 227 ARG A NE  1 
ATOM   802  C  CZ  A ARG A 1 137 ? -16.616 -5.279  1.755   0.50 14.85  ? 227 ARG A CZ  1 
ATOM   803  C  CZ  B ARG A 1 137 ? -10.645 -5.890  2.940   0.50 11.47  ? 227 ARG A CZ  1 
ATOM   804  N  NH1 A ARG A 1 137 ? -16.716 -5.874  0.595   0.50 10.36  ? 227 ARG A NH1 1 
ATOM   805  N  NH1 B ARG A 1 137 ? -10.220 -6.213  1.749   0.50 5.85   ? 227 ARG A NH1 1 
ATOM   806  N  NH2 A ARG A 1 137 ? -17.702 -4.718  2.293   0.50 16.59  ? 227 ARG A NH2 1 
ATOM   807  N  NH2 B ARG A 1 137 ? -9.850  -5.912  4.002   0.50 14.94  ? 227 ARG A NH2 1 
ATOM   808  N  N   . ASN A 1 138 ? -15.899 -4.468  -1.982  1.00 12.83  ? 228 ASN A N   1 
ATOM   809  C  CA  . ASN A 1 138 ? -16.899 -3.671  -2.680  1.00 11.27  ? 228 ASN A CA  1 
ATOM   810  C  C   . ASN A 1 138 ? -17.640 -2.758  -1.709  1.00 11.67  ? 228 ASN A C   1 
ATOM   811  O  O   . ASN A 1 138 ? -17.775 -3.108  -0.538  1.00 14.14  ? 228 ASN A O   1 
ATOM   812  C  CB  . ASN A 1 138 ? -17.934 -4.534  -3.428  1.00 12.71  ? 228 ASN A CB  1 
ATOM   813  C  CG  . ASN A 1 138 ? -18.765 -5.389  -2.517  1.00 13.04  ? 228 ASN A CG  1 
ATOM   814  O  OD1 . ASN A 1 138 ? -18.389 -6.459  -2.054  1.00 14.08  ? 228 ASN A OD1 1 
ATOM   815  N  ND2 . ASN A 1 138 ? -19.967 -4.901  -2.163  1.00 13.64  ? 228 ASN A ND2 1 
ATOM   816  N  N   . SER A 1 139 ? -18.127 -1.618  -2.189  1.00 11.87  ? 229 SER A N   1 
ATOM   817  C  CA  . SER A 1 139 ? -18.917 -0.733  -1.317  1.00 12.86  ? 229 SER A CA  1 
ATOM   818  C  C   . SER A 1 139 ? -20.330 -1.277  -1.214  1.00 13.72  ? 229 SER A C   1 
ATOM   819  O  O   . SER A 1 139 ? -20.817 -2.050  -2.051  1.00 14.04  ? 229 SER A O   1 
ATOM   820  C  CB  . SER A 1 139 ? -18.886 0.678   -1.903  1.00 15.20  ? 229 SER A CB  1 
ATOM   821  O  OG  . SER A 1 139 ? -19.450 0.624   -3.215  1.00 18.26  ? 229 SER A OG  1 
ATOM   822  N  N   . CYS A 1 140 ? -21.023 -0.874  -0.151  1.00 13.11  ? 230 CYS A N   1 
ATOM   823  C  CA  . CYS A 1 140 ? -22.435 -1.213  0.044   1.00 12.52  ? 230 CYS A CA  1 
ATOM   824  C  C   . CYS A 1 140 ? -23.272 -0.819  -1.177  1.00 13.61  ? 230 CYS A C   1 
ATOM   825  O  O   . CYS A 1 140 ? -23.115 0.310   -1.686  1.00 15.01  ? 230 CYS A O   1 
ATOM   826  C  CB  . CYS A 1 140 ? -22.970 -0.499  1.294   1.00 13.04  ? 230 CYS A CB  1 
ATOM   827  S  SG  . CYS A 1 140 ? -24.704 -0.919  1.677   1.00 12.94  ? 230 CYS A SG  1 
ATOM   828  N  N   . TRP A 1 141 ? -24.148 -1.733  -1.629  1.00 12.53  ? 231 TRP A N   1 
ATOM   829  C  CA  . TRP A 1 141 ? -24.964 -1.465  -2.808  1.00 13.53  ? 231 TRP A CA  1 
ATOM   830  C  C   . TRP A 1 141 ? -26.240 -0.726  -2.503  1.00 14.29  ? 231 TRP A C   1 
ATOM   831  O  O   . TRP A 1 141 ? -27.006 -0.320  -3.411  1.00 16.98  ? 231 TRP A O   1 
ATOM   832  C  CB  . TRP A 1 141 ? -25.323 -2.796  -3.482  1.00 14.01  ? 231 TRP A CB  1 
ATOM   833  C  CG  . TRP A 1 141 ? -24.166 -3.507  -4.122  1.00 13.35  ? 231 TRP A CG  1 
ATOM   834  C  CD1 . TRP A 1 141 ? -23.278 -4.372  -3.507  1.00 13.68  ? 231 TRP A CD1 1 
ATOM   835  C  CD2 . TRP A 1 141 ? -23.766 -3.432  -5.484  1.00 13.24  ? 231 TRP A CD2 1 
ATOM   836  N  NE1 . TRP A 1 141 ? -22.345 -4.841  -4.409  1.00 13.04  ? 231 TRP A NE1 1 
ATOM   837  C  CE2 . TRP A 1 141 ? -22.648 -4.259  -5.659  1.00 14.35  ? 231 TRP A CE2 1 
ATOM   838  C  CE3 . TRP A 1 141 ? -24.269 -2.745  -6.599  1.00 14.99  ? 231 TRP A CE3 1 
ATOM   839  C  CZ2 . TRP A 1 141 ? -22.022 -4.398  -6.902  1.00 15.56  ? 231 TRP A CZ2 1 
ATOM   840  C  CZ3 . TRP A 1 141 ? -23.666 -2.879  -7.811  1.00 15.76  ? 231 TRP A CZ3 1 
ATOM   841  C  CH2 . TRP A 1 141 ? -22.545 -3.702  -7.980  1.00 17.89  ? 231 TRP A CH2 1 
ATOM   842  N  N   . SER A 1 142 ? -26.578 -0.515  -1.248  1.00 14.31  ? 232 SER A N   1 
ATOM   843  C  CA  . SER A 1 142 ? -27.842 0.134   -0.925  1.00 15.67  ? 232 SER A CA  1 
ATOM   844  C  C   . SER A 1 142 ? -27.904 1.567   -1.398  1.00 15.34  ? 232 SER A C   1 
ATOM   845  O  O   . SER A 1 142 ? -26.990 2.378   -1.244  1.00 16.83  ? 232 SER A O   1 
ATOM   846  C  CB  . SER A 1 142 ? -27.989 0.219   0.600   1.00 16.53  ? 232 SER A CB  1 
ATOM   847  O  OG  . SER A 1 142 ? -29.229 0.880   0.873   1.00 17.88  ? 232 SER A OG  1 
ATOM   848  N  N   . LYS A 1 143 ? -29.073 1.877   -1.973  1.00 19.96  ? 233 LYS A N   1 
ATOM   849  C  CA  . LYS A 1 143 ? -29.289 3.252   -2.398  1.00 22.86  ? 233 LYS A CA  1 
ATOM   850  C  C   . LYS A 1 143 ? -29.429 4.184   -1.192  1.00 21.86  ? 233 LYS A C   1 
ATOM   851  O  O   . LYS A 1 143 ? -29.387 5.404   -1.387  1.00 28.01  ? 233 LYS A O   1 
ATOM   852  C  CB  . LYS A 1 143 ? -30.539 3.321   -3.279  1.00 25.63  ? 233 LYS A CB  1 
ATOM   853  C  CG  . LYS A 1 143 ? -31.809 2.959   -2.473  1.00 26.96  ? 233 LYS A CG  1 
ATOM   854  C  CD  . LYS A 1 143 ? -32.977 3.570   -3.260  1.00 32.02  ? 233 LYS A CD  1 
ATOM   855  C  CE  . LYS A 1 143 ? -34.326 3.212   -2.651  1.00 35.78  ? 233 LYS A CE  1 
ATOM   856  N  NZ  . LYS A 1 143 ? -34.306 1.831   -2.065  1.00 58.67  ? 233 LYS A NZ  1 
ATOM   857  N  N   . ASP A 1 144 ? -29.572 3.625   0.011   1.00 20.35  ? 234 ASP A N   1 
ATOM   858  C  CA  . ASP A 1 144 ? -29.587 4.449   1.230   1.00 20.07  ? 234 ASP A CA  1 
ATOM   859  C  C   . ASP A 1 144 ? -28.164 4.736   1.748   1.00 18.66  ? 234 ASP A C   1 
ATOM   860  O  O   . ASP A 1 144 ? -27.973 5.412   2.799   1.00 19.08  ? 234 ASP A O   1 
ATOM   861  C  CB  . ASP A 1 144 ? -30.424 3.758   2.313   1.00 21.03  ? 234 ASP A CB  1 
ATOM   862  C  CG  . ASP A 1 144 ? -31.918 3.793   2.051   1.00 25.39  ? 234 ASP A CG  1 
ATOM   863  O  OD1 . ASP A 1 144 ? -32.394 4.627   1.242   1.00 30.68  ? 234 ASP A OD1 1 
ATOM   864  O  OD2 . ASP A 1 144 ? -32.672 2.983   2.646   1.00 33.26  ? 234 ASP A OD2 1 
ATOM   865  N  N   . ALA A 1 145 ? -27.125 4.220   1.082   1.00 17.36  ? 235 ALA A N   1 
ATOM   866  C  CA  . ALA A 1 145 ? -25.771 4.439   1.630   1.00 15.55  ? 235 ALA A CA  1 
ATOM   867  C  C   . ALA A 1 145 ? -25.387 5.906   1.565   1.00 17.88  ? 235 ALA A C   1 
ATOM   868  O  O   . ALA A 1 145 ? -25.431 6.483   0.494   1.00 24.21  ? 235 ALA A O   1 
ATOM   869  C  CB  . ALA A 1 145 ? -24.772 3.585   0.870   1.00 15.43  ? 235 ALA A CB  1 
ATOM   870  N  N   . GLU A 1 146 ? -25.023 6.536   2.668   1.00 16.02  ? 236 GLU A N   1 
ATOM   871  C  CA  . GLU A 1 146 ? -24.669 7.959   2.696   1.00 15.90  ? 236 GLU A CA  1 
ATOM   872  C  C   . GLU A 1 146 ? -23.139 8.146   2.802   1.00 15.07  ? 236 GLU A C   1 
ATOM   873  O  O   . GLU A 1 146 ? -22.670 9.236   2.480   1.00 20.00  ? 236 GLU A O   1 
ATOM   874  C  CB  . GLU A 1 146 ? -25.319 8.603   3.914   1.00 16.94  ? 236 GLU A CB  1 
ATOM   875  C  CG  . GLU A 1 146 ? -26.831 8.523   3.884   1.00 20.31  ? 236 GLU A CG  1 
ATOM   876  C  CD  . GLU A 1 146 ? -27.598 9.205   4.991   1.00 22.43  ? 236 GLU A CD  1 
ATOM   877  O  OE1 . GLU A 1 146 ? -26.967 9.873   5.826   1.00 26.80  ? 236 GLU A OE1 1 
ATOM   878  O  OE2 . GLU A 1 146 ? -28.848 9.065   5.052   1.00 25.42  ? 236 GLU A OE2 1 
ATOM   879  N  N   . TYR A 1 147 ? -22.418 7.124   3.261   1.00 14.09  ? 237 TYR A N   1 
ATOM   880  C  CA  . TYR A 1 147 ? -20.954 7.197   3.366   1.00 14.16  ? 237 TYR A CA  1 
ATOM   881  C  C   . TYR A 1 147 ? -20.402 5.755   3.405   1.00 12.94  ? 237 TYR A C   1 
ATOM   882  O  O   . TYR A 1 147 ? -21.151 4.799   3.598   1.00 13.52  ? 237 TYR A O   1 
ATOM   883  C  CB  . TYR A 1 147 ? -20.441 8.012   4.570   1.00 16.48  ? 237 TYR A CB  1 
ATOM   884  C  CG  . TYR A 1 147 ? -20.887 7.499   5.923   1.00 15.84  ? 237 TYR A CG  1 
ATOM   885  C  CD1 . TYR A 1 147 ? -20.267 6.466   6.608   1.00 16.81  ? 237 TYR A CD1 1 
ATOM   886  C  CD2 . TYR A 1 147 ? -21.972 8.103   6.581   1.00 16.72  ? 237 TYR A CD2 1 
ATOM   887  C  CE1 . TYR A 1 147 ? -20.672 5.993   7.838   1.00 18.47  ? 237 TYR A CE1 1 
ATOM   888  C  CE2 . TYR A 1 147 ? -22.385 7.659   7.826   1.00 16.75  ? 237 TYR A CE2 1 
ATOM   889  C  CZ  . TYR A 1 147 ? -21.750 6.605   8.452   1.00 17.50  ? 237 TYR A CZ  1 
ATOM   890  O  OH  . TYR A 1 147 ? -22.169 6.156   9.670   1.00 22.39  ? 237 TYR A OH  1 
ATOM   891  N  N   . GLY A 1 148 ? -19.076 5.716   3.238   1.00 12.92  ? 238 GLY A N   1 
ATOM   892  C  CA  . GLY A 1 148 ? -18.391 4.404   3.283   1.00 13.29  ? 238 GLY A CA  1 
ATOM   893  C  C   . GLY A 1 148 ? -17.056 4.595   4.006   1.00 11.32  ? 238 GLY A C   1 
ATOM   894  O  O   . GLY A 1 148 ? -16.343 5.566   3.804   1.00 14.02  ? 238 GLY A O   1 
ATOM   895  N  N   . LEU A 1 149 ? -16.773 3.612   4.881   1.00 10.98  ? 239 LEU A N   1 
ATOM   896  C  CA  . LEU A 1 149 ? -15.527 3.523   5.663   1.00 11.15  ? 239 LEU A CA  1 
ATOM   897  C  C   . LEU A 1 149 ? -14.967 2.115   5.377   1.00 10.39  ? 239 LEU A C   1 
ATOM   898  O  O   . LEU A 1 149 ? -15.624 1.161   5.834   1.00 11.59  ? 239 LEU A O   1 
ATOM   899  C  CB  . LEU A 1 149 ? -15.751 3.728   7.156   1.00 11.56  ? 239 LEU A CB  1 
ATOM   900  C  CG  . LEU A 1 149 ? -16.687 4.847   7.581   1.00 13.32  ? 239 LEU A CG  1 
ATOM   901  C  CD1 . LEU A 1 149 ? -16.810 4.786   9.112   1.00 16.25  ? 239 LEU A CD1 1 
ATOM   902  C  CD2 . LEU A 1 149 ? -16.105 6.168   7.110   1.00 15.89  ? 239 LEU A CD2 1 
ATOM   903  N  N   . TYR A 1 150 ? -13.870 2.013   4.640   1.00 10.86  ? 240 TYR A N   1 
ATOM   904  C  CA  . TYR A 1 150 ? -13.349 0.700   4.266   1.00 11.49  ? 240 TYR A CA  1 
ATOM   905  C  C   . TYR A 1 150 ? -11.817 0.707   4.470   1.00 11.53  ? 240 TYR A C   1 
ATOM   906  O  O   . TYR A 1 150 ? -11.039 0.998   3.559   1.00 13.19  ? 240 TYR A O   1 
ATOM   907  C  CB  . TYR A 1 150 ? -13.646 0.348   2.777   1.00 12.33  ? 240 TYR A CB  1 
ATOM   908  C  CG  . TYR A 1 150 ? -15.140 0.255   2.565   1.00 12.22  ? 240 TYR A CG  1 
ATOM   909  C  CD1 . TYR A 1 150 ? -15.855 1.420   2.256   1.00 12.61  ? 240 TYR A CD1 1 
ATOM   910  C  CD2 . TYR A 1 150 ? -15.855 -0.924  2.685   1.00 12.98  ? 240 TYR A CD2 1 
ATOM   911  C  CE1 . TYR A 1 150 ? -17.233 1.419   2.051   1.00 14.36  ? 240 TYR A CE1 1 
ATOM   912  C  CE2 . TYR A 1 150 ? -17.224 -0.940  2.488   1.00 14.56  ? 240 TYR A CE2 1 
ATOM   913  C  CZ  . TYR A 1 150 ? -17.921 0.221   2.160   1.00 14.67  ? 240 TYR A CZ  1 
ATOM   914  O  OH  . TYR A 1 150 ? -19.299 0.185   1.997   1.00 16.63  ? 240 TYR A OH  1 
ATOM   915  N  N   . SER A 1 151 ? -11.366 0.379   5.663   1.00 10.21  ? 241 SER A N   1 
ATOM   916  C  CA  . SER A 1 151 ? -9.918  0.204   5.901   1.00 9.81   ? 241 SER A CA  1 
ATOM   917  C  C   . SER A 1 151 ? -9.551  -1.208  5.411   1.00 9.90   ? 241 SER A C   1 
ATOM   918  O  O   . SER A 1 151 ? -10.187 -2.196  5.860   1.00 14.51  ? 241 SER A O   1 
ATOM   919  C  CB  . SER A 1 151 ? -9.600  0.263   7.398   1.00 10.61  ? 241 SER A CB  1 
ATOM   920  O  OG  . SER A 1 151 ? -9.880  1.567   7.888   1.00 11.94  ? 241 SER A OG  1 
ATOM   921  N  N   . ILE A 1 152 ? -8.522  -1.288  4.580   1.00 9.34   ? 242 ILE A N   1 
ATOM   922  C  CA  . ILE A 1 152 ? -8.008  -2.565  4.068   1.00 8.63   ? 242 ILE A CA  1 
ATOM   923  C  C   . ILE A 1 152 ? -6.593  -2.791  4.567   1.00 8.37   ? 242 ILE A C   1 
ATOM   924  O  O   . ILE A 1 152 ? -5.706  -1.972  4.252   1.00 9.74   ? 242 ILE A O   1 
ATOM   925  C  CB  . ILE A 1 152 ? -8.037  -2.572  2.522   1.00 9.78   ? 242 ILE A CB  1 
ATOM   926  C  CG1 . ILE A 1 152 ? -9.510  -2.479  2.050   1.00 11.31  ? 242 ILE A CG1 1 
ATOM   927  C  CG2 . ILE A 1 152 ? -7.326  -3.813  2.033   1.00 11.14  ? 242 ILE A CG2 1 
ATOM   928  C  CD1 . ILE A 1 152 ? -9.603  -2.516  0.516   1.00 17.01  ? 242 ILE A CD1 1 
ATOM   929  N  N   . TYR A 1 153 ? -6.398  -3.880  5.304   1.00 8.98   ? 243 TYR A N   1 
ATOM   930  C  CA  . TYR A 1 153 ? -5.100  -4.310  5.790   1.00 8.76   ? 243 TYR A CA  1 
ATOM   931  C  C   . TYR A 1 153 ? -4.804  -5.646  5.073   1.00 8.75   ? 243 TYR A C   1 
ATOM   932  O  O   . TYR A 1 153 ? -5.631  -6.557  5.166   1.00 10.15  ? 243 TYR A O   1 
ATOM   933  C  CB  . TYR A 1 153 ? -5.066  -4.476  7.339   1.00 9.11   ? 243 TYR A CB  1 
ATOM   934  C  CG  . TYR A 1 153 ? -3.725  -5.026  7.815   1.00 9.46   ? 243 TYR A CG  1 
ATOM   935  C  CD1 . TYR A 1 153 ? -3.409  -6.391  7.792   1.00 9.38   ? 243 TYR A CD1 1 
ATOM   936  C  CD2 . TYR A 1 153 ? -2.713  -4.171  8.277   1.00 9.46   ? 243 TYR A CD2 1 
ATOM   937  C  CE1 . TYR A 1 153 ? -2.210  -6.922  8.186   1.00 9.46   ? 243 TYR A CE1 1 
ATOM   938  C  CE2 . TYR A 1 153 ? -1.485  -4.681  8.692   1.00 8.88   ? 243 TYR A CE2 1 
ATOM   939  C  CZ  . TYR A 1 153 ? -1.250  -6.037  8.648   1.00 9.16   ? 243 TYR A CZ  1 
ATOM   940  O  OH  . TYR A 1 153 ? -0.031  -6.550  9.040   1.00 10.65  ? 243 TYR A OH  1 
ATOM   941  N  N   . GLN A 1 154 ? -3.551  -5.846  4.639   1.00 8.69   ? 244 GLN A N   1 
ATOM   942  C  CA  . GLN A 1 154 ? -3.058  -7.187  4.332   1.00 8.49   ? 244 GLN A CA  1 
ATOM   943  C  C   . GLN A 1 154 ? -1.570  -7.221  4.593   1.00 7.80   ? 244 GLN A C   1 
ATOM   944  O  O   . GLN A 1 154 ? -0.897  -6.172  4.664   1.00 8.80   ? 244 GLN A O   1 
ATOM   945  C  CB  . GLN A 1 154 ? -3.306  -7.608  2.886   1.00 9.31   ? 244 GLN A CB  1 
ATOM   946  C  CG  . GLN A 1 154 ? -2.461  -6.812  1.883   1.00 11.00  ? 244 GLN A CG  1 
ATOM   947  C  CD  . GLN A 1 154 ? -2.862  -7.089  0.413   1.00 9.63   ? 244 GLN A CD  1 
ATOM   948  O  OE1 . GLN A 1 154 ? -3.346  -8.157  0.095   1.00 9.84   ? 244 GLN A OE1 1 
ATOM   949  N  NE2 . GLN A 1 154 ? -2.668  -6.052  -0.403  1.00 9.65   ? 244 GLN A NE2 1 
ATOM   950  N  N   . GLY A 1 155 ? -1.043  -8.434  4.734   1.00 8.37   ? 245 GLY A N   1 
ATOM   951  C  CA  . GLY A 1 155 ? 0.412   -8.584  4.788   1.00 9.16   ? 245 GLY A CA  1 
ATOM   952  C  C   . GLY A 1 155 ? 0.805   -10.039 4.540   1.00 8.02   ? 245 GLY A C   1 
ATOM   953  O  O   . GLY A 1 155 ? -0.068  -10.929 4.523   1.00 9.47   ? 245 GLY A O   1 
ATOM   954  N  N   . GLY A 1 156 ? 2.086   -10.280 4.401   1.00 8.13   ? 246 GLY A N   1 
ATOM   955  C  CA  . GLY A 1 156 ? 2.563   -11.653 4.149   1.00 9.30   ? 246 GLY A CA  1 
ATOM   956  C  C   . GLY A 1 156 ? 4.087   -11.664 4.036   1.00 8.35   ? 246 GLY A C   1 
ATOM   957  O  O   . GLY A 1 156 ? 4.708   -10.595 3.984   1.00 9.21   ? 246 GLY A O   1 
ATOM   958  N  N   . ILE A 1 157 ? 4.666   -12.863 4.059   1.00 9.32   ? 247 ILE A N   1 
ATOM   959  C  CA  . ILE A 1 157 ? 6.114   -12.958 4.038   1.00 9.87   ? 247 ILE A CA  1 
ATOM   960  C  C   . ILE A 1 157 ? 6.625   -13.314 2.652   1.00 10.70  ? 247 ILE A C   1 
ATOM   961  O  O   . ILE A 1 157 ? 6.089   -14.246 2.037   1.00 11.14  ? 247 ILE A O   1 
ATOM   962  C  CB  . ILE A 1 157 ? 6.607   -14.080 4.985   1.00 13.19  ? 247 ILE A CB  1 
ATOM   963  C  CG1 . ILE A 1 157 ? 6.036   -14.071 6.369   1.00 13.97  ? 247 ILE A CG1 1 
ATOM   964  C  CG2 . ILE A 1 157 ? 8.155   -14.024 4.994   1.00 16.93  ? 247 ILE A CG2 1 
ATOM   965  C  CD1 . ILE A 1 157 ? 6.081   -15.475 6.969   1.00 18.30  ? 247 ILE A CD1 1 
ATOM   966  N  N   . PHE A 1 158 ? 7.617   -12.545 2.174   1.00 10.95  ? 248 PHE A N   1 
ATOM   967  C  CA  . PHE A 1 158 ? 8.203   -12.716 0.846   1.00 10.80  ? 248 PHE A CA  1 
ATOM   968  C  C   . PHE A 1 158 ? 9.712   -12.657 0.906   1.00 11.71  ? 248 PHE A C   1 
ATOM   969  O  O   . PHE A 1 158 ? 10.299  -11.875 1.687   1.00 12.76  ? 248 PHE A O   1 
ATOM   970  C  CB  . PHE A 1 158 ? 7.672   -11.604 -0.123  1.00 11.41  ? 248 PHE A CB  1 
ATOM   971  C  CG  . PHE A 1 158 ? 6.173   -11.763 -0.349  1.00 11.82  ? 248 PHE A CG  1 
ATOM   972  C  CD1 . PHE A 1 158 ? 5.274   -11.202 0.577   1.00 12.38  ? 248 PHE A CD1 1 
ATOM   973  C  CD2 . PHE A 1 158 ? 5.682   -12.525 -1.402  1.00 12.72  ? 248 PHE A CD2 1 
ATOM   974  C  CE1 . PHE A 1 158 ? 3.916   -11.452 0.461   1.00 12.17  ? 248 PHE A CE1 1 
ATOM   975  C  CE2 . PHE A 1 158 ? 4.305   -12.729 -1.557  1.00 12.18  ? 248 PHE A CE2 1 
ATOM   976  C  CZ  . PHE A 1 158 ? 3.425   -12.218 -0.606  1.00 12.50  ? 248 PHE A CZ  1 
ATOM   977  N  N   . GLU A 1 159 ? 10.333  -13.482 0.041   1.00 12.21  ? 249 GLU A N   1 
ATOM   978  C  CA  . GLU A 1 159 ? 11.805  -13.406 -0.073  1.00 13.92  ? 249 GLU A CA  1 
ATOM   979  C  C   . GLU A 1 159 ? 12.190  -12.247 -0.944  1.00 13.06  ? 249 GLU A C   1 
ATOM   980  O  O   . GLU A 1 159 ? 11.754  -12.144 -2.102  1.00 15.69  ? 249 GLU A O   1 
ATOM   981  C  CB  . GLU A 1 159 ? 12.389  -14.700 -0.652  1.00 17.94  ? 249 GLU A CB  1 
ATOM   982  C  CG  . GLU A 1 159 ? 13.921  -14.594 -0.506  1.00 29.24  ? 249 GLU A CG  1 
ATOM   983  C  CD  . GLU A 1 159 ? 14.570  -15.769 0.172   1.00 37.58  ? 249 GLU A CD  1 
ATOM   984  O  OE1 . GLU A 1 159 ? 14.529  -16.919 -0.345  1.00 48.54  ? 249 GLU A OE1 1 
ATOM   985  O  OE2 . GLU A 1 159 ? 15.157  -15.603 1.280   1.00 55.28  ? 249 GLU A OE2 1 
ATOM   986  N  N   . LEU A 1 160 ? 13.011  -11.352 -0.403  1.00 12.39  ? 250 LEU A N   1 
ATOM   987  C  CA  . LEU A 1 160 ? 13.434  -10.193 -1.174  1.00 12.74  ? 250 LEU A CA  1 
ATOM   988  C  C   . LEU A 1 160 ? 14.959  -10.148 -1.309  1.00 13.11  ? 250 LEU A C   1 
ATOM   989  O  O   . LEU A 1 160 ? 15.674  -10.676 -0.448  1.00 16.50  ? 250 LEU A O   1 
ATOM   990  C  CB  . LEU A 1 160 ? 12.973  -8.882  -0.529  1.00 12.02  ? 250 LEU A CB  1 
ATOM   991  C  CG  . LEU A 1 160 ? 11.480  -8.733  -0.238  1.00 11.82  ? 250 LEU A CG  1 
ATOM   992  C  CD1 . LEU A 1 160 ? 11.184  -7.411  0.473   1.00 14.38  ? 250 LEU A CD1 1 
ATOM   993  C  CD2 . LEU A 1 160 ? 10.708  -8.830  -1.557  1.00 14.01  ? 250 LEU A CD2 1 
ATOM   994  N  N   . LYS A 1 161 ? 15.403  -9.551  -2.400  1.00 12.84  ? 251 LYS A N   1 
ATOM   995  C  CA  . LYS A 1 161 ? 16.837  -9.423  -2.678  1.00 14.09  ? 251 LYS A CA  1 
ATOM   996  C  C   . LYS A 1 161 ? 17.285  -7.991  -2.422  1.00 13.62  ? 251 LYS A C   1 
ATOM   997  O  O   . LYS A 1 161 ? 16.473  -7.072  -2.483  1.00 13.21  ? 251 LYS A O   1 
ATOM   998  C  CB  . LYS A 1 161 ? 17.134  -9.786  -4.158  1.00 15.54  ? 251 LYS A CB  1 
ATOM   999  C  CG  . LYS A 1 161 ? 16.816  -11.250 -4.517  1.00 19.57  ? 251 LYS A CG  1 
ATOM   1000 C  CD  . LYS A 1 161 ? 17.333  -11.516 -5.928  1.00 23.84  ? 251 LYS A CD  1 
ATOM   1001 C  CE  . LYS A 1 161 ? 17.015  -12.873 -6.485  1.00 30.06  ? 251 LYS A CE  1 
ATOM   1002 N  NZ  . LYS A 1 161 ? 16.859  -13.904 -5.441  1.00 45.53  ? 251 LYS A NZ  1 
ATOM   1003 N  N   . GLU A 1 162 ? 18.597  -7.794  -2.137  1.00 14.51  ? 252 GLU A N   1 
ATOM   1004 C  CA  . GLU A 1 162 ? 19.143  -6.453  -2.104  1.00 14.58  ? 252 GLU A CA  1 
ATOM   1005 C  C   . GLU A 1 162 ? 18.752  -5.661  -3.345  1.00 14.38  ? 252 GLU A C   1 
ATOM   1006 O  O   . GLU A 1 162 ? 18.860  -6.187  -4.447  1.00 15.87  ? 252 GLU A O   1 
ATOM   1007 C  CB  . GLU A 1 162 ? 20.680  -6.498  -2.099  1.00 15.66  ? 252 GLU A CB  1 
ATOM   1008 C  CG  . GLU A 1 162 ? 21.297  -5.108  -1.955  1.00 20.39  ? 252 GLU A CG  1 
ATOM   1009 C  CD  . GLU A 1 162 ? 22.767  -5.220  -1.561  1.00 26.87  ? 252 GLU A CD  1 
ATOM   1010 O  OE1 . GLU A 1 162 ? 23.191  -6.375  -1.267  1.00 37.14  ? 252 GLU A OE1 1 
ATOM   1011 O  OE2 . GLU A 1 162 ? 23.448  -4.172  -1.498  1.00 30.06  ? 252 GLU A OE2 1 
ATOM   1012 N  N   . ASN A 1 163 ? 18.320  -4.421  -3.184  1.00 14.74  ? 253 ASN A N   1 
ATOM   1013 C  CA  . ASN A 1 163 ? 17.894  -3.449  -4.185  1.00 13.60  ? 253 ASN A CA  1 
ATOM   1014 C  C   . ASN A 1 163 ? 16.520  -3.752  -4.762  1.00 14.75  ? 253 ASN A C   1 
ATOM   1015 O  O   . ASN A 1 163 ? 16.086  -3.022  -5.655  1.00 15.19  ? 253 ASN A O   1 
ATOM   1016 C  CB  . ASN A 1 163 ? 18.934  -3.342  -5.339  1.00 17.89  ? 253 ASN A CB  1 
ATOM   1017 C  CG  . ASN A 1 163 ? 20.271  -2.862  -4.774  1.00 20.59  ? 253 ASN A CG  1 
ATOM   1018 O  OD1 . ASN A 1 163 ? 20.286  -1.955  -3.937  1.00 24.84  ? 253 ASN A OD1 1 
ATOM   1019 N  ND2 . ASN A 1 163 ? 21.360  -3.469  -5.274  1.00 29.19  ? 253 ASN A ND2 1 
ATOM   1020 N  N   . ASP A 1 164 ? 15.815  -4.772  -4.277  1.00 12.98  ? 254 ASP A N   1 
ATOM   1021 C  CA  . ASP A 1 164 ? 14.380  -4.868  -4.641  1.00 11.51  ? 254 ASP A CA  1 
ATOM   1022 C  C   . ASP A 1 164 ? 13.650  -3.628  -4.100  1.00 11.81  ? 254 ASP A C   1 
ATOM   1023 O  O   . ASP A 1 164 ? 14.079  -2.995  -3.118  1.00 12.38  ? 254 ASP A O   1 
ATOM   1024 C  CB  . ASP A 1 164 ? 13.744  -6.126  -4.045  1.00 12.59  ? 254 ASP A CB  1 
ATOM   1025 C  CG  . ASP A 1 164 ? 14.139  -7.391  -4.810  1.00 13.46  ? 254 ASP A CG  1 
ATOM   1026 O  OD1 . ASP A 1 164 ? 14.822  -7.322  -5.870  1.00 14.68  ? 254 ASP A OD1 1 
ATOM   1027 O  OD2 . ASP A 1 164 ? 13.676  -8.468  -4.333  1.00 14.92  ? 254 ASP A OD2 1 
ATOM   1028 N  N   . ARG A 1 165 ? 12.539  -3.272  -4.742  1.00 11.54  ? 255 ARG A N   1 
ATOM   1029 C  CA  . ARG A 1 165 ? 11.759  -2.102  -4.397  1.00 12.09  ? 255 ARG A CA  1 
ATOM   1030 C  C   . ARG A 1 165 ? 10.304  -2.524  -4.188  1.00 11.78  ? 255 ARG A C   1 
ATOM   1031 O  O   . ARG A 1 165 ? 9.763   -3.225  -5.051  1.00 15.02  ? 255 ARG A O   1 
ATOM   1032 C  CB  . ARG A 1 165 ? 11.850  -1.038  -5.488  1.00 15.96  ? 255 ARG A CB  1 
ATOM   1033 C  CG  . ARG A 1 165 ? 13.243  -0.612  -5.830  1.00 18.49  ? 255 ARG A CG  1 
ATOM   1034 C  CD  . ARG A 1 165 ? 13.447  -0.116  -7.253  1.00 25.56  ? 255 ARG A CD  1 
ATOM   1035 N  NE  . ARG A 1 165 ? 12.484  0.605   -8.001  1.00 28.42  ? 255 ARG A NE  1 
ATOM   1036 C  CZ  . ARG A 1 165 ? 12.073  0.679   -9.254  1.00 31.26  ? 255 ARG A CZ  1 
ATOM   1037 N  NH1 . ARG A 1 165 ? 12.616  -0.111  -10.188 1.00 34.53  ? 255 ARG A NH1 1 
ATOM   1038 N  NH2 . ARG A 1 165 ? 11.106  1.505   -9.712  1.00 31.08  ? 255 ARG A NH2 1 
ATOM   1039 N  N   . ILE A 1 166 ? 9.666   -2.140  -3.098  1.00 11.14  ? 256 ILE A N   1 
ATOM   1040 C  CA  . ILE A 1 166 ? 8.263   -2.564  -2.874  1.00 11.33  ? 256 ILE A CA  1 
ATOM   1041 C  C   . ILE A 1 166 ? 7.385   -1.354  -2.794  1.00 10.48  ? 256 ILE A C   1 
ATOM   1042 O  O   . ILE A 1 166 ? 7.787   -0.300  -2.266  1.00 11.12  ? 256 ILE A O   1 
ATOM   1043 C  CB  A ILE A 1 166 ? 8.214   -3.282  -1.501  0.50 12.00  ? 256 ILE A CB  1 
ATOM   1044 C  CB  B ILE A 1 166 ? 8.150   -3.494  -1.659  0.50 12.05  ? 256 ILE A CB  1 
ATOM   1045 C  CG1 A ILE A 1 166 ? 9.358   -4.282  -1.252  0.50 12.18  ? 256 ILE A CG1 1 
ATOM   1046 C  CG1 B ILE A 1 166 ? 8.813   -2.927  -0.413  0.50 12.24  ? 256 ILE A CG1 1 
ATOM   1047 C  CG2 A ILE A 1 166 ? 6.907   -4.008  -1.287  0.50 12.86  ? 256 ILE A CG2 1 
ATOM   1048 C  CG2 B ILE A 1 166 ? 8.708   -4.869  -2.043  0.50 14.48  ? 256 ILE A CG2 1 
ATOM   1049 C  CD1 A ILE A 1 166 ? 9.301   -5.437  -2.253  0.50 14.74  ? 256 ILE A CD1 1 
ATOM   1050 C  CD1 B ILE A 1 166 ? 8.537   -3.803  0.791   0.50 11.69  ? 256 ILE A CD1 1 
ATOM   1051 N  N   . PHE A 1 167 ? 6.171   -1.454  -3.365  1.00 9.77   ? 257 PHE A N   1 
ATOM   1052 C  CA  . PHE A 1 167 ? 5.281   -0.295  -3.285  1.00 9.79   ? 257 PHE A CA  1 
ATOM   1053 C  C   . PHE A 1 167 ? 3.832   -0.746  -3.177  1.00 9.28   ? 257 PHE A C   1 
ATOM   1054 O  O   . PHE A 1 167 ? 3.523   -1.913  -3.433  1.00 9.95   ? 257 PHE A O   1 
ATOM   1055 C  CB  . PHE A 1 167 ? 5.504   0.606   -4.485  1.00 11.17  ? 257 PHE A CB  1 
ATOM   1056 C  CG  . PHE A 1 167 ? 5.180   0.068   -5.856  1.00 11.39  ? 257 PHE A CG  1 
ATOM   1057 C  CD1 . PHE A 1 167 ? 3.898   0.152   -6.384  1.00 12.61  ? 257 PHE A CD1 1 
ATOM   1058 C  CD2 . PHE A 1 167 ? 6.200   -0.521  -6.612  1.00 12.55  ? 257 PHE A CD2 1 
ATOM   1059 C  CE1 . PHE A 1 167 ? 3.624   -0.257  -7.687  1.00 12.56  ? 257 PHE A CE1 1 
ATOM   1060 C  CE2 . PHE A 1 167 ? 5.920   -0.957  -7.899  1.00 13.12  ? 257 PHE A CE2 1 
ATOM   1061 C  CZ  . PHE A 1 167 ? 4.645   -0.801  -8.461  1.00 13.12  ? 257 PHE A CZ  1 
ATOM   1062 N  N   . VAL A 1 168 ? 2.992   0.220   -2.782  1.00 9.44   ? 258 VAL A N   1 
ATOM   1063 C  CA  . VAL A 1 168 ? 1.537   -0.005  -2.662  1.00 9.17   ? 258 VAL A CA  1 
ATOM   1064 C  C   . VAL A 1 168 ? 0.806   0.760   -3.763  1.00 8.95   ? 258 VAL A C   1 
ATOM   1065 O  O   . VAL A 1 168 ? 1.143   1.933   -3.976  1.00 11.09  ? 258 VAL A O   1 
ATOM   1066 C  CB  . VAL A 1 168 ? 1.049   0.431   -1.291  1.00 9.63   ? 258 VAL A CB  1 
ATOM   1067 C  CG1 . VAL A 1 168 ? -0.442  0.094   -1.124  1.00 11.00  ? 258 VAL A CG1 1 
ATOM   1068 C  CG2 . VAL A 1 168 ? 1.854   -0.241  -0.175  1.00 9.83   ? 258 VAL A CG2 1 
ATOM   1069 N  N   . SER A 1 169 ? -0.167  0.108   -4.400  1.00 9.96   ? 259 SER A N   1 
ATOM   1070 C  CA  . SER A 1 169 ? -1.049  0.809   -5.333  1.00 10.81  ? 259 SER A CA  1 
ATOM   1071 C  C   . SER A 1 169 ? -2.490  0.507   -4.975  1.00 10.56  ? 259 SER A C   1 
ATOM   1072 O  O   . SER A 1 169 ? -2.791  -0.519  -4.342  1.00 11.60  ? 259 SER A O   1 
ATOM   1073 C  CB  A SER A 1 169 ? -0.688  0.449   -6.768  0.50 13.22  ? 259 SER A CB  1 
ATOM   1074 C  CB  B SER A 1 169 ? -0.787  0.256   -6.738  0.50 11.72  ? 259 SER A CB  1 
ATOM   1075 O  OG  A SER A 1 169 ? -1.122  -0.840  -7.093  0.50 15.22  ? 259 SER A OG  1 
ATOM   1076 O  OG  B SER A 1 169 ? 0.567   0.514   -7.069  0.50 11.61  ? 259 SER A OG  1 
ATOM   1077 N  N   . VAL A 1 170 ? -3.379  1.409   -5.378  1.00 10.60  ? 260 VAL A N   1 
ATOM   1078 C  CA  . VAL A 1 170 ? -4.777  1.257   -5.030  1.00 10.09  ? 260 VAL A CA  1 
ATOM   1079 C  C   . VAL A 1 170 ? -5.649  1.644   -6.223  1.00 11.45  ? 260 VAL A C   1 
ATOM   1080 O  O   . VAL A 1 170 ? -5.273  2.466   -7.071  1.00 13.21  ? 260 VAL A O   1 
ATOM   1081 C  CB  . VAL A 1 170 ? -5.193  2.167   -3.840  1.00 11.56  ? 260 VAL A CB  1 
ATOM   1082 C  CG1 . VAL A 1 170 ? -4.553  1.600   -2.544  1.00 13.47  ? 260 VAL A CG1 1 
ATOM   1083 C  CG2 . VAL A 1 170 ? -4.793  3.623   -4.047  1.00 13.88  ? 260 VAL A CG2 1 
ATOM   1084 N  N   . THR A 1 171 ? -6.854  1.075   -6.263  1.00 10.72  ? 261 THR A N   1 
ATOM   1085 C  CA  . THR A 1 171 ? -7.890  1.664   -7.119  1.00 12.61  ? 261 THR A CA  1 
ATOM   1086 C  C   . THR A 1 171 ? -8.529  2.833   -6.372  1.00 14.22  ? 261 THR A C   1 
ATOM   1087 O  O   . THR A 1 171 ? -8.283  2.978   -5.143  1.00 15.12  ? 261 THR A O   1 
ATOM   1088 C  CB  . THR A 1 171 ? -8.983  0.633   -7.450  1.00 13.21  ? 261 THR A CB  1 
ATOM   1089 O  OG1 . THR A 1 171 ? -9.566  0.250   -6.215  1.00 14.62  ? 261 THR A OG1 1 
ATOM   1090 C  CG2 . THR A 1 171 ? -8.363  -0.583  -8.148  1.00 15.80  ? 261 THR A CG2 1 
ATOM   1091 N  N   . ASN A 1 172 ? -9.318  3.636   -7.061  1.00 15.72  ? 262 ASN A N   1 
ATOM   1092 C  CA  . ASN A 1 172 ? -10.030 4.742   -6.413  1.00 18.08  ? 262 ASN A CA  1 
ATOM   1093 C  C   . ASN A 1 172 ? -9.143  5.569   -5.509  1.00 19.26  ? 262 ASN A C   1 
ATOM   1094 O  O   . ASN A 1 172 ? -9.525  5.796   -4.368  1.00 18.08  ? 262 ASN A O   1 
ATOM   1095 C  CB  . ASN A 1 172 ? -11.208 4.142   -5.624  1.00 20.16  ? 262 ASN A CB  1 
ATOM   1096 C  CG  . ASN A 1 172 ? -12.264 3.656   -6.588  1.00 22.15  ? 262 ASN A CG  1 
ATOM   1097 O  OD1 . ASN A 1 172 ? -12.808 4.528   -7.281  1.00 28.15  ? 262 ASN A OD1 1 
ATOM   1098 N  ND2 . ASN A 1 172 ? -12.568 2.379   -6.688  1.00 25.07  ? 262 ASN A ND2 1 
ATOM   1099 N  N   . GLU A 1 173 ? -7.956  5.953   -5.990  1.00 18.37  ? 263 GLU A N   1 
ATOM   1100 C  CA  . GLU A 1 173 ? -7.035  6.606   -5.067  1.00 19.64  ? 263 GLU A CA  1 
ATOM   1101 C  C   . GLU A 1 173 ? -7.553  7.913   -4.478  1.00 19.34  ? 263 GLU A C   1 
ATOM   1102 O  O   . GLU A 1 173 ? -7.147  8.420   -3.445  1.00 20.55  ? 263 GLU A O   1 
ATOM   1103 C  CB  . GLU A 1 173 ? -5.707  6.917   -5.807  1.00 22.42  ? 263 GLU A CB  1 
ATOM   1104 C  CG  . GLU A 1 173 ? -5.991  8.098   -6.728  1.00 33.83  ? 263 GLU A CG  1 
ATOM   1105 C  CD  . GLU A 1 173 ? -4.770  8.849   -7.193  1.00 42.57  ? 263 GLU A CD  1 
ATOM   1106 O  OE1 . GLU A 1 173 ? -3.756  8.938   -6.470  1.00 55.91  ? 263 GLU A OE1 1 
ATOM   1107 O  OE2 . GLU A 1 173 ? -4.843  9.364   -8.344  1.00 43.55  ? 263 GLU A OE2 1 
ATOM   1108 N  N   . HIS A 1 174 ? -8.512  8.536   -5.141  1.00 21.04  ? 264 HIS A N   1 
ATOM   1109 C  CA  . HIS A 1 174 ? -9.062  9.800   -4.655  1.00 22.03  ? 264 HIS A CA  1 
ATOM   1110 C  C   . HIS A 1 174 ? -9.947  9.612   -3.434  1.00 22.55  ? 264 HIS A C   1 
ATOM   1111 O  O   . HIS A 1 174 ? -10.359 10.602  -2.808  1.00 25.20  ? 264 HIS A O   1 
ATOM   1112 C  CB  . HIS A 1 174 ? -9.892  10.427  -5.785  1.00 25.29  ? 264 HIS A CB  1 
ATOM   1113 C  CG  . HIS A 1 174 ? -11.082 9.596   -6.178  1.00 25.91  ? 264 HIS A CG  1 
ATOM   1114 N  ND1 . HIS A 1 174 ? -10.959 8.386   -6.858  1.00 27.42  ? 264 HIS A ND1 1 
ATOM   1115 C  CD2 . HIS A 1 174 ? -12.418 9.776   -5.999  1.00 28.62  ? 264 HIS A CD2 1 
ATOM   1116 C  CE1 . HIS A 1 174 ? -12.145 7.860   -7.073  1.00 29.33  ? 264 HIS A CE1 1 
ATOM   1117 N  NE2 . HIS A 1 174 ? -13.058 8.684   -6.563  1.00 31.34  ? 264 HIS A NE2 1 
ATOM   1118 N  N   . LEU A 1 175 ? -10.227 8.333   -3.147  1.00 19.39  ? 265 LEU A N   1 
ATOM   1119 C  CA  . LEU A 1 175 ? -10.986 8.028   -1.922  1.00 18.39  ? 265 LEU A CA  1 
ATOM   1120 C  C   . LEU A 1 175 ? -10.123 7.681   -0.730  1.00 17.05  ? 265 LEU A C   1 
ATOM   1121 O  O   . LEU A 1 175 ? -10.661 7.344   0.345   1.00 17.74  ? 265 LEU A O   1 
ATOM   1122 C  CB  . LEU A 1 175 ? -11.966 6.886   -2.188  1.00 19.75  ? 265 LEU A CB  1 
ATOM   1123 C  CG  . LEU A 1 175 ? -12.945 7.073   -3.351  1.00 21.27  ? 265 LEU A CG  1 
ATOM   1124 C  CD1 . LEU A 1 175 ? -13.899 5.894   -3.444  1.00 25.51  ? 265 LEU A CD1 1 
ATOM   1125 C  CD2 . LEU A 1 175 ? -13.722 8.377   -3.211  1.00 25.79  ? 265 LEU A CD2 1 
ATOM   1126 N  N   . ILE A 1 176 ? -8.810  7.705   -0.863  1.00 18.05  ? 266 ILE A N   1 
ATOM   1127 C  CA  . ILE A 1 176 ? -7.937  7.288   0.244   1.00 17.00  ? 266 ILE A CA  1 
ATOM   1128 C  C   . ILE A 1 176 ? -7.723  8.411   1.249   1.00 16.86  ? 266 ILE A C   1 
ATOM   1129 O  O   . ILE A 1 176 ? -7.389  9.549   0.861   1.00 21.20  ? 266 ILE A O   1 
ATOM   1130 C  CB  . ILE A 1 176 ? -6.545  6.850   -0.257  1.00 20.16  ? 266 ILE A CB  1 
ATOM   1131 C  CG1 . ILE A 1 176 ? -6.618  5.648   -1.190  1.00 19.74  ? 266 ILE A CG1 1 
ATOM   1132 C  CG2 . ILE A 1 176 ? -5.583  6.510   0.871   1.00 24.73  ? 266 ILE A CG2 1 
ATOM   1133 C  CD1 . ILE A 1 176 ? -7.007  4.408   -0.380  1.00 20.47  ? 266 ILE A CD1 1 
ATOM   1134 N  N   . ASP A 1 177 ? -7.844  8.101   2.493   1.00 14.45  ? 267 ASP A N   1 
ATOM   1135 C  CA  . ASP A 1 177 ? -7.614  9.043   3.584   1.00 13.98  ? 267 ASP A CA  1 
ATOM   1136 C  C   . ASP A 1 177 ? -6.192  8.796   4.091   1.00 15.75  ? 267 ASP A C   1 
ATOM   1137 O  O   . ASP A 1 177 ? -5.927  7.707   4.655   1.00 14.54  ? 267 ASP A O   1 
ATOM   1138 C  CB  . ASP A 1 177 ? -8.637  8.809   4.676   1.00 15.47  ? 267 ASP A CB  1 
ATOM   1139 C  CG  . ASP A 1 177 ? -8.455  9.690   5.913   1.00 18.10  ? 267 ASP A CG  1 
ATOM   1140 O  OD1 . ASP A 1 177 ? -7.406  10.316  6.125   1.00 22.02  ? 267 ASP A OD1 1 
ATOM   1141 O  OD2 . ASP A 1 177 ? -9.410  9.768   6.716   1.00 22.29  ? 267 ASP A OD2 1 
ATOM   1142 N  N   . MET A 1 178 ? -5.297  9.754   3.895   1.00 15.67  ? 268 MET A N   1 
ATOM   1143 C  CA  . MET A 1 178 ? -3.889  9.582   4.207   1.00 15.25  ? 268 MET A CA  1 
ATOM   1144 C  C   . MET A 1 178 ? -3.588  10.043  5.620   1.00 15.56  ? 268 MET A C   1 
ATOM   1145 O  O   . MET A 1 178 ? -2.424  10.353  5.851   1.00 17.21  ? 268 MET A O   1 
ATOM   1146 C  CB  . MET A 1 178 ? -3.014  10.285  3.140   1.00 16.82  ? 268 MET A CB  1 
ATOM   1147 C  CG  . MET A 1 178 ? -3.046  9.545   1.799   1.00 16.98  ? 268 MET A CG  1 
ATOM   1148 S  SD  . MET A 1 178 ? -2.370  7.867   1.735   1.00 20.54  ? 268 MET A SD  1 
ATOM   1149 C  CE  . MET A 1 178 ? -0.591  8.164   1.730   1.00 20.53  ? 268 MET A CE  1 
ATOM   1150 N  N   . ASP A 1 179 ? -4.507  10.102  6.565   1.00 15.70  ? 269 ASP A N   1 
ATOM   1151 C  CA  . ASP A 1 179 ? -4.153  10.297  7.971   1.00 16.34  ? 269 ASP A CA  1 
ATOM   1152 C  C   . ASP A 1 179 ? -3.070  9.320   8.414   1.00 14.27  ? 269 ASP A C   1 
ATOM   1153 O  O   . ASP A 1 179 ? -3.157  8.121   8.032   1.00 14.92  ? 269 ASP A O   1 
ATOM   1154 C  CB  . ASP A 1 179 ? -5.368  10.048  8.891   1.00 21.17  ? 269 ASP A CB  1 
ATOM   1155 C  CG  . ASP A 1 179 ? -6.103  11.334  9.186   1.00 26.33  ? 269 ASP A CG  1 
ATOM   1156 O  OD1 . ASP A 1 179 ? -5.710  12.361  8.586   1.00 28.99  ? 269 ASP A OD1 1 
ATOM   1157 O  OD2 . ASP A 1 179 ? -7.053  11.241  9.995   1.00 27.34  ? 269 ASP A OD2 1 
ATOM   1158 N  N   . HIS A 1 180 ? -2.095  9.745   9.202   1.00 16.36  ? 270 HIS A N   1 
ATOM   1159 C  CA  . HIS A 1 180 ? -0.948  8.854   9.446   1.00 17.47  ? 270 HIS A CA  1 
ATOM   1160 C  C   . HIS A 1 180 ? -1.307  7.644   10.288  1.00 15.32  ? 270 HIS A C   1 
ATOM   1161 O  O   . HIS A 1 180 ? -0.582  6.635   10.222  1.00 17.21  ? 270 HIS A O   1 
ATOM   1162 C  CB  . HIS A 1 180 ? 0.245   9.589   10.050  1.00 21.50  ? 270 HIS A CB  1 
ATOM   1163 C  CG  . HIS A 1 180 ? 0.102   10.064  11.461  1.00 25.85  ? 270 HIS A CG  1 
ATOM   1164 N  ND1 . HIS A 1 180 ? -0.342  11.317  11.802  1.00 31.97  ? 270 HIS A ND1 1 
ATOM   1165 C  CD2 . HIS A 1 180 ? 0.368   9.453   12.635  1.00 24.62  ? 270 HIS A CD2 1 
ATOM   1166 C  CE1 . HIS A 1 180 ? -0.352  11.455  13.134  1.00 30.48  ? 270 HIS A CE1 1 
ATOM   1167 N  NE2 . HIS A 1 180 ? 0.082   10.347  13.661  1.00 27.38  ? 270 HIS A NE2 1 
ATOM   1168 N  N   . GLU A 1 181 ? -2.413  7.686   11.044  1.00 14.24  ? 271 GLU A N   1 
ATOM   1169 C  CA  . GLU A 1 181 ? -2.758  6.515   11.847  1.00 12.70  ? 271 GLU A CA  1 
ATOM   1170 C  C   . GLU A 1 181 ? -3.630  5.536   11.021  1.00 12.25  ? 271 GLU A C   1 
ATOM   1171 O  O   . GLU A 1 181 ? -3.835  4.384   11.427  1.00 12.60  ? 271 GLU A O   1 
ATOM   1172 C  CB  . GLU A 1 181 ? -3.562  6.882   13.102  1.00 14.81  ? 271 GLU A CB  1 
ATOM   1173 C  CG  . GLU A 1 181 ? -2.926  7.977   13.938  1.00 17.79  ? 271 GLU A CG  1 
ATOM   1174 C  CD  . GLU A 1 181 ? -3.493  9.354   13.621  1.00 23.71  ? 271 GLU A CD  1 
ATOM   1175 O  OE1 . GLU A 1 181 ? -3.797  9.638   12.421  1.00 27.35  ? 271 GLU A OE1 1 
ATOM   1176 O  OE2 . GLU A 1 181 ? -3.706  10.192  14.524  1.00 33.18  ? 271 GLU A OE2 1 
ATOM   1177 N  N   . ALA A 1 182 ? -4.158  6.013   9.879   1.00 10.09  ? 272 ALA A N   1 
ATOM   1178 C  CA  . ALA A 1 182 ? -5.131  5.197   9.131   1.00 10.21  ? 272 ALA A CA  1 
ATOM   1179 C  C   . ALA A 1 182 ? -4.507  4.465   7.939   1.00 9.54   ? 272 ALA A C   1 
ATOM   1180 O  O   . ALA A 1 182 ? -4.983  3.372   7.599   1.00 10.83  ? 272 ALA A O   1 
ATOM   1181 C  CB  . ALA A 1 182 ? -6.274  6.066   8.661   1.00 12.38  ? 272 ALA A CB  1 
ATOM   1182 N  N   . SER A 1 183 ? -3.523  5.092   7.310   1.00 9.89   ? 273 SER A N   1 
ATOM   1183 C  CA  . SER A 1 183 ? -2.940  4.531   6.082   1.00 9.26   ? 273 SER A CA  1 
ATOM   1184 C  C   . SER A 1 183 ? -1.425  4.467   6.289   1.00 8.98   ? 273 SER A C   1 
ATOM   1185 O  O   . SER A 1 183 ? -0.808  5.478   6.690   1.00 10.24  ? 273 SER A O   1 
ATOM   1186 C  CB  . SER A 1 183 ? -3.257  5.326   4.829   1.00 10.25  ? 273 SER A CB  1 
ATOM   1187 O  OG  . SER A 1 183 ? -4.683  5.253   4.551   1.00 11.18  ? 273 SER A OG  1 
ATOM   1188 N  N   . PHE A 1 184 ? -0.836  3.312   5.998   1.00 9.18   ? 274 PHE A N   1 
ATOM   1189 C  CA  . PHE A 1 184 ? 0.586   3.090   6.264   1.00 8.79   ? 274 PHE A CA  1 
ATOM   1190 C  C   . PHE A 1 184 ? 1.076   1.858   5.545   1.00 8.77   ? 274 PHE A C   1 
ATOM   1191 O  O   . PHE A 1 184 ? 0.285   1.062   4.994   1.00 9.03   ? 274 PHE A O   1 
ATOM   1192 C  CB  . PHE A 1 184 ? 0.844   3.017   7.786   1.00 9.86   ? 274 PHE A CB  1 
ATOM   1193 C  CG  . PHE A 1 184 ? -0.063  2.048   8.558   1.00 8.99   ? 274 PHE A CG  1 
ATOM   1194 C  CD1 . PHE A 1 184 ? 0.098   0.690   8.469   1.00 9.52   ? 274 PHE A CD1 1 
ATOM   1195 C  CD2 . PHE A 1 184 ? -1.075  2.523   9.386   1.00 9.83   ? 274 PHE A CD2 1 
ATOM   1196 C  CE1 . PHE A 1 184 ? -0.639  -0.227  9.233   1.00 9.91   ? 274 PHE A CE1 1 
ATOM   1197 C  CE2 . PHE A 1 184 ? -1.831  1.652   10.117  1.00 9.81   ? 274 PHE A CE2 1 
ATOM   1198 C  CZ  . PHE A 1 184 ? -1.653  0.295   10.082  1.00 10.21  ? 274 PHE A CZ  1 
ATOM   1199 N  N   . PHE A 1 185 ? 2.385   1.694   5.531   1.00 8.76   ? 275 PHE A N   1 
ATOM   1200 C  CA  . PHE A 1 185 ? 3.076   0.645   4.778   1.00 9.51   ? 275 PHE A CA  1 
ATOM   1201 C  C   . PHE A 1 185 ? 4.345   0.288   5.529   1.00 9.15   ? 275 PHE A C   1 
ATOM   1202 O  O   . PHE A 1 185 ? 5.050   1.208   5.973   1.00 10.35  ? 275 PHE A O   1 
ATOM   1203 C  CB  . PHE A 1 185 ? 3.409   1.238   3.407   1.00 11.90  ? 275 PHE A CB  1 
ATOM   1204 C  CG  . PHE A 1 185 ? 4.228   0.471   2.396   1.00 11.23  ? 275 PHE A CG  1 
ATOM   1205 C  CD1 . PHE A 1 185 ? 4.170   -0.908  2.293   1.00 12.96  ? 275 PHE A CD1 1 
ATOM   1206 C  CD2 . PHE A 1 185 ? 5.060   1.140   1.487   1.00 13.07  ? 275 PHE A CD2 1 
ATOM   1207 C  CE1 . PHE A 1 185 ? 4.876   -1.597  1.327   1.00 13.01  ? 275 PHE A CE1 1 
ATOM   1208 C  CE2 . PHE A 1 185 ? 5.792   0.510   0.521   1.00 13.57  ? 275 PHE A CE2 1 
ATOM   1209 C  CZ  . PHE A 1 185 ? 5.673   -0.877  0.465   1.00 14.17  ? 275 PHE A CZ  1 
ATOM   1210 N  N   . GLY A 1 186 ? 4.659   -0.978  5.671   1.00 8.74   ? 276 GLY A N   1 
ATOM   1211 C  CA  . GLY A 1 186 ? 5.850   -1.321  6.442   1.00 9.35   ? 276 GLY A CA  1 
ATOM   1212 C  C   . GLY A 1 186 ? 6.337   -2.698  6.070   1.00 8.74   ? 276 GLY A C   1 
ATOM   1213 O  O   . GLY A 1 186 ? 5.741   -3.470  5.324   1.00 9.48   ? 276 GLY A O   1 
ATOM   1214 N  N   . ALA A 1 187 ? 7.494   -3.037  6.670   1.00 9.63   ? 277 ALA A N   1 
ATOM   1215 C  CA  . ALA A 1 187 ? 8.084   -4.342  6.466   1.00 10.36  ? 277 ALA A CA  1 
ATOM   1216 C  C   . ALA A 1 187 ? 9.130   -4.619  7.534   1.00 10.11  ? 277 ALA A C   1 
ATOM   1217 O  O   . ALA A 1 187 ? 9.747   -3.650  8.022   1.00 11.53  ? 277 ALA A O   1 
ATOM   1218 C  CB  . ALA A 1 187 ? 8.739   -4.402  5.090   1.00 11.36  ? 277 ALA A CB  1 
ATOM   1219 N  N   . PHE A 1 188 ? 9.391   -5.883  7.830   1.00 11.03  ? 278 PHE A N   1 
ATOM   1220 C  CA  . PHE A 1 188 ? 10.496  -6.187  8.728   1.00 10.74  ? 278 PHE A CA  1 
ATOM   1221 C  C   . PHE A 1 188 ? 11.079  -7.540  8.338   1.00 10.27  ? 278 PHE A C   1 
ATOM   1222 O  O   . PHE A 1 188 ? 10.404  -8.401  7.832   1.00 9.75   ? 278 PHE A O   1 
ATOM   1223 C  CB  . PHE A 1 188 ? 10.121  -6.223  10.216  1.00 13.71  ? 278 PHE A CB  1 
ATOM   1224 C  CG  . PHE A 1 188 ? 8.989   -7.156  10.629  1.00 15.84  ? 278 PHE A CG  1 
ATOM   1225 C  CD1 . PHE A 1 188 ? 7.644   -6.716  10.594  1.00 20.08  ? 278 PHE A CD1 1 
ATOM   1226 C  CD2 . PHE A 1 188 ? 9.253   -8.433  11.072  1.00 20.44  ? 278 PHE A CD2 1 
ATOM   1227 C  CE1 . PHE A 1 188 ? 6.627   -7.569  11.008  1.00 20.34  ? 278 PHE A CE1 1 
ATOM   1228 C  CE2 . PHE A 1 188 ? 8.234   -9.337  11.436  1.00 21.73  ? 278 PHE A CE2 1 
ATOM   1229 C  CZ  . PHE A 1 188 ? 6.934   -8.860  11.381  1.00 24.88  ? 278 PHE A CZ  1 
ATOM   1230 N  N   . LEU A 1 189 ? 12.390  -7.627  8.624   1.00 11.07  ? 279 LEU A N   1 
ATOM   1231 C  CA  . LEU A 1 189 ? 13.123  -8.871  8.292   1.00 12.07  ? 279 LEU A CA  1 
ATOM   1232 C  C   . LEU A 1 189 ? 12.796  -9.950  9.299   1.00 13.20  ? 279 LEU A C   1 
ATOM   1233 O  O   . LEU A 1 189 ? 12.881  -9.722  10.517  1.00 18.87  ? 279 LEU A O   1 
ATOM   1234 C  CB  . LEU A 1 189 ? 14.596  -8.497  8.284   1.00 14.25  ? 279 LEU A CB  1 
ATOM   1235 C  CG  . LEU A 1 189 ? 15.567  -9.626  7.947   1.00 16.48  ? 279 LEU A CG  1 
ATOM   1236 C  CD1 . LEU A 1 189 ? 15.398  -10.052 6.497   1.00 18.54  ? 279 LEU A CD1 1 
ATOM   1237 C  CD2 . LEU A 1 189 ? 16.992  -9.155  8.239   1.00 20.96  ? 279 LEU A CD2 1 
ATOM   1238 N  N   . VAL A 1 190 ? 12.320  -11.104 8.792   1.00 15.07  ? 280 VAL A N   1 
ATOM   1239 C  CA  . VAL A 1 190 ? 11.963  -12.165 9.724   1.00 23.32  ? 280 VAL A CA  1 
ATOM   1240 C  C   . VAL A 1 190 ? 13.140  -13.138 9.688   1.00 27.62  ? 280 VAL A C   1 
ATOM   1241 O  O   . VAL A 1 190 ? 13.347  -13.765 10.707  1.00 40.33  ? 280 VAL A O   1 
ATOM   1242 C  CB  . VAL A 1 190 ? 10.601  -12.865 9.559   1.00 27.67  ? 280 VAL A CB  1 
ATOM   1243 C  CG1 . VAL A 1 190 ? 9.646   -12.376 8.510   1.00 35.89  ? 280 VAL A CG1 1 
ATOM   1244 C  CG2 . VAL A 1 190 ? 10.863  -14.381 9.373   1.00 31.43  ? 280 VAL A CG2 1 
ATOM   1245 N  N   . GLY A 1 191 ? 13.897  -13.259 8.610   1.00 26.26  ? 281 GLY A N   1 
ATOM   1246 C  CA  . GLY A 1 191 ? 15.112  -14.041 8.842   1.00 31.37  ? 281 GLY A CA  1 
ATOM   1247 C  C   . GLY A 1 191 ? 15.725  -14.404 7.506   1.00 32.89  ? 281 GLY A C   1 
ATOM   1248 O  O   . GLY A 1 191 ? 16.472  -15.390 7.585   1.00 40.62  ? 281 GLY A O   1 
ATOM   1249 O  OXT . GLY A 1 191 ? 15.470  -13.761 6.481   1.00 22.24  ? 281 GLY A OXT 1 
HETATM 1250 ZN ZN  . ZN  B 2 .   ? -24.634 -3.224  2.079   0.33 11.78  ? 300 ZN  A ZN  1 
HETATM 1251 CL CL  . CL  C 3 .   ? -22.471 -3.731  2.812   0.33 14.29  ? 406 CL  A CL  1 
HETATM 1252 O  O   . HOH D 4 .   ? -7.487  2.599   8.476   1.00 11.80  ? 407 HOH A O   1 
HETATM 1253 O  O   . HOH D 4 .   ? 3.944   2.944   -2.326  1.00 13.11  ? 408 HOH A O   1 
HETATM 1254 O  O   . HOH D 4 .   ? 6.275   3.351   13.637  1.00 12.91  ? 409 HOH A O   1 
HETATM 1255 O  O   . HOH D 4 .   ? -31.740 -1.558  -0.328  0.33 17.50  ? 410 HOH A O   1 
HETATM 1256 O  O   . HOH D 4 .   ? 16.820  -4.041  4.023   1.00 14.62  ? 411 HOH A O   1 
HETATM 1257 O  O   . HOH D 4 .   ? 9.319   -11.960 -3.479  1.00 15.25  ? 412 HOH A O   1 
HETATM 1258 O  O   . HOH D 4 .   ? 8.879   -15.272 -1.622  1.00 14.60  ? 413 HOH A O   1 
HETATM 1259 O  O   . HOH D 4 .   ? 14.787  7.212   2.796   1.00 16.11  ? 414 HOH A O   1 
HETATM 1260 O  O   . HOH D 4 .   ? 20.625  -10.047 -2.774  1.00 18.76  ? 415 HOH A O   1 
HETATM 1261 O  O   . HOH D 4 .   ? 10.687  -6.460  -11.404 1.00 16.64  ? 416 HOH A O   1 
HETATM 1262 O  O   . HOH D 4 .   ? -21.720 2.474   -0.521  1.00 16.62  ? 417 HOH A O   1 
HETATM 1263 O  O   . HOH D 4 .   ? 17.233  -6.622  -6.727  1.00 18.56  ? 418 HOH A O   1 
HETATM 1264 O  O   . HOH D 4 .   ? 17.142  4.746   5.967   1.00 17.97  ? 419 HOH A O   1 
HETATM 1265 O  O   . HOH D 4 .   ? -7.326  -8.028  3.765   1.00 20.95  ? 420 HOH A O   1 
HETATM 1266 O  O   . HOH D 4 .   ? -20.903 2.332   2.051   1.00 17.16  ? 421 HOH A O   1 
HETATM 1267 O  O   . HOH D 4 .   ? 2.367   -12.075 -9.335  1.00 19.15  ? 422 HOH A O   1 
HETATM 1268 O  O   . HOH D 4 .   ? 6.676   8.809   -0.417  1.00 27.45  ? 423 HOH A O   1 
HETATM 1269 O  O   . HOH D 4 .   ? -14.561 1.026   -8.818  1.00 24.10  ? 424 HOH A O   1 
HETATM 1270 O  O   . HOH D 4 .   ? 13.125  -10.705 -5.722  1.00 19.32  ? 425 HOH A O   1 
HETATM 1271 O  O   . HOH D 4 .   ? 13.676  6.860   10.602  1.00 21.64  ? 426 HOH A O   1 
HETATM 1272 O  O   . HOH D 4 .   ? 2.464   -9.709  -11.392 1.00 23.21  ? 427 HOH A O   1 
HETATM 1273 O  O   . HOH D 4 .   ? 9.308   8.918   -1.374  1.00 23.16  ? 428 HOH A O   1 
HETATM 1274 O  O   . HOH D 4 .   ? -8.807  -5.125  6.405   1.00 21.20  ? 429 HOH A O   1 
HETATM 1275 O  O   . HOH D 4 .   ? 22.094  -8.861  1.306   1.00 24.28  ? 430 HOH A O   1 
HETATM 1276 O  O   . HOH D 4 .   ? 16.840  -0.625  -6.537  1.00 29.13  ? 431 HOH A O   1 
HETATM 1277 O  O   . HOH D 4 .   ? 3.840   -0.510  -14.372 1.00 26.41  ? 432 HOH A O   1 
HETATM 1278 O  O   . HOH D 4 .   ? -7.407  -7.261  7.915   0.33 25.92  ? 433 HOH A O   1 
HETATM 1279 O  O   . HOH D 4 .   ? -6.184  11.984  2.286   1.00 27.74  ? 434 HOH A O   1 
HETATM 1280 O  O   . HOH D 4 .   ? -6.646  4.639   -8.150  1.00 28.00  ? 435 HOH A O   1 
HETATM 1281 O  O   . HOH D 4 .   ? 18.501  3.173   8.465   1.00 22.42  ? 436 HOH A O   1 
HETATM 1282 O  O   . HOH D 4 .   ? 11.899  9.547   -0.042  1.00 24.87  ? 437 HOH A O   1 
HETATM 1283 O  O   . HOH D 4 .   ? 12.135  10.102  -2.854  1.00 30.06  ? 438 HOH A O   1 
HETATM 1284 O  O   . HOH D 4 .   ? -12.625 -2.888  4.819   1.00 27.51  ? 439 HOH A O   1 
HETATM 1285 O  O   . HOH D 4 .   ? 13.194  -13.008 -4.299  1.00 27.68  ? 440 HOH A O   1 
HETATM 1286 O  O   . HOH D 4 .   ? -12.607 7.935   10.152  1.00 30.36  ? 441 HOH A O   1 
HETATM 1287 O  O   . HOH D 4 .   ? 0.101   11.673  2.630   1.00 24.70  ? 442 HOH A O   1 
HETATM 1288 O  O   . HOH D 4 .   ? 10.117  8.595   8.695   1.00 50.46  ? 443 HOH A O   1 
HETATM 1289 O  O   . HOH D 4 .   ? -29.775 6.617   4.411   1.00 31.46  ? 444 HOH A O   1 
HETATM 1290 O  O   . HOH D 4 .   ? -20.591 3.052   -3.357  1.00 35.63  ? 445 HOH A O   1 
HETATM 1291 O  O   . HOH D 4 .   ? -6.450  -0.544  -11.904 1.00 37.96  ? 446 HOH A O   1 
HETATM 1292 O  O   . HOH D 4 .   ? 4.542   9.599   10.245  1.00 27.50  ? 447 HOH A O   1 
HETATM 1293 O  O   . HOH D 4 .   ? 17.298  4.570   -4.217  1.00 26.15  ? 448 HOH A O   1 
HETATM 1294 O  O   . HOH D 4 .   ? 14.859  -3.417  -8.160  1.00 28.15  ? 449 HOH A O   1 
HETATM 1295 O  O   . HOH D 4 .   ? -21.432 -1.337  -4.640  1.00 40.39  ? 450 HOH A O   1 
HETATM 1296 O  O   . HOH D 4 .   ? 13.233  9.465   2.803   1.00 26.34  ? 451 HOH A O   1 
HETATM 1297 O  O   . HOH D 4 .   ? 15.724  -6.850  12.254  1.00 32.66  ? 452 HOH A O   1 
HETATM 1298 O  O   . HOH D 4 .   ? 14.339  -12.027 -8.048  1.00 31.24  ? 453 HOH A O   1 
HETATM 1299 O  O   . HOH D 4 .   ? 0.169   9.058   -4.331  1.00 36.58  ? 454 HOH A O   1 
HETATM 1300 O  O   . HOH D 4 .   ? -10.819 10.209  1.746   1.00 36.26  ? 455 HOH A O   1 
HETATM 1301 O  O   . HOH D 4 .   ? 20.990  -10.301 4.602   1.00 42.68  ? 456 HOH A O   1 
HETATM 1302 O  O   . HOH D 4 .   ? -1.642  12.801  0.763   1.00 28.67  ? 457 HOH A O   1 
HETATM 1303 O  O   . HOH D 4 .   ? 12.754  3.605   -5.646  1.00 26.63  ? 458 HOH A O   1 
HETATM 1304 O  O   . HOH D 4 .   ? 15.349  3.681   -5.920  1.00 44.58  ? 459 HOH A O   1 
HETATM 1305 O  O   . HOH D 4 .   ? -0.182  -6.704  -12.229 1.00 37.11  ? 460 HOH A O   1 
HETATM 1306 O  O   . HOH D 4 .   ? 13.538  -7.396  11.808  1.00 36.09  ? 461 HOH A O   1 
HETATM 1307 O  O   . HOH D 4 .   ? -7.357  -6.697  -9.794  1.00 37.05  ? 462 HOH A O   1 
HETATM 1308 O  O   . HOH D 4 .   ? 1.045   1.049   -14.138 1.00 44.25  ? 463 HOH A O   1 
HETATM 1309 O  O   . HOH D 4 .   ? -16.205 11.827  -0.248  1.00 34.80  ? 464 HOH A O   1 
HETATM 1310 O  O   . HOH D 4 .   ? -13.948 -5.728  5.699   0.33 49.72  ? 465 HOH A O   1 
HETATM 1311 O  O   . HOH D 4 .   ? -22.794 0.436   -12.313 1.00 63.56  ? 466 HOH A O   1 
HETATM 1312 O  O   . HOH D 4 .   ? 0.540   0.722   -9.706  1.00 31.90  ? 467 HOH A O   1 
HETATM 1313 O  O   . HOH D 4 .   ? 8.314   2.794   -12.164 1.00 52.01  ? 468 HOH A O   1 
HETATM 1314 O  O   . HOH D 4 .   ? -26.758 0.332   -5.989  1.00 41.74  ? 469 HOH A O   1 
HETATM 1315 O  O   . HOH D 4 .   ? 9.510   -12.786 -8.098  1.00 35.63  ? 470 HOH A O   1 
HETATM 1316 O  O   . HOH D 4 .   ? 22.993  -3.239  4.972   1.00 36.58  ? 471 HOH A O   1 
HETATM 1317 O  O   . HOH D 4 .   ? 4.392   11.972  9.693   1.00 47.60  ? 472 HOH A O   1 
HETATM 1318 O  O   . HOH D 4 .   ? -23.757 0.963   -5.414  1.00 42.46  ? 473 HOH A O   1 
HETATM 1319 O  O   . HOH D 4 .   ? 22.785  -9.318  -1.105  1.00 32.32  ? 474 HOH A O   1 
HETATM 1320 O  O   . HOH D 4 .   ? -30.657 10.254  9.730   1.00 146.84 ? 475 HOH A O   1 
HETATM 1321 O  O   . HOH D 4 .   ? 25.514  -0.941  11.449  1.00 37.34  ? 476 HOH A O   1 
HETATM 1322 O  O   . HOH D 4 .   ? -30.769 4.863   6.140   1.00 33.97  ? 477 HOH A O   1 
HETATM 1323 O  O   . HOH D 4 .   ? -15.361 6.113   -7.001  1.00 37.80  ? 478 HOH A O   1 
HETATM 1324 O  O   . HOH D 4 .   ? -14.315 -6.818  -11.451 1.00 56.32  ? 479 HOH A O   1 
HETATM 1325 O  O   . HOH D 4 .   ? 23.407  -7.082  -5.297  1.00 45.01  ? 480 HOH A O   1 
HETATM 1326 O  O   . HOH D 4 .   ? -7.228  13.214  6.245   1.00 43.65  ? 481 HOH A O   1 
HETATM 1327 O  O   . HOH D 4 .   ? -2.616  8.700   -2.424  1.00 51.27  ? 482 HOH A O   1 
HETATM 1328 O  O   . HOH D 4 .   ? 8.662   -1.597  -15.123 1.00 40.69  ? 483 HOH A O   1 
HETATM 1329 O  O   . HOH D 4 .   ? 14.692  9.385   -7.614  1.00 49.02  ? 484 HOH A O   1 
HETATM 1330 O  O   . HOH D 4 .   ? 21.624  -12.995 -6.146  1.00 53.48  ? 485 HOH A O   1 
HETATM 1331 O  O   . HOH D 4 .   ? 11.142  5.027   -8.818  1.00 48.05  ? 486 HOH A O   1 
HETATM 1332 O  O   . HOH D 4 .   ? 20.715  -8.256  -5.209  1.00 28.28  ? 487 HOH A O   1 
HETATM 1333 O  O   . HOH D 4 .   ? -27.312 10.891  10.514  1.00 32.71  ? 488 HOH A O   1 
HETATM 1334 O  O   . HOH D 4 .   ? -13.252 10.918  0.228   1.00 43.04  ? 489 HOH A O   1 
HETATM 1335 O  O   . HOH D 4 .   ? -7.744  -2.828  -10.684 1.00 34.90  ? 490 HOH A O   1 
HETATM 1336 O  O   . HOH D 4 .   ? 16.374  -11.206 -9.187  1.00 38.29  ? 491 HOH A O   1 
HETATM 1337 O  O   . HOH D 4 .   ? -4.262  13.212  0.748   1.00 43.97  ? 492 HOH A O   1 
HETATM 1338 O  O   . HOH D 4 .   ? 13.006  -15.474 -5.264  1.00 50.23  ? 493 HOH A O   1 
HETATM 1339 O  O   . HOH D 4 .   ? -4.943  -9.101  -9.924  1.00 47.86  ? 494 HOH A O   1 
HETATM 1340 O  O   . HOH D 4 .   ? 17.095  -5.024  -8.921  1.00 33.61  ? 495 HOH A O   1 
HETATM 1341 O  O   . HOH D 4 .   ? -35.126 2.974   3.391   1.00 44.13  ? 496 HOH A O   1 
HETATM 1342 O  O   . HOH D 4 .   ? -2.690  -9.220  -11.867 1.00 44.00  ? 497 HOH A O   1 
HETATM 1343 O  O   . HOH D 4 .   ? -0.445  -4.429  -18.461 1.00 38.57  ? 498 HOH A O   1 
HETATM 1344 O  O   . HOH D 4 .   ? 13.771  13.382  -3.886  1.00 39.47  ? 499 HOH A O   1 
HETATM 1345 O  O   . HOH D 4 .   ? -17.223 -0.300  -10.306 1.00 42.58  ? 500 HOH A O   1 
HETATM 1346 O  O   . HOH D 4 .   ? 21.120  -8.276  8.492   1.00 49.34  ? 501 HOH A O   1 
HETATM 1347 O  O   . HOH D 4 .   ? 13.061  5.247   -7.224  1.00 42.48  ? 502 HOH A O   1 
HETATM 1348 O  O   . HOH D 4 .   ? 7.674   10.622  -3.758  1.00 51.19  ? 503 HOH A O   1 
HETATM 1349 O  O   . HOH D 4 .   ? 6.938   -13.911 -10.563 1.00 51.48  ? 504 HOH A O   1 
HETATM 1350 O  O   . HOH D 4 .   ? 11.274  8.537   5.679   1.00 42.41  ? 505 HOH A O   1 
HETATM 1351 O  O   . HOH D 4 .   ? 10.190  -17.538 -2.479  1.00 20.34  ? 506 HOH A O   1 
HETATM 1352 O  O   . HOH D 4 .   ? 12.218  0.085   -13.161 1.00 46.23  ? 507 HOH A O   1 
HETATM 1353 O  O   . HOH D 4 .   ? -16.996 10.920  -3.419  1.00 48.35  ? 508 HOH A O   1 
HETATM 1354 O  O   . HOH D 4 .   ? -31.274 -1.353  -1.619  0.50 22.47  ? 509 HOH A O   1 
HETATM 1355 O  O   . HOH D 4 .   ? -17.122 -8.152  -10.776 1.00 56.82  ? 510 HOH A O   1 
HETATM 1356 O  O   . HOH D 4 .   ? 24.214  -6.315  2.067   1.00 49.28  ? 511 HOH A O   1 
HETATM 1357 O  O   . HOH D 4 .   ? -19.527 7.927   -3.760  1.00 56.24  ? 512 HOH A O   1 
HETATM 1358 O  O   . HOH D 4 .   ? 15.256  -10.788 11.983  1.00 49.83  ? 513 HOH A O   1 
HETATM 1359 O  O   . HOH D 4 .   ? -20.490 -2.058  4.521   1.00 36.66  ? 514 HOH A O   1 
HETATM 1360 O  O   . HOH D 4 .   ? -24.725 11.257  6.447   1.00 49.08  ? 515 HOH A O   1 
HETATM 1361 O  O   . HOH D 4 .   ? 21.598  -1.017  5.491   1.00 25.70  ? 516 HOH A O   1 
HETATM 1362 O  O   . HOH D 4 .   ? 0.673   4.625   11.828  1.00 13.59  ? 517 HOH A O   1 
HETATM 1363 O  O   . HOH D 4 .   ? 17.925  -8.750  -8.300  1.00 32.50  ? 518 HOH A O   1 
HETATM 1364 O  O   . HOH D 4 .   ? 15.974  -11.794 -12.884 1.00 38.62  ? 519 HOH A O   1 
HETATM 1365 O  O   . HOH D 4 .   ? -16.001 8.281   -6.583  1.00 47.14  ? 520 HOH A O   1 
HETATM 1366 O  O   . HOH D 4 .   ? 3.167   -5.776  -14.063 1.00 39.36  ? 521 HOH A O   1 
HETATM 1367 O  O   . HOH D 4 .   ? -28.295 8.144   0.310   1.00 49.34  ? 522 HOH A O   1 
HETATM 1368 O  O   . HOH D 4 .   ? -29.923 8.630   2.449   1.00 44.20  ? 523 HOH A O   1 
HETATM 1369 O  O   . HOH D 4 .   ? 0.518   10.435  -7.541  1.00 51.34  ? 524 HOH A O   1 
HETATM 1370 O  O   . HOH D 4 .   ? 15.283  2.373   -9.710  1.00 53.67  ? 525 HOH A O   1 
HETATM 1371 O  O   . HOH D 4 .   ? -16.219 3.904   -8.270  1.00 61.08  ? 526 HOH A O   1 
HETATM 1372 O  O   . HOH D 4 .   ? -24.712 2.819   -2.921  1.00 32.94  ? 527 HOH A O   1 
HETATM 1373 O  O   . HOH D 4 .   ? -4.390  -11.856 -8.870  1.00 44.20  ? 528 HOH A O   1 
HETATM 1374 O  O   . HOH D 4 .   ? 15.195  -5.804  -16.151 1.00 43.21  ? 529 HOH A O   1 
HETATM 1375 O  O   . HOH D 4 .   ? -11.748 -4.874  5.577   1.00 54.94  ? 530 HOH A O   1 
HETATM 1376 O  O   . HOH D 4 .   ? -10.834 -2.381  -10.074 1.00 39.02  ? 531 HOH A O   1 
HETATM 1377 O  O   . HOH D 4 .   ? -7.751  2.232   -10.893 1.00 45.17  ? 532 HOH A O   1 
HETATM 1378 O  O   . HOH D 4 .   ? 13.824  -3.424  -12.380 1.00 39.66  ? 533 HOH A O   1 
HETATM 1379 O  O   . HOH D 4 .   ? -6.355  10.602  -1.654  1.00 40.47  ? 534 HOH A O   1 
HETATM 1380 O  O   . HOH D 4 .   ? -10.000 3.317   -9.772  1.00 41.78  ? 535 HOH A O   1 
HETATM 1381 O  O   . HOH D 4 .   ? 2.839   13.085  -5.056  1.00 54.80  ? 536 HOH A O   1 
HETATM 1382 O  O   . HOH D 4 .   ? 17.381  -15.076 1.440   1.00 41.50  ? 537 HOH A O   1 
HETATM 1383 O  O   . HOH D 4 .   ? 18.555  -12.336 5.588   1.00 39.57  ? 538 HOH A O   1 
HETATM 1384 O  O   . HOH D 4 .   ? -32.822 6.778   2.752   1.00 51.89  ? 539 HOH A O   1 
HETATM 1385 O  O   . HOH D 4 .   ? 11.959  7.829   12.715  1.00 36.53  ? 540 HOH A O   1 
HETATM 1386 O  O   . HOH D 4 .   ? 7.479   -11.946 -21.945 1.00 46.78  ? 541 HOH A O   1 
HETATM 1387 O  O   . HOH D 4 .   ? 6.074   -3.744  -17.552 1.00 49.33  ? 542 HOH A O   1 
HETATM 1388 O  O   . HOH D 4 .   ? 11.873  -10.214 13.244  1.00 50.43  ? 543 HOH A O   1 
HETATM 1389 O  O   . HOH D 4 .   ? -2.351  7.907   -4.565  1.00 45.16  ? 544 HOH A O   1 
HETATM 1390 O  O   . HOH D 4 .   ? 1.171   -7.851  -20.924 1.00 48.32  ? 545 HOH A O   1 
HETATM 1391 O  O   . HOH D 4 .   ? -24.049 11.277  1.454   1.00 45.97  ? 546 HOH A O   1 
HETATM 1392 O  O   . HOH D 4 .   ? -4.556  12.155  12.268  1.00 60.27  ? 547 HOH A O   1 
HETATM 1393 O  O   . HOH D 4 .   ? -9.243  11.501  8.459   1.00 42.17  ? 548 HOH A O   1 
HETATM 1394 O  O   . HOH D 4 .   ? -11.168 9.728   10.152  1.00 43.10  ? 549 HOH A O   1 
HETATM 1395 O  O   . HOH D 4 .   ? 20.888  7.062   -5.557  1.00 46.19  ? 550 HOH A O   1 
HETATM 1396 O  O   . HOH D 4 .   ? 18.756  -14.593 3.287   1.00 48.31  ? 551 HOH A O   1 
HETATM 1397 O  O   . HOH D 4 .   ? -11.979 0.258   -10.063 1.00 43.67  ? 552 HOH A O   1 
HETATM 1398 O  O   . HOH D 4 .   ? -8.372  13.272  12.922  1.00 54.77  ? 553 HOH A O   1 
HETATM 1399 O  O   . HOH D 4 .   ? -26.307 8.530   9.767   1.00 58.48  ? 554 HOH A O   1 
HETATM 1400 O  O   . HOH D 4 .   ? 12.290  -18.067 -1.336  1.00 28.88  ? 555 HOH A O   1 
HETATM 1401 O  O   . HOH D 4 .   ? 12.327  8.381   8.121   1.00 43.23  ? 556 HOH A O   1 
HETATM 1402 O  O   . HOH D 4 .   ? 15.622  -14.492 -3.326  1.00 34.06  ? 557 HOH A O   1 
HETATM 1403 O  O   . HOH D 4 .   ? -31.911 4.705   -9.883  1.00 43.91  ? 558 HOH A O   1 
HETATM 1404 O  O   . HOH D 4 .   ? 15.655  6.607   8.919   0.50 42.74  ? 559 HOH A O   1 
HETATM 1405 O  O   . HOH D 4 .   ? -26.166 6.130   -2.681  1.00 52.51  ? 560 HOH A O   1 
HETATM 1406 O  O   . HOH D 4 .   ? -31.776 12.502  -8.677  1.00 52.12  ? 561 HOH A O   1 
HETATM 1407 O  O   . HOH D 4 .   ? 0.740   -14.561 -11.652 1.00 51.15  ? 562 HOH A O   1 
HETATM 1408 O  O   . HOH D 4 .   ? -10.967 -3.593  -14.489 1.00 50.40  ? 563 HOH A O   1 
HETATM 1409 O  O   . HOH D 4 .   ? 3.322   -13.734 -10.891 1.00 45.50  ? 564 HOH A O   1 
HETATM 1410 O  O   . HOH D 4 .   ? 13.522  7.884   16.100  0.25 24.12  ? 565 HOH A O   1 
HETATM 1411 O  O   . HOH D 4 .   ? 18.936  -4.992  -19.903 1.00 53.33  ? 566 HOH A O   1 
HETATM 1412 O  O   . HOH D 4 .   ? -16.526 -10.128 -9.489  1.00 54.64  ? 567 HOH A O   1 
HETATM 1413 O  O   . HOH D 4 .   ? 16.550  -13.661 -0.546  1.00 54.32  ? 568 HOH A O   1 
HETATM 1414 O  O   . HOH D 4 .   ? 26.364  -9.021  -1.263  1.00 49.38  ? 569 HOH A O   1 
HETATM 1415 O  O   . HOH D 4 .   ? 11.957  -2.776  -14.566 1.00 52.80  ? 570 HOH A O   1 
HETATM 1416 O  O   . HOH D 4 .   ? 14.887  -10.320 -20.578 1.00 62.10  ? 571 HOH A O   1 
HETATM 1417 O  O   . HOH D 4 .   ? 12.678  -17.293 -3.466  1.00 41.91  ? 572 HOH A O   1 
HETATM 1418 O  O   . HOH D 4 .   ? -3.778  -8.193  -14.364 1.00 51.39  ? 573 HOH A O   1 
HETATM 1419 O  O   . HOH D 4 .   ? -30.158 11.337  -11.256 1.00 54.64  ? 574 HOH A O   1 
HETATM 1420 O  O   . HOH D 4 .   ? -13.326 -2.911  -13.007 1.00 58.14  ? 575 HOH A O   1 
HETATM 1421 O  O   . HOH D 4 .   ? -0.188  -9.084  -12.718 1.00 55.09  ? 576 HOH A O   1 
HETATM 1422 O  O   . HOH D 4 .   ? 18.019  -2.437  -20.893 1.00 64.53  ? 577 HOH A O   1 
HETATM 1423 O  O   . HOH D 4 .   ? 19.931  -15.186 7.786   1.00 58.98  ? 578 HOH A O   1 
HETATM 1424 O  O   . HOH D 4 .   ? -8.638  -4.382  -13.326 1.00 48.53  ? 579 HOH A O   1 
HETATM 1425 O  O   . HOH D 4 .   ? 18.402  -0.767  -9.036  1.00 55.71  ? 580 HOH A O   1 
HETATM 1426 O  O   . HOH D 4 .   ? 20.888  -5.639  -8.015  1.00 58.40  ? 581 HOH A O   1 
HETATM 1427 O  O   . HOH D 4 .   ? 6.313   6.874   17.268  1.00 50.01  ? 582 HOH A O   1 
HETATM 1428 O  O   . HOH D 4 .   ? 0.426   -5.731  -20.506 1.00 57.27  ? 583 HOH A O   1 
HETATM 1429 O  O   . HOH D 4 .   ? 11.113  13.779  -5.714  1.00 52.78  ? 584 HOH A O   1 
HETATM 1430 O  O   . HOH D 4 .   ? -26.493 11.873  2.354   1.00 50.57  ? 585 HOH A O   1 
HETATM 1431 O  O   . HOH D 4 .   ? -10.272 20.068  12.722  1.00 53.59  ? 586 HOH A O   1 
HETATM 1432 O  O   . HOH D 4 .   ? -1.579  -5.098  -16.344 1.00 53.94  ? 587 HOH A O   1 
HETATM 1433 O  O   . HOH D 4 .   ? -4.441  12.502  14.949  1.00 56.30  ? 588 HOH A O   1 
HETATM 1434 O  O   . HOH D 4 .   ? 14.182  1.813   -12.451 1.00 54.29  ? 589 HOH A O   1 
HETATM 1435 O  O   . HOH D 4 .   ? 10.814  1.894   -13.334 1.00 66.57  ? 590 HOH A O   1 
HETATM 1436 O  O   . HOH D 4 .   ? -27.356 7.911   -4.180  1.00 64.47  ? 591 HOH A O   1 
HETATM 1437 O  O   . HOH D 4 .   ? -11.542 -4.836  -12.413 1.00 55.62  ? 592 HOH A O   1 
HETATM 1438 O  O   . HOH D 4 .   ? 24.991  1.350   -19.144 0.33 90.01  ? 593 HOH A O   1 
HETATM 1439 O  O   . HOH D 4 .   ? -14.518 6.695   11.658  1.00 80.19  ? 594 HOH A O   1 
HETATM 1440 O  O   . HOH D 4 .   ? -34.644 4.774   1.392   1.00 155.70 ? 595 HOH A O   1 
HETATM 1441 O  O   . HOH D 4 .   ? 9.698   11.319  -11.087 1.00 56.28  ? 596 HOH A O   1 
HETATM 1442 O  O   . HOH D 4 .   ? 18.655  6.815   -4.708  1.00 57.42  ? 597 HOH A O   1 
HETATM 1443 O  O   . HOH D 4 .   ? 13.012  3.472   -10.286 1.00 66.61  ? 598 HOH A O   1 
HETATM 1444 O  O   . HOH D 4 .   ? 20.761  -1.765  16.840  1.00 57.55  ? 599 HOH A O   1 
HETATM 1445 O  O   . HOH D 4 .   ? -14.793 -0.319  -12.419 1.00 64.99  ? 600 HOH A O   1 
HETATM 1446 O  O   . HOH D 4 .   ? 1.586   -12.972 -13.951 1.00 103.75 ? 601 HOH A O   1 
HETATM 1447 O  O   . HOH D 4 .   ? 13.573  10.156  -10.134 1.00 62.92  ? 602 HOH A O   1 
HETATM 1448 O  O   . HOH D 4 .   ? 30.583  0.040   -17.249 0.33 73.18  ? 603 HOH A O   1 
HETATM 1449 O  O   . HOH D 4 .   ? 16.931  5.804   -7.388  1.00 53.20  ? 604 HOH A O   1 
HETATM 1450 O  O   . HOH D 4 .   ? 19.805  -14.868 11.162  1.00 94.44  ? 605 HOH A O   1 
HETATM 1451 O  O   . HOH D 4 .   ? 16.616  -7.035  -18.051 1.00 57.37  ? 606 HOH A O   1 
HETATM 1452 O  O   . HOH D 4 .   ? -26.547 16.098  -3.748  1.00 61.77  ? 607 HOH A O   1 
HETATM 1453 O  O   . HOH D 4 .   ? -15.377 11.685  2.750   1.00 92.06  ? 608 HOH A O   1 
HETATM 1454 O  O   . HOH D 4 .   ? -11.095 -0.678  -13.066 1.00 83.81  ? 609 HOH A O   1 
HETATM 1455 O  O   . HOH D 4 .   ? -17.504 8.234   -4.861  1.00 97.35  ? 610 HOH A O   1 
HETATM 1456 O  O   . HOH D 4 .   ? 27.859  0.678   -18.172 0.33 81.57  ? 611 HOH A O   1 
HETATM 1457 O  O   . HOH D 4 .   ? 17.689  -7.027  -14.359 1.00 75.24  ? 612 HOH A O   1 
HETATM 1458 O  O   . HOH D 4 .   ? -4.914  16.892  14.350  1.00 59.90  ? 613 HOH A O   1 
HETATM 1459 O  O   . HOH D 4 .   ? 7.286   14.987  13.929  1.00 61.01  ? 614 HOH A O   1 
HETATM 1460 O  O   . HOH D 4 .   ? -2.026  11.531  -1.816  1.00 54.58  ? 615 HOH A O   1 
HETATM 1461 O  O   . HOH D 4 .   ? -4.505  11.736  -4.511  1.00 124.16 ? 616 HOH A O   1 
HETATM 1462 O  O   . HOH D 4 .   ? 7.602   9.123   -6.565  1.00 65.98  ? 617 HOH A O   1 
HETATM 1463 O  O   . HOH D 4 .   ? 12.110  -14.221 -23.299 1.00 48.23  ? 618 HOH A O   1 
HETATM 1464 O  O   . HOH D 4 .   ? 9.088   9.159   -13.913 1.00 52.00  ? 619 HOH A O   1 
HETATM 1465 O  O   . HOH D 4 .   ? -11.663 -7.767  -11.587 1.00 81.08  ? 620 HOH A O   1 
HETATM 1466 O  O   . HOH D 4 .   ? -0.361  7.867   -7.865  1.00 49.97  ? 621 HOH A O   1 
HETATM 1467 O  O   . HOH D 4 .   ? 26.257  -7.956  0.782   1.00 67.58  ? 622 HOH A O   1 
HETATM 1468 O  O   . HOH D 4 .   ? -13.396 -9.393  -10.582 1.00 58.37  ? 623 HOH A O   1 
HETATM 1469 O  O   . HOH D 4 .   ? 14.895  -4.165  -19.527 1.00 106.07 ? 624 HOH A O   1 
HETATM 1470 O  O   . HOH D 4 .   ? 15.207  -15.900 11.015  1.00 66.84  ? 625 HOH A O   1 
HETATM 1471 O  O   . HOH D 4 .   ? -7.822  13.176  1.204   1.00 80.04  ? 626 HOH A O   1 
HETATM 1472 O  O   . HOH D 4 .   ? -0.701  16.709  5.006   1.00 80.91  ? 627 HOH A O   1 
HETATM 1473 O  O   . HOH D 4 .   ? 18.577  -8.802  11.616  1.00 73.79  ? 628 HOH A O   1 
HETATM 1474 O  O   . HOH D 4 .   ? -16.926 14.578  0.362   1.00 58.35  ? 629 HOH A O   1 
HETATM 1475 O  O   . HOH D 4 .   ? -8.265  17.203  12.219  1.00 68.12  ? 630 HOH A O   1 
HETATM 1476 O  O   . HOH D 4 .   ? 24.570  -15.189 2.433   1.00 56.86  ? 631 HOH A O   1 
HETATM 1477 O  O   . HOH D 4 .   ? 17.754  -16.338 -1.882  1.00 120.28 ? 632 HOH A O   1 
# 
loop_
_pdbx_poly_seq_scheme.asym_id 
_pdbx_poly_seq_scheme.entity_id 
_pdbx_poly_seq_scheme.seq_id 
_pdbx_poly_seq_scheme.mon_id 
_pdbx_poly_seq_scheme.ndb_seq_num 
_pdbx_poly_seq_scheme.pdb_seq_num 
_pdbx_poly_seq_scheme.auth_seq_num 
_pdbx_poly_seq_scheme.pdb_mon_id 
_pdbx_poly_seq_scheme.auth_mon_id 
_pdbx_poly_seq_scheme.pdb_strand_id 
_pdbx_poly_seq_scheme.pdb_ins_code 
_pdbx_poly_seq_scheme.hetero 
A 1 1   MET 1   91  ?   ?   ?   A . n 
A 1 2   ILE 2   92  ?   ?   ?   A . n 
A 1 3   LEU 3   93  ?   ?   ?   A . n 
A 1 4   ARG 4   94  ?   ?   ?   A . n 
A 1 5   THR 5   95  ?   ?   ?   A . n 
A 1 6   SER 6   96  ?   ?   ?   A . n 
A 1 7   GLU 7   97  ?   ?   ?   A . n 
A 1 8   GLU 8   98  ?   ?   ?   A . n 
A 1 9   THR 9   99  ?   ?   ?   A . n 
A 1 10  ILE 10  100 ?   ?   ?   A . n 
A 1 11  SER 11  101 ?   ?   ?   A . n 
A 1 12  THR 12  102 ?   ?   ?   A . n 
A 1 13  VAL 13  103 ?   ?   ?   A . n 
A 1 14  GLN 14  104 ?   ?   ?   A . n 
A 1 15  GLU 15  105 ?   ?   ?   A . n 
A 1 16  LYS 16  106 ?   ?   ?   A . n 
A 1 17  GLN 17  107 ?   ?   ?   A . n 
A 1 18  GLN 18  108 ?   ?   ?   A . n 
A 1 19  ASN 19  109 ?   ?   ?   A . n 
A 1 20  ILE 20  110 ?   ?   ?   A . n 
A 1 21  SER 21  111 ?   ?   ?   A . n 
A 1 22  PRO 22  112 ?   ?   ?   A . n 
A 1 23  LEU 23  113 ?   ?   ?   A . n 
A 1 24  VAL 24  114 ?   ?   ?   A . n 
A 1 25  ARG 25  115 ?   ?   ?   A . n 
A 1 26  GLU 26  116 ?   ?   ?   A . n 
A 1 27  ARG 27  117 ?   ?   ?   A . n 
A 1 28  GLY 28  118 ?   ?   ?   A . n 
A 1 29  PRO 29  119 ?   ?   ?   A . n 
A 1 30  GLN 30  120 120 GLN GLN A . n 
A 1 31  ARG 31  121 121 ARG ARG A . n 
A 1 32  VAL 32  122 122 VAL VAL A . n 
A 1 33  ALA 33  123 123 ALA ALA A . n 
A 1 34  ALA 34  124 124 ALA ALA A . n 
A 1 35  HIS 35  125 125 HIS HIS A . n 
A 1 36  ILE 36  126 126 ILE ILE A . n 
A 1 37  THR 37  127 127 THR THR A . n 
A 1 38  GLY 38  128 128 GLY GLY A . n 
A 1 39  THR 39  129 129 THR THR A . n 
A 1 40  ARG 40  130 130 ARG ARG A . n 
A 1 41  GLY 41  131 ?   ?   ?   A . n 
A 1 42  ARG 42  132 ?   ?   ?   A . n 
A 1 43  SER 43  133 ?   ?   ?   A . n 
A 1 44  ASN 44  134 ?   ?   ?   A . n 
A 1 45  THR 45  135 ?   ?   ?   A . n 
A 1 46  LEU 46  136 ?   ?   ?   A . n 
A 1 47  SER 47  137 ?   ?   ?   A . n 
A 1 48  SER 48  138 ?   ?   ?   A . n 
A 1 49  PRO 49  139 ?   ?   ?   A . n 
A 1 50  ASN 50  140 ?   ?   ?   A . n 
A 1 51  SER 51  141 ?   ?   ?   A . n 
A 1 52  LYS 52  142 142 LYS LYS A . n 
A 1 53  ASN 53  143 143 ASN ASN A . n 
A 1 54  GLU 54  144 144 GLU GLU A . n 
A 1 55  LYS 55  145 145 LYS LYS A . n 
A 1 56  ALA 56  146 146 ALA ALA A . n 
A 1 57  LEU 57  147 147 LEU LEU A . n 
A 1 58  GLY 58  148 148 GLY GLY A . n 
A 1 59  ARG 59  149 149 ARG ARG A . n 
A 1 60  LYS 60  150 150 LYS LYS A . n 
A 1 61  ILE 61  151 151 ILE ILE A . n 
A 1 62  ASN 62  152 152 ASN ASN A . n 
A 1 63  SER 63  153 153 SER SER A . n 
A 1 64  TRP 64  154 154 TRP TRP A . n 
A 1 65  GLU 65  155 155 GLU GLU A . n 
A 1 66  SER 66  156 156 SER SER A . n 
A 1 67  SER 67  157 157 SER SER A . n 
A 1 68  ARG 68  158 158 ARG ARG A . n 
A 1 69  SER 69  159 159 SER SER A . n 
A 1 70  GLY 70  160 160 GLY GLY A . n 
A 1 71  HIS 71  161 161 HIS HIS A . n 
A 1 72  SER 72  162 162 SER SER A . n 
A 1 73  PHE 73  163 163 PHE PHE A . n 
A 1 74  LEU 74  164 164 LEU LEU A . n 
A 1 75  SER 75  165 165 SER SER A . n 
A 1 76  ASN 76  166 166 ASN ASN A . n 
A 1 77  LEU 77  167 167 LEU LEU A . n 
A 1 78  HIS 78  168 168 HIS HIS A . n 
A 1 79  LEU 79  169 169 LEU LEU A . n 
A 1 80  ARG 80  170 170 ARG ARG A . n 
A 1 81  ASN 81  171 171 ASN ASN A . n 
A 1 82  GLY 82  172 172 GLY GLY A . n 
A 1 83  GLU 83  173 173 GLU GLU A . n 
A 1 84  LEU 84  174 174 LEU LEU A . n 
A 1 85  VAL 85  175 175 VAL VAL A . n 
A 1 86  ILE 86  176 176 ILE ILE A . n 
A 1 87  HIS 87  177 177 HIS HIS A . n 
A 1 88  GLU 88  178 178 GLU GLU A . n 
A 1 89  LYS 89  179 179 LYS LYS A . n 
A 1 90  GLY 90  180 180 GLY GLY A . n 
A 1 91  PHE 91  181 181 PHE PHE A . n 
A 1 92  TYR 92  182 182 TYR TYR A . n 
A 1 93  TYR 93  183 183 TYR TYR A . n 
A 1 94  ILE 94  184 184 ILE ILE A . n 
A 1 95  TYR 95  185 185 TYR TYR A . n 
A 1 96  SER 96  186 186 SER SER A . n 
A 1 97  GLN 97  187 187 GLN GLN A . n 
A 1 98  THR 98  188 188 THR THR A . n 
A 1 99  TYR 99  189 189 TYR TYR A . n 
A 1 100 PHE 100 190 190 PHE PHE A . n 
A 1 101 ARG 101 191 191 ARG ARG A . n 
A 1 102 PHE 102 192 192 PHE PHE A . n 
A 1 103 GLN 103 193 193 GLN GLN A . n 
A 1 104 GLU 104 194 194 GLU GLU A . n 
A 1 105 GLU 105 195 ?   ?   ?   A . n 
A 1 106 ILE 106 196 ?   ?   ?   A . n 
A 1 107 LYS 107 197 197 LYS LYS A . n 
A 1 108 GLU 108 198 198 GLU GLU A . n 
A 1 109 ASN 109 199 199 ASN ASN A . n 
A 1 110 THR 110 200 200 THR THR A . n 
A 1 111 LYS 111 201 201 LYS LYS A . n 
A 1 112 ASN 112 202 202 ASN ASN A . n 
A 1 113 ASP 113 203 203 ASP ASP A . n 
A 1 114 LYS 114 204 204 LYS LYS A . n 
A 1 115 GLN 115 205 205 GLN GLN A . n 
A 1 116 MET 116 206 206 MET MET A . n 
A 1 117 VAL 117 207 207 VAL VAL A . n 
A 1 118 GLN 118 208 208 GLN GLN A . n 
A 1 119 TYR 119 209 209 TYR TYR A . n 
A 1 120 ILE 120 210 210 ILE ILE A . n 
A 1 121 TYR 121 211 211 TYR TYR A . n 
A 1 122 LYS 122 212 212 LYS LYS A . n 
A 1 123 TYR 123 213 213 TYR TYR A . n 
A 1 124 THR 124 214 214 THR THR A . n 
A 1 125 SER 125 215 215 SER SER A . n 
A 1 126 TYR 126 216 216 TYR TYR A . n 
A 1 127 PRO 127 217 217 PRO PRO A . n 
A 1 128 ALA 128 218 218 ALA ALA A . n 
A 1 129 PRO 129 219 219 PRO PRO A . n 
A 1 130 ILE 130 220 220 ILE ILE A . n 
A 1 131 LEU 131 221 221 LEU LEU A . n 
A 1 132 LEU 132 222 222 LEU LEU A . n 
A 1 133 MET 133 223 223 MET MET A . n 
A 1 134 LYS 134 224 224 LYS LYS A . n 
A 1 135 SER 135 225 225 SER SER A . n 
A 1 136 ALA 136 226 226 ALA ALA A . n 
A 1 137 ARG 137 227 227 ARG ARG A . n 
A 1 138 ASN 138 228 228 ASN ASN A . n 
A 1 139 SER 139 229 229 SER SER A . n 
A 1 140 CYS 140 230 230 CYS CYS A . n 
A 1 141 TRP 141 231 231 TRP TRP A . n 
A 1 142 SER 142 232 232 SER SER A . n 
A 1 143 LYS 143 233 233 LYS LYS A . n 
A 1 144 ASP 144 234 234 ASP ASP A . n 
A 1 145 ALA 145 235 235 ALA ALA A . n 
A 1 146 GLU 146 236 236 GLU GLU A . n 
A 1 147 TYR 147 237 237 TYR TYR A . n 
A 1 148 GLY 148 238 238 GLY GLY A . n 
A 1 149 LEU 149 239 239 LEU LEU A . n 
A 1 150 TYR 150 240 240 TYR TYR A . n 
A 1 151 SER 151 241 241 SER SER A . n 
A 1 152 ILE 152 242 242 ILE ILE A . n 
A 1 153 TYR 153 243 243 TYR TYR A . n 
A 1 154 GLN 154 244 244 GLN GLN A . n 
A 1 155 GLY 155 245 245 GLY GLY A . n 
A 1 156 GLY 156 246 246 GLY GLY A . n 
A 1 157 ILE 157 247 247 ILE ILE A . n 
A 1 158 PHE 158 248 248 PHE PHE A . n 
A 1 159 GLU 159 249 249 GLU GLU A . n 
A 1 160 LEU 160 250 250 LEU LEU A . n 
A 1 161 LYS 161 251 251 LYS LYS A . n 
A 1 162 GLU 162 252 252 GLU GLU A . n 
A 1 163 ASN 163 253 253 ASN ASN A . n 
A 1 164 ASP 164 254 254 ASP ASP A . n 
A 1 165 ARG 165 255 255 ARG ARG A . n 
A 1 166 ILE 166 256 256 ILE ILE A . n 
A 1 167 PHE 167 257 257 PHE PHE A . n 
A 1 168 VAL 168 258 258 VAL VAL A . n 
A 1 169 SER 169 259 259 SER SER A . n 
A 1 170 VAL 170 260 260 VAL VAL A . n 
A 1 171 THR 171 261 261 THR THR A . n 
A 1 172 ASN 172 262 262 ASN ASN A . n 
A 1 173 GLU 173 263 263 GLU GLU A . n 
A 1 174 HIS 174 264 264 HIS HIS A . n 
A 1 175 LEU 175 265 265 LEU LEU A . n 
A 1 176 ILE 176 266 266 ILE ILE A . n 
A 1 177 ASP 177 267 267 ASP ASP A . n 
A 1 178 MET 178 268 268 MET MET A . n 
A 1 179 ASP 179 269 269 ASP ASP A . n 
A 1 180 HIS 180 270 270 HIS HIS A . n 
A 1 181 GLU 181 271 271 GLU GLU A . n 
A 1 182 ALA 182 272 272 ALA ALA A . n 
A 1 183 SER 183 273 273 SER SER A . n 
A 1 184 PHE 184 274 274 PHE PHE A . n 
A 1 185 PHE 185 275 275 PHE PHE A . n 
A 1 186 GLY 186 276 276 GLY GLY A . n 
A 1 187 ALA 187 277 277 ALA ALA A . n 
A 1 188 PHE 188 278 278 PHE PHE A . n 
A 1 189 LEU 189 279 279 LEU LEU A . n 
A 1 190 VAL 190 280 280 VAL VAL A . n 
A 1 191 GLY 191 281 281 GLY GLY A . n 
# 
loop_
_pdbx_nonpoly_scheme.asym_id 
_pdbx_nonpoly_scheme.entity_id 
_pdbx_nonpoly_scheme.mon_id 
_pdbx_nonpoly_scheme.ndb_seq_num 
_pdbx_nonpoly_scheme.pdb_seq_num 
_pdbx_nonpoly_scheme.auth_seq_num 
_pdbx_nonpoly_scheme.pdb_mon_id 
_pdbx_nonpoly_scheme.auth_mon_id 
_pdbx_nonpoly_scheme.pdb_strand_id 
_pdbx_nonpoly_scheme.pdb_ins_code 
B 2 ZN  1   300 300 ZN  ZN  A . 
C 3 CL  1   406 406 CL  CL  A . 
D 4 HOH 1   407 1   HOH HOH A . 
D 4 HOH 2   408 2   HOH HOH A . 
D 4 HOH 3   409 3   HOH HOH A . 
D 4 HOH 4   410 4   HOH HOH A . 
D 4 HOH 5   411 5   HOH HOH A . 
D 4 HOH 6   412 6   HOH HOH A . 
D 4 HOH 7   413 7   HOH HOH A . 
D 4 HOH 8   414 8   HOH HOH A . 
D 4 HOH 9   415 9   HOH HOH A . 
D 4 HOH 10  416 10  HOH HOH A . 
D 4 HOH 11  417 11  HOH HOH A . 
D 4 HOH 12  418 12  HOH HOH A . 
D 4 HOH 13  419 13  HOH HOH A . 
D 4 HOH 14  420 14  HOH HOH A . 
D 4 HOH 15  421 15  HOH HOH A . 
D 4 HOH 16  422 16  HOH HOH A . 
D 4 HOH 17  423 17  HOH HOH A . 
D 4 HOH 18  424 18  HOH HOH A . 
D 4 HOH 19  425 19  HOH HOH A . 
D 4 HOH 20  426 20  HOH HOH A . 
D 4 HOH 21  427 21  HOH HOH A . 
D 4 HOH 22  428 22  HOH HOH A . 
D 4 HOH 23  429 23  HOH HOH A . 
D 4 HOH 24  430 24  HOH HOH A . 
D 4 HOH 25  431 25  HOH HOH A . 
D 4 HOH 26  432 26  HOH HOH A . 
D 4 HOH 27  433 27  HOH HOH A . 
D 4 HOH 28  434 28  HOH HOH A . 
D 4 HOH 29  435 29  HOH HOH A . 
D 4 HOH 30  436 30  HOH HOH A . 
D 4 HOH 31  437 31  HOH HOH A . 
D 4 HOH 32  438 32  HOH HOH A . 
D 4 HOH 33  439 33  HOH HOH A . 
D 4 HOH 34  440 34  HOH HOH A . 
D 4 HOH 35  441 35  HOH HOH A . 
D 4 HOH 36  442 36  HOH HOH A . 
D 4 HOH 37  443 37  HOH HOH A . 
D 4 HOH 38  444 38  HOH HOH A . 
D 4 HOH 39  445 39  HOH HOH A . 
D 4 HOH 40  446 40  HOH HOH A . 
D 4 HOH 41  447 41  HOH HOH A . 
D 4 HOH 42  448 42  HOH HOH A . 
D 4 HOH 43  449 43  HOH HOH A . 
D 4 HOH 44  450 44  HOH HOH A . 
D 4 HOH 45  451 45  HOH HOH A . 
D 4 HOH 46  452 46  HOH HOH A . 
D 4 HOH 47  453 47  HOH HOH A . 
D 4 HOH 48  454 48  HOH HOH A . 
D 4 HOH 49  455 49  HOH HOH A . 
D 4 HOH 50  456 50  HOH HOH A . 
D 4 HOH 51  457 51  HOH HOH A . 
D 4 HOH 52  458 52  HOH HOH A . 
D 4 HOH 53  459 53  HOH HOH A . 
D 4 HOH 54  460 54  HOH HOH A . 
D 4 HOH 55  461 55  HOH HOH A . 
D 4 HOH 56  462 56  HOH HOH A . 
D 4 HOH 57  463 57  HOH HOH A . 
D 4 HOH 58  464 58  HOH HOH A . 
D 4 HOH 59  465 59  HOH HOH A . 
D 4 HOH 60  466 60  HOH HOH A . 
D 4 HOH 61  467 61  HOH HOH A . 
D 4 HOH 62  468 62  HOH HOH A . 
D 4 HOH 63  469 63  HOH HOH A . 
D 4 HOH 64  470 64  HOH HOH A . 
D 4 HOH 65  471 65  HOH HOH A . 
D 4 HOH 66  472 66  HOH HOH A . 
D 4 HOH 67  473 67  HOH HOH A . 
D 4 HOH 68  474 68  HOH HOH A . 
D 4 HOH 69  475 69  HOH HOH A . 
D 4 HOH 70  476 70  HOH HOH A . 
D 4 HOH 71  477 71  HOH HOH A . 
D 4 HOH 72  478 72  HOH HOH A . 
D 4 HOH 73  479 73  HOH HOH A . 
D 4 HOH 74  480 74  HOH HOH A . 
D 4 HOH 75  481 75  HOH HOH A . 
D 4 HOH 76  482 76  HOH HOH A . 
D 4 HOH 77  483 77  HOH HOH A . 
D 4 HOH 78  484 78  HOH HOH A . 
D 4 HOH 79  485 79  HOH HOH A . 
D 4 HOH 80  486 80  HOH HOH A . 
D 4 HOH 81  487 81  HOH HOH A . 
D 4 HOH 82  488 82  HOH HOH A . 
D 4 HOH 83  489 83  HOH HOH A . 
D 4 HOH 84  490 84  HOH HOH A . 
D 4 HOH 85  491 85  HOH HOH A . 
D 4 HOH 86  492 86  HOH HOH A . 
D 4 HOH 87  493 87  HOH HOH A . 
D 4 HOH 88  494 88  HOH HOH A . 
D 4 HOH 89  495 89  HOH HOH A . 
D 4 HOH 90  496 90  HOH HOH A . 
D 4 HOH 91  497 91  HOH HOH A . 
D 4 HOH 92  498 92  HOH HOH A . 
D 4 HOH 93  499 93  HOH HOH A . 
D 4 HOH 94  500 94  HOH HOH A . 
D 4 HOH 95  501 95  HOH HOH A . 
D 4 HOH 96  502 96  HOH HOH A . 
D 4 HOH 97  503 97  HOH HOH A . 
D 4 HOH 98  504 98  HOH HOH A . 
D 4 HOH 99  505 99  HOH HOH A . 
D 4 HOH 100 506 100 HOH HOH A . 
D 4 HOH 101 507 101 HOH HOH A . 
D 4 HOH 102 508 102 HOH HOH A . 
D 4 HOH 103 509 103 HOH HOH A . 
D 4 HOH 104 510 104 HOH HOH A . 
D 4 HOH 105 511 105 HOH HOH A . 
D 4 HOH 106 512 106 HOH HOH A . 
D 4 HOH 107 513 107 HOH HOH A . 
D 4 HOH 108 514 108 HOH HOH A . 
D 4 HOH 109 515 109 HOH HOH A . 
D 4 HOH 110 516 110 HOH HOH A . 
D 4 HOH 111 517 111 HOH HOH A . 
D 4 HOH 112 518 112 HOH HOH A . 
D 4 HOH 113 519 113 HOH HOH A . 
D 4 HOH 114 520 114 HOH HOH A . 
D 4 HOH 115 521 115 HOH HOH A . 
D 4 HOH 116 522 116 HOH HOH A . 
D 4 HOH 117 523 117 HOH HOH A . 
D 4 HOH 118 524 118 HOH HOH A . 
D 4 HOH 119 525 119 HOH HOH A . 
D 4 HOH 120 526 120 HOH HOH A . 
D 4 HOH 121 527 121 HOH HOH A . 
D 4 HOH 122 528 122 HOH HOH A . 
D 4 HOH 123 529 123 HOH HOH A . 
D 4 HOH 124 530 124 HOH HOH A . 
D 4 HOH 125 531 125 HOH HOH A . 
D 4 HOH 126 532 126 HOH HOH A . 
D 4 HOH 127 533 127 HOH HOH A . 
D 4 HOH 128 534 128 HOH HOH A . 
D 4 HOH 129 535 129 HOH HOH A . 
D 4 HOH 130 536 130 HOH HOH A . 
D 4 HOH 131 537 131 HOH HOH A . 
D 4 HOH 132 538 132 HOH HOH A . 
D 4 HOH 133 539 133 HOH HOH A . 
D 4 HOH 134 540 134 HOH HOH A . 
D 4 HOH 135 541 135 HOH HOH A . 
D 4 HOH 136 542 136 HOH HOH A . 
D 4 HOH 137 543 137 HOH HOH A . 
D 4 HOH 138 544 138 HOH HOH A . 
D 4 HOH 139 545 139 HOH HOH A . 
D 4 HOH 140 546 140 HOH HOH A . 
D 4 HOH 141 547 141 HOH HOH A . 
D 4 HOH 142 548 142 HOH HOH A . 
D 4 HOH 143 549 143 HOH HOH A . 
D 4 HOH 144 550 144 HOH HOH A . 
D 4 HOH 145 551 145 HOH HOH A . 
D 4 HOH 146 552 146 HOH HOH A . 
D 4 HOH 147 553 147 HOH HOH A . 
D 4 HOH 148 554 148 HOH HOH A . 
D 4 HOH 149 555 149 HOH HOH A . 
D 4 HOH 150 556 150 HOH HOH A . 
D 4 HOH 151 557 151 HOH HOH A . 
D 4 HOH 152 558 152 HOH HOH A . 
D 4 HOH 153 559 153 HOH HOH A . 
D 4 HOH 154 560 154 HOH HOH A . 
D 4 HOH 155 561 155 HOH HOH A . 
D 4 HOH 156 562 156 HOH HOH A . 
D 4 HOH 157 563 157 HOH HOH A . 
D 4 HOH 158 564 158 HOH HOH A . 
D 4 HOH 159 565 159 HOH HOH A . 
D 4 HOH 160 566 160 HOH HOH A . 
D 4 HOH 161 567 161 HOH HOH A . 
D 4 HOH 162 568 162 HOH HOH A . 
D 4 HOH 163 569 163 HOH HOH A . 
D 4 HOH 164 570 164 HOH HOH A . 
D 4 HOH 165 571 165 HOH HOH A . 
D 4 HOH 166 572 166 HOH HOH A . 
D 4 HOH 167 573 167 HOH HOH A . 
D 4 HOH 168 574 168 HOH HOH A . 
D 4 HOH 169 575 169 HOH HOH A . 
D 4 HOH 170 576 170 HOH HOH A . 
D 4 HOH 171 577 171 HOH HOH A . 
D 4 HOH 172 578 172 HOH HOH A . 
D 4 HOH 173 579 173 HOH HOH A . 
D 4 HOH 174 580 174 HOH HOH A . 
D 4 HOH 175 581 175 HOH HOH A . 
D 4 HOH 176 582 176 HOH HOH A . 
D 4 HOH 177 583 177 HOH HOH A . 
D 4 HOH 178 584 178 HOH HOH A . 
D 4 HOH 179 585 179 HOH HOH A . 
D 4 HOH 180 586 180 HOH HOH A . 
D 4 HOH 181 587 181 HOH HOH A . 
D 4 HOH 182 588 182 HOH HOH A . 
D 4 HOH 183 589 183 HOH HOH A . 
D 4 HOH 184 590 184 HOH HOH A . 
D 4 HOH 185 591 185 HOH HOH A . 
D 4 HOH 186 592 186 HOH HOH A . 
D 4 HOH 187 593 187 HOH HOH A . 
D 4 HOH 188 594 188 HOH HOH A . 
D 4 HOH 189 595 189 HOH HOH A . 
D 4 HOH 190 596 190 HOH HOH A . 
D 4 HOH 191 597 191 HOH HOH A . 
D 4 HOH 192 598 192 HOH HOH A . 
D 4 HOH 193 599 193 HOH HOH A . 
D 4 HOH 194 600 194 HOH HOH A . 
D 4 HOH 195 601 195 HOH HOH A . 
D 4 HOH 196 602 196 HOH HOH A . 
D 4 HOH 197 603 197 HOH HOH A . 
D 4 HOH 198 604 198 HOH HOH A . 
D 4 HOH 199 605 199 HOH HOH A . 
D 4 HOH 200 606 200 HOH HOH A . 
D 4 HOH 201 607 201 HOH HOH A . 
D 4 HOH 202 608 202 HOH HOH A . 
D 4 HOH 203 609 203 HOH HOH A . 
D 4 HOH 204 610 204 HOH HOH A . 
D 4 HOH 205 611 205 HOH HOH A . 
D 4 HOH 206 612 206 HOH HOH A . 
D 4 HOH 207 613 207 HOH HOH A . 
D 4 HOH 208 614 208 HOH HOH A . 
D 4 HOH 209 615 209 HOH HOH A . 
D 4 HOH 210 616 210 HOH HOH A . 
D 4 HOH 211 617 211 HOH HOH A . 
D 4 HOH 212 618 212 HOH HOH A . 
D 4 HOH 213 619 213 HOH HOH A . 
D 4 HOH 214 620 214 HOH HOH A . 
D 4 HOH 215 621 215 HOH HOH A . 
D 4 HOH 216 622 216 HOH HOH A . 
D 4 HOH 217 623 217 HOH HOH A . 
D 4 HOH 218 624 218 HOH HOH A . 
D 4 HOH 219 625 219 HOH HOH A . 
D 4 HOH 220 626 220 HOH HOH A . 
D 4 HOH 221 627 221 HOH HOH A . 
D 4 HOH 222 628 222 HOH HOH A . 
D 4 HOH 223 629 223 HOH HOH A . 
D 4 HOH 224 630 224 HOH HOH A . 
D 4 HOH 225 631 225 HOH HOH A . 
D 4 HOH 226 632 226 HOH HOH A . 
# 
_pdbx_struct_assembly.id                   1 
_pdbx_struct_assembly.details              author_and_software_defined_assembly 
_pdbx_struct_assembly.method_details       PISA,PQS 
_pdbx_struct_assembly.oligomeric_details   trimeric 
_pdbx_struct_assembly.oligomeric_count     3 
# 
_pdbx_struct_assembly_gen.assembly_id       1 
_pdbx_struct_assembly_gen.oper_expression   1,2,3 
_pdbx_struct_assembly_gen.asym_id_list      A,B,C,D 
# 
loop_
_pdbx_struct_assembly_prop.biol_id 
_pdbx_struct_assembly_prop.type 
_pdbx_struct_assembly_prop.value 
_pdbx_struct_assembly_prop.details 
1 'ABSA (A^2)' 7730  ? 
1 MORE         -126  ? 
1 'SSA (A^2)'  19360 ? 
# 
loop_
_pdbx_struct_oper_list.id 
_pdbx_struct_oper_list.type 
_pdbx_struct_oper_list.name 
_pdbx_struct_oper_list.symmetry_operation 
_pdbx_struct_oper_list.matrix[1][1] 
_pdbx_struct_oper_list.matrix[1][2] 
_pdbx_struct_oper_list.matrix[1][3] 
_pdbx_struct_oper_list.vector[1] 
_pdbx_struct_oper_list.matrix[2][1] 
_pdbx_struct_oper_list.matrix[2][2] 
_pdbx_struct_oper_list.matrix[2][3] 
_pdbx_struct_oper_list.vector[2] 
_pdbx_struct_oper_list.matrix[3][1] 
_pdbx_struct_oper_list.matrix[3][2] 
_pdbx_struct_oper_list.matrix[3][3] 
_pdbx_struct_oper_list.vector[3] 
1 'identity operation'         1_555 x,y,z     1.0000000000 0.0000000000  0.0000000000 0.0000000000  0.0000000000  1.0000000000  0.0000000000  0.0000000000   0.0000000000 0.0000000000  1.0000000000  0.0000000000  
2 'crystal symmetry operation' 2_555 -y,x-y,z  0.7824179184 -0.0293013169 0.6220640110 -6.7478108960 -0.5717895346 -0.4295646516 0.6989498825  -20.1472745115 0.2467365582 -0.9025606035 -0.3528532668 5.9814472953  
3 'crystal symmetry operation' 3_555 -x+y,-x,z 0.7824179184 -0.5717895346 0.2467365582 -7.7162342799 -0.0293013169 -0.4295646516 -0.9025606035 -3.4536580198  0.6220640110 0.6989498825  -0.3528532668 20.3900786829 
# 
loop_
_pdbx_struct_special_symmetry.id 
_pdbx_struct_special_symmetry.PDB_model_num 
_pdbx_struct_special_symmetry.auth_asym_id 
_pdbx_struct_special_symmetry.auth_comp_id 
_pdbx_struct_special_symmetry.auth_seq_id 
_pdbx_struct_special_symmetry.PDB_ins_code 
_pdbx_struct_special_symmetry.label_asym_id 
_pdbx_struct_special_symmetry.label_comp_id 
_pdbx_struct_special_symmetry.label_seq_id 
1  1 A ZN  300 ? B ZN  . 
2  1 A CL  406 ? C CL  . 
3  1 A HOH 410 ? D HOH . 
4  1 A HOH 433 ? D HOH . 
5  1 A HOH 465 ? D HOH . 
6  1 A HOH 559 ? D HOH . 
7  1 A HOH 565 ? D HOH . 
8  1 A HOH 593 ? D HOH . 
9  1 A HOH 603 ? D HOH . 
10 1 A HOH 611 ? D HOH . 
# 
loop_
_pdbx_struct_conn_angle.id 
_pdbx_struct_conn_angle.ptnr1_label_atom_id 
_pdbx_struct_conn_angle.ptnr1_label_alt_id 
_pdbx_struct_conn_angle.ptnr1_label_asym_id 
_pdbx_struct_conn_angle.ptnr1_label_comp_id 
_pdbx_struct_conn_angle.ptnr1_label_seq_id 
_pdbx_struct_conn_angle.ptnr1_auth_atom_id 
_pdbx_struct_conn_angle.ptnr1_auth_asym_id 
_pdbx_struct_conn_angle.ptnr1_auth_comp_id 
_pdbx_struct_conn_angle.ptnr1_auth_seq_id 
_pdbx_struct_conn_angle.ptnr1_PDB_ins_code 
_pdbx_struct_conn_angle.ptnr1_symmetry 
_pdbx_struct_conn_angle.ptnr2_label_atom_id 
_pdbx_struct_conn_angle.ptnr2_label_alt_id 
_pdbx_struct_conn_angle.ptnr2_label_asym_id 
_pdbx_struct_conn_angle.ptnr2_label_comp_id 
_pdbx_struct_conn_angle.ptnr2_label_seq_id 
_pdbx_struct_conn_angle.ptnr2_auth_atom_id 
_pdbx_struct_conn_angle.ptnr2_auth_asym_id 
_pdbx_struct_conn_angle.ptnr2_auth_comp_id 
_pdbx_struct_conn_angle.ptnr2_auth_seq_id 
_pdbx_struct_conn_angle.ptnr2_PDB_ins_code 
_pdbx_struct_conn_angle.ptnr2_symmetry 
_pdbx_struct_conn_angle.ptnr3_label_atom_id 
_pdbx_struct_conn_angle.ptnr3_label_alt_id 
_pdbx_struct_conn_angle.ptnr3_label_asym_id 
_pdbx_struct_conn_angle.ptnr3_label_comp_id 
_pdbx_struct_conn_angle.ptnr3_label_seq_id 
_pdbx_struct_conn_angle.ptnr3_auth_atom_id 
_pdbx_struct_conn_angle.ptnr3_auth_asym_id 
_pdbx_struct_conn_angle.ptnr3_auth_comp_id 
_pdbx_struct_conn_angle.ptnr3_auth_seq_id 
_pdbx_struct_conn_angle.ptnr3_PDB_ins_code 
_pdbx_struct_conn_angle.ptnr3_symmetry 
_pdbx_struct_conn_angle.value 
_pdbx_struct_conn_angle.value_esd 
1  SG ? A CYS 140 ? A CYS 230 ? 1_555 ZN ? B ZN . ? A ZN 300 ? 1_555 SG ? A CYS 140 ? A CYS 230 ? 3_555 111.7 ? 
2  SG ? A CYS 140 ? A CYS 230 ? 1_555 ZN ? B ZN . ? A ZN 300 ? 1_555 SG ? A CYS 140 ? A CYS 230 ? 2_555 111.7 ? 
3  SG ? A CYS 140 ? A CYS 230 ? 3_555 ZN ? B ZN . ? A ZN 300 ? 1_555 SG ? A CYS 140 ? A CYS 230 ? 2_555 111.7 ? 
4  SG ? A CYS 140 ? A CYS 230 ? 1_555 ZN ? B ZN . ? A ZN 300 ? 1_555 CL ? C CL  .   ? A CL  406 ? 1_555 107.1 ? 
5  SG ? A CYS 140 ? A CYS 230 ? 3_555 ZN ? B ZN . ? A ZN 300 ? 1_555 CL ? C CL  .   ? A CL  406 ? 1_555 107.1 ? 
6  SG ? A CYS 140 ? A CYS 230 ? 2_555 ZN ? B ZN . ? A ZN 300 ? 1_555 CL ? C CL  .   ? A CL  406 ? 1_555 107.1 ? 
7  SG ? A CYS 140 ? A CYS 230 ? 1_555 ZN ? B ZN . ? A ZN 300 ? 1_555 CL ? C CL  .   ? A CL  406 ? 2_555 107.1 ? 
8  SG ? A CYS 140 ? A CYS 230 ? 3_555 ZN ? B ZN . ? A ZN 300 ? 1_555 CL ? C CL  .   ? A CL  406 ? 2_555 107.1 ? 
9  SG ? A CYS 140 ? A CYS 230 ? 2_555 ZN ? B ZN . ? A ZN 300 ? 1_555 CL ? C CL  .   ? A CL  406 ? 2_555 107.1 ? 
10 CL ? C CL  .   ? A CL  406 ? 1_555 ZN ? B ZN . ? A ZN 300 ? 1_555 CL ? C CL  .   ? A CL  406 ? 2_555 0.0   ? 
11 SG ? A CYS 140 ? A CYS 230 ? 1_555 ZN ? B ZN . ? A ZN 300 ? 1_555 CL ? C CL  .   ? A CL  406 ? 3_555 107.1 ? 
12 SG ? A CYS 140 ? A CYS 230 ? 3_555 ZN ? B ZN . ? A ZN 300 ? 1_555 CL ? C CL  .   ? A CL  406 ? 3_555 107.1 ? 
13 SG ? A CYS 140 ? A CYS 230 ? 2_555 ZN ? B ZN . ? A ZN 300 ? 1_555 CL ? C CL  .   ? A CL  406 ? 3_555 107.1 ? 
14 CL ? C CL  .   ? A CL  406 ? 1_555 ZN ? B ZN . ? A ZN 300 ? 1_555 CL ? C CL  .   ? A CL  406 ? 3_555 0.0   ? 
15 CL ? C CL  .   ? A CL  406 ? 2_555 ZN ? B ZN . ? A ZN 300 ? 1_555 CL ? C CL  .   ? A CL  406 ? 3_555 0.0   ? 
# 
loop_
_pdbx_audit_revision_history.ordinal 
_pdbx_audit_revision_history.data_content_type 
_pdbx_audit_revision_history.major_revision 
_pdbx_audit_revision_history.minor_revision 
_pdbx_audit_revision_history.revision_date 
1 'Structure model' 1 0 2000-01-26 
2 'Structure model' 1 1 2008-04-27 
3 'Structure model' 1 2 2011-07-13 
4 'Structure model' 1 3 2018-03-14 
5 'Structure model' 1 4 2023-08-09 
# 
_pdbx_audit_revision_details.ordinal             1 
_pdbx_audit_revision_details.revision_ordinal    1 
_pdbx_audit_revision_details.data_content_type   'Structure model' 
_pdbx_audit_revision_details.provider            repository 
_pdbx_audit_revision_details.type                'Initial release' 
_pdbx_audit_revision_details.description         ? 
_pdbx_audit_revision_details.details             ? 
# 
loop_
_pdbx_audit_revision_group.ordinal 
_pdbx_audit_revision_group.revision_ordinal 
_pdbx_audit_revision_group.data_content_type 
_pdbx_audit_revision_group.group 
1 2 'Structure model' 'Version format compliance' 
2 3 'Structure model' 'Derived calculations'      
3 3 'Structure model' 'Version format compliance' 
4 4 'Structure model' 'Database references'       
5 5 'Structure model' 'Data collection'           
6 5 'Structure model' 'Database references'       
7 5 'Structure model' 'Derived calculations'      
8 5 'Structure model' 'Refinement description'    
# 
loop_
_pdbx_audit_revision_category.ordinal 
_pdbx_audit_revision_category.revision_ordinal 
_pdbx_audit_revision_category.data_content_type 
_pdbx_audit_revision_category.category 
1 4 'Structure model' struct_ref_seq_dif            
2 5 'Structure model' chem_comp_atom                
3 5 'Structure model' chem_comp_bond                
4 5 'Structure model' database_2                    
5 5 'Structure model' pdbx_initial_refinement_model 
6 5 'Structure model' pdbx_struct_conn_angle        
7 5 'Structure model' struct_conn                   
8 5 'Structure model' struct_ref_seq_dif            
9 5 'Structure model' struct_site                   
# 
loop_
_pdbx_audit_revision_item.ordinal 
_pdbx_audit_revision_item.revision_ordinal 
_pdbx_audit_revision_item.data_content_type 
_pdbx_audit_revision_item.item 
1  4 'Structure model' '_struct_ref_seq_dif.details'                 
2  5 'Structure model' '_database_2.pdbx_DOI'                        
3  5 'Structure model' '_database_2.pdbx_database_accession'         
4  5 'Structure model' '_pdbx_struct_conn_angle.ptnr1_auth_comp_id'  
5  5 'Structure model' '_pdbx_struct_conn_angle.ptnr1_auth_seq_id'   
6  5 'Structure model' '_pdbx_struct_conn_angle.ptnr1_label_asym_id' 
7  5 'Structure model' '_pdbx_struct_conn_angle.ptnr1_label_atom_id' 
8  5 'Structure model' '_pdbx_struct_conn_angle.ptnr1_label_comp_id' 
9  5 'Structure model' '_pdbx_struct_conn_angle.ptnr1_label_seq_id'  
10 5 'Structure model' '_pdbx_struct_conn_angle.ptnr1_symmetry'      
11 5 'Structure model' '_pdbx_struct_conn_angle.ptnr3_auth_comp_id'  
12 5 'Structure model' '_pdbx_struct_conn_angle.ptnr3_auth_seq_id'   
13 5 'Structure model' '_pdbx_struct_conn_angle.ptnr3_label_asym_id' 
14 5 'Structure model' '_pdbx_struct_conn_angle.ptnr3_label_atom_id' 
15 5 'Structure model' '_pdbx_struct_conn_angle.ptnr3_label_comp_id' 
16 5 'Structure model' '_pdbx_struct_conn_angle.ptnr3_label_seq_id'  
17 5 'Structure model' '_pdbx_struct_conn_angle.ptnr3_symmetry'      
18 5 'Structure model' '_pdbx_struct_conn_angle.value'               
19 5 'Structure model' '_struct_conn.ptnr1_auth_comp_id'             
20 5 'Structure model' '_struct_conn.ptnr1_auth_seq_id'              
21 5 'Structure model' '_struct_conn.ptnr1_label_asym_id'            
22 5 'Structure model' '_struct_conn.ptnr1_label_atom_id'            
23 5 'Structure model' '_struct_conn.ptnr1_label_comp_id'            
24 5 'Structure model' '_struct_conn.ptnr1_label_seq_id'             
25 5 'Structure model' '_struct_conn.ptnr1_symmetry'                 
26 5 'Structure model' '_struct_conn.ptnr2_auth_comp_id'             
27 5 'Structure model' '_struct_conn.ptnr2_auth_seq_id'              
28 5 'Structure model' '_struct_conn.ptnr2_label_asym_id'            
29 5 'Structure model' '_struct_conn.ptnr2_label_atom_id'            
30 5 'Structure model' '_struct_conn.ptnr2_label_comp_id'            
31 5 'Structure model' '_struct_conn.ptnr2_label_seq_id'             
32 5 'Structure model' '_struct_conn.ptnr2_symmetry'                 
33 5 'Structure model' '_struct_ref_seq_dif.details'                 
34 5 'Structure model' '_struct_site.pdbx_auth_asym_id'              
35 5 'Structure model' '_struct_site.pdbx_auth_comp_id'              
36 5 'Structure model' '_struct_site.pdbx_auth_seq_id'               
# 
loop_
_software.name 
_software.classification 
_software.version 
_software.citation_id 
_software.pdbx_ordinal 
AMoRE     phasing          . ? 1 
SHELXL-97 refinement       . ? 2 
DENZO     'data reduction' . ? 3 
SCALEPACK 'data scaling'   . ? 4 
# 
_pdbx_validate_rmsd_bond.id                        1 
_pdbx_validate_rmsd_bond.PDB_model_num             1 
_pdbx_validate_rmsd_bond.auth_atom_id_1            CA 
_pdbx_validate_rmsd_bond.auth_asym_id_1            A 
_pdbx_validate_rmsd_bond.auth_comp_id_1            GLY 
_pdbx_validate_rmsd_bond.auth_seq_id_1             160 
_pdbx_validate_rmsd_bond.PDB_ins_code_1            ? 
_pdbx_validate_rmsd_bond.label_alt_id_1            ? 
_pdbx_validate_rmsd_bond.auth_atom_id_2            C 
_pdbx_validate_rmsd_bond.auth_asym_id_2            A 
_pdbx_validate_rmsd_bond.auth_comp_id_2            GLY 
_pdbx_validate_rmsd_bond.auth_seq_id_2             160 
_pdbx_validate_rmsd_bond.PDB_ins_code_2            ? 
_pdbx_validate_rmsd_bond.label_alt_id_2            ? 
_pdbx_validate_rmsd_bond.bond_value                1.415 
_pdbx_validate_rmsd_bond.bond_target_value         1.514 
_pdbx_validate_rmsd_bond.bond_deviation            -0.099 
_pdbx_validate_rmsd_bond.bond_standard_deviation   0.016 
_pdbx_validate_rmsd_bond.linker_flag               N 
# 
loop_
_pdbx_validate_rmsd_angle.id 
_pdbx_validate_rmsd_angle.PDB_model_num 
_pdbx_validate_rmsd_angle.auth_atom_id_1 
_pdbx_validate_rmsd_angle.auth_asym_id_1 
_pdbx_validate_rmsd_angle.auth_comp_id_1 
_pdbx_validate_rmsd_angle.auth_seq_id_1 
_pdbx_validate_rmsd_angle.PDB_ins_code_1 
_pdbx_validate_rmsd_angle.label_alt_id_1 
_pdbx_validate_rmsd_angle.auth_atom_id_2 
_pdbx_validate_rmsd_angle.auth_asym_id_2 
_pdbx_validate_rmsd_angle.auth_comp_id_2 
_pdbx_validate_rmsd_angle.auth_seq_id_2 
_pdbx_validate_rmsd_angle.PDB_ins_code_2 
_pdbx_validate_rmsd_angle.label_alt_id_2 
_pdbx_validate_rmsd_angle.auth_atom_id_3 
_pdbx_validate_rmsd_angle.auth_asym_id_3 
_pdbx_validate_rmsd_angle.auth_comp_id_3 
_pdbx_validate_rmsd_angle.auth_seq_id_3 
_pdbx_validate_rmsd_angle.PDB_ins_code_3 
_pdbx_validate_rmsd_angle.label_alt_id_3 
_pdbx_validate_rmsd_angle.angle_value 
_pdbx_validate_rmsd_angle.angle_target_value 
_pdbx_validate_rmsd_angle.angle_deviation 
_pdbx_validate_rmsd_angle.angle_standard_deviation 
_pdbx_validate_rmsd_angle.linker_flag 
1  1 NE A ARG 121 ? ? CZ A ARG 121 ? ? NH1 A ARG 121 ? ? 116.88 120.30 -3.42  0.50 N 
2  1 NE A ARG 149 ? ? CZ A ARG 149 ? ? NH1 A ARG 149 ? ? 115.25 120.30 -5.05  0.50 N 
3  1 O  A GLY 160 ? ? C  A GLY 160 ? ? N   A HIS 161 ? ? 105.66 122.70 -17.04 1.60 Y 
4  1 C  A GLY 160 ? ? N  A HIS 161 ? ? CA  A HIS 161 ? ? 89.76  121.70 -31.94 2.50 Y 
5  1 NE A ARG 191 ? ? CZ A ARG 191 ? ? NH1 A ARG 191 ? ? 123.62 120.30 3.32   0.50 N 
6  1 O  A THR 200 ? ? C  A THR 200 ? ? N   A LYS 201 ? ? 113.03 122.70 -9.67  1.60 Y 
7  1 NE A ARG 227 ? B CZ A ARG 227 ? B NH2 A ARG 227 ? B 115.49 120.30 -4.81  0.50 N 
8  1 CG A ARG 255 ? ? CD A ARG 255 ? ? NE  A ARG 255 ? ? 124.67 111.80 12.87  2.10 N 
9  1 CD A ARG 255 ? ? NE A ARG 255 ? ? CZ  A ARG 255 ? ? 137.80 123.60 14.20  1.40 N 
10 1 NE A ARG 255 ? ? CZ A ARG 255 ? ? NH2 A ARG 255 ? ? 125.30 120.30 5.00   0.50 N 
# 
loop_
_pdbx_validate_torsion.id 
_pdbx_validate_torsion.PDB_model_num 
_pdbx_validate_torsion.auth_comp_id 
_pdbx_validate_torsion.auth_asym_id 
_pdbx_validate_torsion.auth_seq_id 
_pdbx_validate_torsion.PDB_ins_code 
_pdbx_validate_torsion.label_alt_id 
_pdbx_validate_torsion.phi 
_pdbx_validate_torsion.psi 
1 1 ARG A 121 ? ? 51.69   71.03   
2 1 ASN A 202 ? ? 42.69   26.60   
3 1 THR A 214 ? ? -132.45 -153.66 
# 
_pdbx_validate_peptide_omega.id               1 
_pdbx_validate_peptide_omega.PDB_model_num    1 
_pdbx_validate_peptide_omega.auth_comp_id_1   GLY 
_pdbx_validate_peptide_omega.auth_asym_id_1   A 
_pdbx_validate_peptide_omega.auth_seq_id_1    160 
_pdbx_validate_peptide_omega.PDB_ins_code_1   ? 
_pdbx_validate_peptide_omega.label_alt_id_1   ? 
_pdbx_validate_peptide_omega.auth_comp_id_2   HIS 
_pdbx_validate_peptide_omega.auth_asym_id_2   A 
_pdbx_validate_peptide_omega.auth_seq_id_2    161 
_pdbx_validate_peptide_omega.PDB_ins_code_2   ? 
_pdbx_validate_peptide_omega.label_alt_id_2   ? 
_pdbx_validate_peptide_omega.omega            146.78 
# 
_pdbx_validate_main_chain_plane.id                       1 
_pdbx_validate_main_chain_plane.PDB_model_num            1 
_pdbx_validate_main_chain_plane.auth_comp_id             THR 
_pdbx_validate_main_chain_plane.auth_asym_id             A 
_pdbx_validate_main_chain_plane.auth_seq_id              200 
_pdbx_validate_main_chain_plane.PDB_ins_code             ? 
_pdbx_validate_main_chain_plane.label_alt_id             ? 
_pdbx_validate_main_chain_plane.improper_torsion_angle   22.27 
# 
loop_
_pdbx_unobs_or_zero_occ_residues.id 
_pdbx_unobs_or_zero_occ_residues.PDB_model_num 
_pdbx_unobs_or_zero_occ_residues.polymer_flag 
_pdbx_unobs_or_zero_occ_residues.occupancy_flag 
_pdbx_unobs_or_zero_occ_residues.auth_asym_id 
_pdbx_unobs_or_zero_occ_residues.auth_comp_id 
_pdbx_unobs_or_zero_occ_residues.auth_seq_id 
_pdbx_unobs_or_zero_occ_residues.PDB_ins_code 
_pdbx_unobs_or_zero_occ_residues.label_asym_id 
_pdbx_unobs_or_zero_occ_residues.label_comp_id 
_pdbx_unobs_or_zero_occ_residues.label_seq_id 
1  1 Y 1 A MET 91  ? A MET 1   
2  1 Y 1 A ILE 92  ? A ILE 2   
3  1 Y 1 A LEU 93  ? A LEU 3   
4  1 Y 1 A ARG 94  ? A ARG 4   
5  1 Y 1 A THR 95  ? A THR 5   
6  1 Y 1 A SER 96  ? A SER 6   
7  1 Y 1 A GLU 97  ? A GLU 7   
8  1 Y 1 A GLU 98  ? A GLU 8   
9  1 Y 1 A THR 99  ? A THR 9   
10 1 Y 1 A ILE 100 ? A ILE 10  
11 1 Y 1 A SER 101 ? A SER 11  
12 1 Y 1 A THR 102 ? A THR 12  
13 1 Y 1 A VAL 103 ? A VAL 13  
14 1 Y 1 A GLN 104 ? A GLN 14  
15 1 Y 1 A GLU 105 ? A GLU 15  
16 1 Y 1 A LYS 106 ? A LYS 16  
17 1 Y 1 A GLN 107 ? A GLN 17  
18 1 Y 1 A GLN 108 ? A GLN 18  
19 1 Y 1 A ASN 109 ? A ASN 19  
20 1 Y 1 A ILE 110 ? A ILE 20  
21 1 Y 1 A SER 111 ? A SER 21  
22 1 Y 1 A PRO 112 ? A PRO 22  
23 1 Y 1 A LEU 113 ? A LEU 23  
24 1 Y 1 A VAL 114 ? A VAL 24  
25 1 Y 1 A ARG 115 ? A ARG 25  
26 1 Y 1 A GLU 116 ? A GLU 26  
27 1 Y 1 A ARG 117 ? A ARG 27  
28 1 Y 1 A GLY 118 ? A GLY 28  
29 1 Y 1 A PRO 119 ? A PRO 29  
30 1 Y 1 A GLY 131 ? A GLY 41  
31 1 Y 1 A ARG 132 ? A ARG 42  
32 1 Y 1 A SER 133 ? A SER 43  
33 1 Y 1 A ASN 134 ? A ASN 44  
34 1 Y 1 A THR 135 ? A THR 45  
35 1 Y 1 A LEU 136 ? A LEU 46  
36 1 Y 1 A SER 137 ? A SER 47  
37 1 Y 1 A SER 138 ? A SER 48  
38 1 Y 1 A PRO 139 ? A PRO 49  
39 1 Y 1 A ASN 140 ? A ASN 50  
40 1 Y 1 A SER 141 ? A SER 51  
41 1 Y 1 A GLU 195 ? A GLU 105 
42 1 Y 1 A ILE 196 ? A ILE 106 
# 
loop_
_chem_comp_atom.comp_id 
_chem_comp_atom.atom_id 
_chem_comp_atom.type_symbol 
_chem_comp_atom.pdbx_aromatic_flag 
_chem_comp_atom.pdbx_stereo_config 
_chem_comp_atom.pdbx_ordinal 
ALA N    N  N N 1   
ALA CA   C  N S 2   
ALA C    C  N N 3   
ALA O    O  N N 4   
ALA CB   C  N N 5   
ALA OXT  O  N N 6   
ALA H    H  N N 7   
ALA H2   H  N N 8   
ALA HA   H  N N 9   
ALA HB1  H  N N 10  
ALA HB2  H  N N 11  
ALA HB3  H  N N 12  
ALA HXT  H  N N 13  
ARG N    N  N N 14  
ARG CA   C  N S 15  
ARG C    C  N N 16  
ARG O    O  N N 17  
ARG CB   C  N N 18  
ARG CG   C  N N 19  
ARG CD   C  N N 20  
ARG NE   N  N N 21  
ARG CZ   C  N N 22  
ARG NH1  N  N N 23  
ARG NH2  N  N N 24  
ARG OXT  O  N N 25  
ARG H    H  N N 26  
ARG H2   H  N N 27  
ARG HA   H  N N 28  
ARG HB2  H  N N 29  
ARG HB3  H  N N 30  
ARG HG2  H  N N 31  
ARG HG3  H  N N 32  
ARG HD2  H  N N 33  
ARG HD3  H  N N 34  
ARG HE   H  N N 35  
ARG HH11 H  N N 36  
ARG HH12 H  N N 37  
ARG HH21 H  N N 38  
ARG HH22 H  N N 39  
ARG HXT  H  N N 40  
ASN N    N  N N 41  
ASN CA   C  N S 42  
ASN C    C  N N 43  
ASN O    O  N N 44  
ASN CB   C  N N 45  
ASN CG   C  N N 46  
ASN OD1  O  N N 47  
ASN ND2  N  N N 48  
ASN OXT  O  N N 49  
ASN H    H  N N 50  
ASN H2   H  N N 51  
ASN HA   H  N N 52  
ASN HB2  H  N N 53  
ASN HB3  H  N N 54  
ASN HD21 H  N N 55  
ASN HD22 H  N N 56  
ASN HXT  H  N N 57  
ASP N    N  N N 58  
ASP CA   C  N S 59  
ASP C    C  N N 60  
ASP O    O  N N 61  
ASP CB   C  N N 62  
ASP CG   C  N N 63  
ASP OD1  O  N N 64  
ASP OD2  O  N N 65  
ASP OXT  O  N N 66  
ASP H    H  N N 67  
ASP H2   H  N N 68  
ASP HA   H  N N 69  
ASP HB2  H  N N 70  
ASP HB3  H  N N 71  
ASP HD2  H  N N 72  
ASP HXT  H  N N 73  
CL  CL   CL N N 74  
CYS N    N  N N 75  
CYS CA   C  N R 76  
CYS C    C  N N 77  
CYS O    O  N N 78  
CYS CB   C  N N 79  
CYS SG   S  N N 80  
CYS OXT  O  N N 81  
CYS H    H  N N 82  
CYS H2   H  N N 83  
CYS HA   H  N N 84  
CYS HB2  H  N N 85  
CYS HB3  H  N N 86  
CYS HG   H  N N 87  
CYS HXT  H  N N 88  
GLN N    N  N N 89  
GLN CA   C  N S 90  
GLN C    C  N N 91  
GLN O    O  N N 92  
GLN CB   C  N N 93  
GLN CG   C  N N 94  
GLN CD   C  N N 95  
GLN OE1  O  N N 96  
GLN NE2  N  N N 97  
GLN OXT  O  N N 98  
GLN H    H  N N 99  
GLN H2   H  N N 100 
GLN HA   H  N N 101 
GLN HB2  H  N N 102 
GLN HB3  H  N N 103 
GLN HG2  H  N N 104 
GLN HG3  H  N N 105 
GLN HE21 H  N N 106 
GLN HE22 H  N N 107 
GLN HXT  H  N N 108 
GLU N    N  N N 109 
GLU CA   C  N S 110 
GLU C    C  N N 111 
GLU O    O  N N 112 
GLU CB   C  N N 113 
GLU CG   C  N N 114 
GLU CD   C  N N 115 
GLU OE1  O  N N 116 
GLU OE2  O  N N 117 
GLU OXT  O  N N 118 
GLU H    H  N N 119 
GLU H2   H  N N 120 
GLU HA   H  N N 121 
GLU HB2  H  N N 122 
GLU HB3  H  N N 123 
GLU HG2  H  N N 124 
GLU HG3  H  N N 125 
GLU HE2  H  N N 126 
GLU HXT  H  N N 127 
GLY N    N  N N 128 
GLY CA   C  N N 129 
GLY C    C  N N 130 
GLY O    O  N N 131 
GLY OXT  O  N N 132 
GLY H    H  N N 133 
GLY H2   H  N N 134 
GLY HA2  H  N N 135 
GLY HA3  H  N N 136 
GLY HXT  H  N N 137 
HIS N    N  N N 138 
HIS CA   C  N S 139 
HIS C    C  N N 140 
HIS O    O  N N 141 
HIS CB   C  N N 142 
HIS CG   C  Y N 143 
HIS ND1  N  Y N 144 
HIS CD2  C  Y N 145 
HIS CE1  C  Y N 146 
HIS NE2  N  Y N 147 
HIS OXT  O  N N 148 
HIS H    H  N N 149 
HIS H2   H  N N 150 
HIS HA   H  N N 151 
HIS HB2  H  N N 152 
HIS HB3  H  N N 153 
HIS HD1  H  N N 154 
HIS HD2  H  N N 155 
HIS HE1  H  N N 156 
HIS HE2  H  N N 157 
HIS HXT  H  N N 158 
HOH O    O  N N 159 
HOH H1   H  N N 160 
HOH H2   H  N N 161 
ILE N    N  N N 162 
ILE CA   C  N S 163 
ILE C    C  N N 164 
ILE O    O  N N 165 
ILE CB   C  N S 166 
ILE CG1  C  N N 167 
ILE CG2  C  N N 168 
ILE CD1  C  N N 169 
ILE OXT  O  N N 170 
ILE H    H  N N 171 
ILE H2   H  N N 172 
ILE HA   H  N N 173 
ILE HB   H  N N 174 
ILE HG12 H  N N 175 
ILE HG13 H  N N 176 
ILE HG21 H  N N 177 
ILE HG22 H  N N 178 
ILE HG23 H  N N 179 
ILE HD11 H  N N 180 
ILE HD12 H  N N 181 
ILE HD13 H  N N 182 
ILE HXT  H  N N 183 
LEU N    N  N N 184 
LEU CA   C  N S 185 
LEU C    C  N N 186 
LEU O    O  N N 187 
LEU CB   C  N N 188 
LEU CG   C  N N 189 
LEU CD1  C  N N 190 
LEU CD2  C  N N 191 
LEU OXT  O  N N 192 
LEU H    H  N N 193 
LEU H2   H  N N 194 
LEU HA   H  N N 195 
LEU HB2  H  N N 196 
LEU HB3  H  N N 197 
LEU HG   H  N N 198 
LEU HD11 H  N N 199 
LEU HD12 H  N N 200 
LEU HD13 H  N N 201 
LEU HD21 H  N N 202 
LEU HD22 H  N N 203 
LEU HD23 H  N N 204 
LEU HXT  H  N N 205 
LYS N    N  N N 206 
LYS CA   C  N S 207 
LYS C    C  N N 208 
LYS O    O  N N 209 
LYS CB   C  N N 210 
LYS CG   C  N N 211 
LYS CD   C  N N 212 
LYS CE   C  N N 213 
LYS NZ   N  N N 214 
LYS OXT  O  N N 215 
LYS H    H  N N 216 
LYS H2   H  N N 217 
LYS HA   H  N N 218 
LYS HB2  H  N N 219 
LYS HB3  H  N N 220 
LYS HG2  H  N N 221 
LYS HG3  H  N N 222 
LYS HD2  H  N N 223 
LYS HD3  H  N N 224 
LYS HE2  H  N N 225 
LYS HE3  H  N N 226 
LYS HZ1  H  N N 227 
LYS HZ2  H  N N 228 
LYS HZ3  H  N N 229 
LYS HXT  H  N N 230 
MET N    N  N N 231 
MET CA   C  N S 232 
MET C    C  N N 233 
MET O    O  N N 234 
MET CB   C  N N 235 
MET CG   C  N N 236 
MET SD   S  N N 237 
MET CE   C  N N 238 
MET OXT  O  N N 239 
MET H    H  N N 240 
MET H2   H  N N 241 
MET HA   H  N N 242 
MET HB2  H  N N 243 
MET HB3  H  N N 244 
MET HG2  H  N N 245 
MET HG3  H  N N 246 
MET HE1  H  N N 247 
MET HE2  H  N N 248 
MET HE3  H  N N 249 
MET HXT  H  N N 250 
PHE N    N  N N 251 
PHE CA   C  N S 252 
PHE C    C  N N 253 
PHE O    O  N N 254 
PHE CB   C  N N 255 
PHE CG   C  Y N 256 
PHE CD1  C  Y N 257 
PHE CD2  C  Y N 258 
PHE CE1  C  Y N 259 
PHE CE2  C  Y N 260 
PHE CZ   C  Y N 261 
PHE OXT  O  N N 262 
PHE H    H  N N 263 
PHE H2   H  N N 264 
PHE HA   H  N N 265 
PHE HB2  H  N N 266 
PHE HB3  H  N N 267 
PHE HD1  H  N N 268 
PHE HD2  H  N N 269 
PHE HE1  H  N N 270 
PHE HE2  H  N N 271 
PHE HZ   H  N N 272 
PHE HXT  H  N N 273 
PRO N    N  N N 274 
PRO CA   C  N S 275 
PRO C    C  N N 276 
PRO O    O  N N 277 
PRO CB   C  N N 278 
PRO CG   C  N N 279 
PRO CD   C  N N 280 
PRO OXT  O  N N 281 
PRO H    H  N N 282 
PRO HA   H  N N 283 
PRO HB2  H  N N 284 
PRO HB3  H  N N 285 
PRO HG2  H  N N 286 
PRO HG3  H  N N 287 
PRO HD2  H  N N 288 
PRO HD3  H  N N 289 
PRO HXT  H  N N 290 
SER N    N  N N 291 
SER CA   C  N S 292 
SER C    C  N N 293 
SER O    O  N N 294 
SER CB   C  N N 295 
SER OG   O  N N 296 
SER OXT  O  N N 297 
SER H    H  N N 298 
SER H2   H  N N 299 
SER HA   H  N N 300 
SER HB2  H  N N 301 
SER HB3  H  N N 302 
SER HG   H  N N 303 
SER HXT  H  N N 304 
THR N    N  N N 305 
THR CA   C  N S 306 
THR C    C  N N 307 
THR O    O  N N 308 
THR CB   C  N R 309 
THR OG1  O  N N 310 
THR CG2  C  N N 311 
THR OXT  O  N N 312 
THR H    H  N N 313 
THR H2   H  N N 314 
THR HA   H  N N 315 
THR HB   H  N N 316 
THR HG1  H  N N 317 
THR HG21 H  N N 318 
THR HG22 H  N N 319 
THR HG23 H  N N 320 
THR HXT  H  N N 321 
TRP N    N  N N 322 
TRP CA   C  N S 323 
TRP C    C  N N 324 
TRP O    O  N N 325 
TRP CB   C  N N 326 
TRP CG   C  Y N 327 
TRP CD1  C  Y N 328 
TRP CD2  C  Y N 329 
TRP NE1  N  Y N 330 
TRP CE2  C  Y N 331 
TRP CE3  C  Y N 332 
TRP CZ2  C  Y N 333 
TRP CZ3  C  Y N 334 
TRP CH2  C  Y N 335 
TRP OXT  O  N N 336 
TRP H    H  N N 337 
TRP H2   H  N N 338 
TRP HA   H  N N 339 
TRP HB2  H  N N 340 
TRP HB3  H  N N 341 
TRP HD1  H  N N 342 
TRP HE1  H  N N 343 
TRP HE3  H  N N 344 
TRP HZ2  H  N N 345 
TRP HZ3  H  N N 346 
TRP HH2  H  N N 347 
TRP HXT  H  N N 348 
TYR N    N  N N 349 
TYR CA   C  N S 350 
TYR C    C  N N 351 
TYR O    O  N N 352 
TYR CB   C  N N 353 
TYR CG   C  Y N 354 
TYR CD1  C  Y N 355 
TYR CD2  C  Y N 356 
TYR CE1  C  Y N 357 
TYR CE2  C  Y N 358 
TYR CZ   C  Y N 359 
TYR OH   O  N N 360 
TYR OXT  O  N N 361 
TYR H    H  N N 362 
TYR H2   H  N N 363 
TYR HA   H  N N 364 
TYR HB2  H  N N 365 
TYR HB3  H  N N 366 
TYR HD1  H  N N 367 
TYR HD2  H  N N 368 
TYR HE1  H  N N 369 
TYR HE2  H  N N 370 
TYR HH   H  N N 371 
TYR HXT  H  N N 372 
VAL N    N  N N 373 
VAL CA   C  N S 374 
VAL C    C  N N 375 
VAL O    O  N N 376 
VAL CB   C  N N 377 
VAL CG1  C  N N 378 
VAL CG2  C  N N 379 
VAL OXT  O  N N 380 
VAL H    H  N N 381 
VAL H2   H  N N 382 
VAL HA   H  N N 383 
VAL HB   H  N N 384 
VAL HG11 H  N N 385 
VAL HG12 H  N N 386 
VAL HG13 H  N N 387 
VAL HG21 H  N N 388 
VAL HG22 H  N N 389 
VAL HG23 H  N N 390 
VAL HXT  H  N N 391 
ZN  ZN   ZN N N 392 
# 
loop_
_chem_comp_bond.comp_id 
_chem_comp_bond.atom_id_1 
_chem_comp_bond.atom_id_2 
_chem_comp_bond.value_order 
_chem_comp_bond.pdbx_aromatic_flag 
_chem_comp_bond.pdbx_stereo_config 
_chem_comp_bond.pdbx_ordinal 
ALA N   CA   sing N N 1   
ALA N   H    sing N N 2   
ALA N   H2   sing N N 3   
ALA CA  C    sing N N 4   
ALA CA  CB   sing N N 5   
ALA CA  HA   sing N N 6   
ALA C   O    doub N N 7   
ALA C   OXT  sing N N 8   
ALA CB  HB1  sing N N 9   
ALA CB  HB2  sing N N 10  
ALA CB  HB3  sing N N 11  
ALA OXT HXT  sing N N 12  
ARG N   CA   sing N N 13  
ARG N   H    sing N N 14  
ARG N   H2   sing N N 15  
ARG CA  C    sing N N 16  
ARG CA  CB   sing N N 17  
ARG CA  HA   sing N N 18  
ARG C   O    doub N N 19  
ARG C   OXT  sing N N 20  
ARG CB  CG   sing N N 21  
ARG CB  HB2  sing N N 22  
ARG CB  HB3  sing N N 23  
ARG CG  CD   sing N N 24  
ARG CG  HG2  sing N N 25  
ARG CG  HG3  sing N N 26  
ARG CD  NE   sing N N 27  
ARG CD  HD2  sing N N 28  
ARG CD  HD3  sing N N 29  
ARG NE  CZ   sing N N 30  
ARG NE  HE   sing N N 31  
ARG CZ  NH1  sing N N 32  
ARG CZ  NH2  doub N N 33  
ARG NH1 HH11 sing N N 34  
ARG NH1 HH12 sing N N 35  
ARG NH2 HH21 sing N N 36  
ARG NH2 HH22 sing N N 37  
ARG OXT HXT  sing N N 38  
ASN N   CA   sing N N 39  
ASN N   H    sing N N 40  
ASN N   H2   sing N N 41  
ASN CA  C    sing N N 42  
ASN CA  CB   sing N N 43  
ASN CA  HA   sing N N 44  
ASN C   O    doub N N 45  
ASN C   OXT  sing N N 46  
ASN CB  CG   sing N N 47  
ASN CB  HB2  sing N N 48  
ASN CB  HB3  sing N N 49  
ASN CG  OD1  doub N N 50  
ASN CG  ND2  sing N N 51  
ASN ND2 HD21 sing N N 52  
ASN ND2 HD22 sing N N 53  
ASN OXT HXT  sing N N 54  
ASP N   CA   sing N N 55  
ASP N   H    sing N N 56  
ASP N   H2   sing N N 57  
ASP CA  C    sing N N 58  
ASP CA  CB   sing N N 59  
ASP CA  HA   sing N N 60  
ASP C   O    doub N N 61  
ASP C   OXT  sing N N 62  
ASP CB  CG   sing N N 63  
ASP CB  HB2  sing N N 64  
ASP CB  HB3  sing N N 65  
ASP CG  OD1  doub N N 66  
ASP CG  OD2  sing N N 67  
ASP OD2 HD2  sing N N 68  
ASP OXT HXT  sing N N 69  
CYS N   CA   sing N N 70  
CYS N   H    sing N N 71  
CYS N   H2   sing N N 72  
CYS CA  C    sing N N 73  
CYS CA  CB   sing N N 74  
CYS CA  HA   sing N N 75  
CYS C   O    doub N N 76  
CYS C   OXT  sing N N 77  
CYS CB  SG   sing N N 78  
CYS CB  HB2  sing N N 79  
CYS CB  HB3  sing N N 80  
CYS SG  HG   sing N N 81  
CYS OXT HXT  sing N N 82  
GLN N   CA   sing N N 83  
GLN N   H    sing N N 84  
GLN N   H2   sing N N 85  
GLN CA  C    sing N N 86  
GLN CA  CB   sing N N 87  
GLN CA  HA   sing N N 88  
GLN C   O    doub N N 89  
GLN C   OXT  sing N N 90  
GLN CB  CG   sing N N 91  
GLN CB  HB2  sing N N 92  
GLN CB  HB3  sing N N 93  
GLN CG  CD   sing N N 94  
GLN CG  HG2  sing N N 95  
GLN CG  HG3  sing N N 96  
GLN CD  OE1  doub N N 97  
GLN CD  NE2  sing N N 98  
GLN NE2 HE21 sing N N 99  
GLN NE2 HE22 sing N N 100 
GLN OXT HXT  sing N N 101 
GLU N   CA   sing N N 102 
GLU N   H    sing N N 103 
GLU N   H2   sing N N 104 
GLU CA  C    sing N N 105 
GLU CA  CB   sing N N 106 
GLU CA  HA   sing N N 107 
GLU C   O    doub N N 108 
GLU C   OXT  sing N N 109 
GLU CB  CG   sing N N 110 
GLU CB  HB2  sing N N 111 
GLU CB  HB3  sing N N 112 
GLU CG  CD   sing N N 113 
GLU CG  HG2  sing N N 114 
GLU CG  HG3  sing N N 115 
GLU CD  OE1  doub N N 116 
GLU CD  OE2  sing N N 117 
GLU OE2 HE2  sing N N 118 
GLU OXT HXT  sing N N 119 
GLY N   CA   sing N N 120 
GLY N   H    sing N N 121 
GLY N   H2   sing N N 122 
GLY CA  C    sing N N 123 
GLY CA  HA2  sing N N 124 
GLY CA  HA3  sing N N 125 
GLY C   O    doub N N 126 
GLY C   OXT  sing N N 127 
GLY OXT HXT  sing N N 128 
HIS N   CA   sing N N 129 
HIS N   H    sing N N 130 
HIS N   H2   sing N N 131 
HIS CA  C    sing N N 132 
HIS CA  CB   sing N N 133 
HIS CA  HA   sing N N 134 
HIS C   O    doub N N 135 
HIS C   OXT  sing N N 136 
HIS CB  CG   sing N N 137 
HIS CB  HB2  sing N N 138 
HIS CB  HB3  sing N N 139 
HIS CG  ND1  sing Y N 140 
HIS CG  CD2  doub Y N 141 
HIS ND1 CE1  doub Y N 142 
HIS ND1 HD1  sing N N 143 
HIS CD2 NE2  sing Y N 144 
HIS CD2 HD2  sing N N 145 
HIS CE1 NE2  sing Y N 146 
HIS CE1 HE1  sing N N 147 
HIS NE2 HE2  sing N N 148 
HIS OXT HXT  sing N N 149 
HOH O   H1   sing N N 150 
HOH O   H2   sing N N 151 
ILE N   CA   sing N N 152 
ILE N   H    sing N N 153 
ILE N   H2   sing N N 154 
ILE CA  C    sing N N 155 
ILE CA  CB   sing N N 156 
ILE CA  HA   sing N N 157 
ILE C   O    doub N N 158 
ILE C   OXT  sing N N 159 
ILE CB  CG1  sing N N 160 
ILE CB  CG2  sing N N 161 
ILE CB  HB   sing N N 162 
ILE CG1 CD1  sing N N 163 
ILE CG1 HG12 sing N N 164 
ILE CG1 HG13 sing N N 165 
ILE CG2 HG21 sing N N 166 
ILE CG2 HG22 sing N N 167 
ILE CG2 HG23 sing N N 168 
ILE CD1 HD11 sing N N 169 
ILE CD1 HD12 sing N N 170 
ILE CD1 HD13 sing N N 171 
ILE OXT HXT  sing N N 172 
LEU N   CA   sing N N 173 
LEU N   H    sing N N 174 
LEU N   H2   sing N N 175 
LEU CA  C    sing N N 176 
LEU CA  CB   sing N N 177 
LEU CA  HA   sing N N 178 
LEU C   O    doub N N 179 
LEU C   OXT  sing N N 180 
LEU CB  CG   sing N N 181 
LEU CB  HB2  sing N N 182 
LEU CB  HB3  sing N N 183 
LEU CG  CD1  sing N N 184 
LEU CG  CD2  sing N N 185 
LEU CG  HG   sing N N 186 
LEU CD1 HD11 sing N N 187 
LEU CD1 HD12 sing N N 188 
LEU CD1 HD13 sing N N 189 
LEU CD2 HD21 sing N N 190 
LEU CD2 HD22 sing N N 191 
LEU CD2 HD23 sing N N 192 
LEU OXT HXT  sing N N 193 
LYS N   CA   sing N N 194 
LYS N   H    sing N N 195 
LYS N   H2   sing N N 196 
LYS CA  C    sing N N 197 
LYS CA  CB   sing N N 198 
LYS CA  HA   sing N N 199 
LYS C   O    doub N N 200 
LYS C   OXT  sing N N 201 
LYS CB  CG   sing N N 202 
LYS CB  HB2  sing N N 203 
LYS CB  HB3  sing N N 204 
LYS CG  CD   sing N N 205 
LYS CG  HG2  sing N N 206 
LYS CG  HG3  sing N N 207 
LYS CD  CE   sing N N 208 
LYS CD  HD2  sing N N 209 
LYS CD  HD3  sing N N 210 
LYS CE  NZ   sing N N 211 
LYS CE  HE2  sing N N 212 
LYS CE  HE3  sing N N 213 
LYS NZ  HZ1  sing N N 214 
LYS NZ  HZ2  sing N N 215 
LYS NZ  HZ3  sing N N 216 
LYS OXT HXT  sing N N 217 
MET N   CA   sing N N 218 
MET N   H    sing N N 219 
MET N   H2   sing N N 220 
MET CA  C    sing N N 221 
MET CA  CB   sing N N 222 
MET CA  HA   sing N N 223 
MET C   O    doub N N 224 
MET C   OXT  sing N N 225 
MET CB  CG   sing N N 226 
MET CB  HB2  sing N N 227 
MET CB  HB3  sing N N 228 
MET CG  SD   sing N N 229 
MET CG  HG2  sing N N 230 
MET CG  HG3  sing N N 231 
MET SD  CE   sing N N 232 
MET CE  HE1  sing N N 233 
MET CE  HE2  sing N N 234 
MET CE  HE3  sing N N 235 
MET OXT HXT  sing N N 236 
PHE N   CA   sing N N 237 
PHE N   H    sing N N 238 
PHE N   H2   sing N N 239 
PHE CA  C    sing N N 240 
PHE CA  CB   sing N N 241 
PHE CA  HA   sing N N 242 
PHE C   O    doub N N 243 
PHE C   OXT  sing N N 244 
PHE CB  CG   sing N N 245 
PHE CB  HB2  sing N N 246 
PHE CB  HB3  sing N N 247 
PHE CG  CD1  doub Y N 248 
PHE CG  CD2  sing Y N 249 
PHE CD1 CE1  sing Y N 250 
PHE CD1 HD1  sing N N 251 
PHE CD2 CE2  doub Y N 252 
PHE CD2 HD2  sing N N 253 
PHE CE1 CZ   doub Y N 254 
PHE CE1 HE1  sing N N 255 
PHE CE2 CZ   sing Y N 256 
PHE CE2 HE2  sing N N 257 
PHE CZ  HZ   sing N N 258 
PHE OXT HXT  sing N N 259 
PRO N   CA   sing N N 260 
PRO N   CD   sing N N 261 
PRO N   H    sing N N 262 
PRO CA  C    sing N N 263 
PRO CA  CB   sing N N 264 
PRO CA  HA   sing N N 265 
PRO C   O    doub N N 266 
PRO C   OXT  sing N N 267 
PRO CB  CG   sing N N 268 
PRO CB  HB2  sing N N 269 
PRO CB  HB3  sing N N 270 
PRO CG  CD   sing N N 271 
PRO CG  HG2  sing N N 272 
PRO CG  HG3  sing N N 273 
PRO CD  HD2  sing N N 274 
PRO CD  HD3  sing N N 275 
PRO OXT HXT  sing N N 276 
SER N   CA   sing N N 277 
SER N   H    sing N N 278 
SER N   H2   sing N N 279 
SER CA  C    sing N N 280 
SER CA  CB   sing N N 281 
SER CA  HA   sing N N 282 
SER C   O    doub N N 283 
SER C   OXT  sing N N 284 
SER CB  OG   sing N N 285 
SER CB  HB2  sing N N 286 
SER CB  HB3  sing N N 287 
SER OG  HG   sing N N 288 
SER OXT HXT  sing N N 289 
THR N   CA   sing N N 290 
THR N   H    sing N N 291 
THR N   H2   sing N N 292 
THR CA  C    sing N N 293 
THR CA  CB   sing N N 294 
THR CA  HA   sing N N 295 
THR C   O    doub N N 296 
THR C   OXT  sing N N 297 
THR CB  OG1  sing N N 298 
THR CB  CG2  sing N N 299 
THR CB  HB   sing N N 300 
THR OG1 HG1  sing N N 301 
THR CG2 HG21 sing N N 302 
THR CG2 HG22 sing N N 303 
THR CG2 HG23 sing N N 304 
THR OXT HXT  sing N N 305 
TRP N   CA   sing N N 306 
TRP N   H    sing N N 307 
TRP N   H2   sing N N 308 
TRP CA  C    sing N N 309 
TRP CA  CB   sing N N 310 
TRP CA  HA   sing N N 311 
TRP C   O    doub N N 312 
TRP C   OXT  sing N N 313 
TRP CB  CG   sing N N 314 
TRP CB  HB2  sing N N 315 
TRP CB  HB3  sing N N 316 
TRP CG  CD1  doub Y N 317 
TRP CG  CD2  sing Y N 318 
TRP CD1 NE1  sing Y N 319 
TRP CD1 HD1  sing N N 320 
TRP CD2 CE2  doub Y N 321 
TRP CD2 CE3  sing Y N 322 
TRP NE1 CE2  sing Y N 323 
TRP NE1 HE1  sing N N 324 
TRP CE2 CZ2  sing Y N 325 
TRP CE3 CZ3  doub Y N 326 
TRP CE3 HE3  sing N N 327 
TRP CZ2 CH2  doub Y N 328 
TRP CZ2 HZ2  sing N N 329 
TRP CZ3 CH2  sing Y N 330 
TRP CZ3 HZ3  sing N N 331 
TRP CH2 HH2  sing N N 332 
TRP OXT HXT  sing N N 333 
TYR N   CA   sing N N 334 
TYR N   H    sing N N 335 
TYR N   H2   sing N N 336 
TYR CA  C    sing N N 337 
TYR CA  CB   sing N N 338 
TYR CA  HA   sing N N 339 
TYR C   O    doub N N 340 
TYR C   OXT  sing N N 341 
TYR CB  CG   sing N N 342 
TYR CB  HB2  sing N N 343 
TYR CB  HB3  sing N N 344 
TYR CG  CD1  doub Y N 345 
TYR CG  CD2  sing Y N 346 
TYR CD1 CE1  sing Y N 347 
TYR CD1 HD1  sing N N 348 
TYR CD2 CE2  doub Y N 349 
TYR CD2 HD2  sing N N 350 
TYR CE1 CZ   doub Y N 351 
TYR CE1 HE1  sing N N 352 
TYR CE2 CZ   sing Y N 353 
TYR CE2 HE2  sing N N 354 
TYR CZ  OH   sing N N 355 
TYR OH  HH   sing N N 356 
TYR OXT HXT  sing N N 357 
VAL N   CA   sing N N 358 
VAL N   H    sing N N 359 
VAL N   H2   sing N N 360 
VAL CA  C    sing N N 361 
VAL CA  CB   sing N N 362 
VAL CA  HA   sing N N 363 
VAL C   O    doub N N 364 
VAL C   OXT  sing N N 365 
VAL CB  CG1  sing N N 366 
VAL CB  CG2  sing N N 367 
VAL CB  HB   sing N N 368 
VAL CG1 HG11 sing N N 369 
VAL CG1 HG12 sing N N 370 
VAL CG1 HG13 sing N N 371 
VAL CG2 HG21 sing N N 372 
VAL CG2 HG22 sing N N 373 
VAL CG2 HG23 sing N N 374 
VAL OXT HXT  sing N N 375 
# 
loop_
_pdbx_entity_nonpoly.entity_id 
_pdbx_entity_nonpoly.name 
_pdbx_entity_nonpoly.comp_id 
2 'ZINC ION'     ZN  
3 'CHLORIDE ION' CL  
4 water          HOH 
# 
_pdbx_initial_refinement_model.id               1 
_pdbx_initial_refinement_model.entity_id_list   ? 
_pdbx_initial_refinement_model.type             'experimental model' 
_pdbx_initial_refinement_model.source_name      PDB 
_pdbx_initial_refinement_model.accession_code   1TNF 
_pdbx_initial_refinement_model.details          'truncated model of tnfa pdb code 1tnf' 
# 
